data_2O6W
# 
_entry.id   2O6W 
# 
_audit_conform.dict_name       mmcif_pdbx.dic 
_audit_conform.dict_version    5.398 
_audit_conform.dict_location   http://mmcif.pdb.org/dictionaries/ascii/mmcif_pdbx.dic 
# 
loop_
_database_2.database_id 
_database_2.database_code 
_database_2.pdbx_database_accession 
_database_2.pdbx_DOI 
PDB   2O6W         pdb_00002o6w 10.2210/pdb2o6w/pdb 
RCSB  RCSB040762   ?            ?                   
WWPDB D_1000040762 ?            ?                   
# 
loop_
_pdbx_audit_revision_history.ordinal 
_pdbx_audit_revision_history.data_content_type 
_pdbx_audit_revision_history.major_revision 
_pdbx_audit_revision_history.minor_revision 
_pdbx_audit_revision_history.revision_date 
1 'Structure model' 1 0 2007-12-18 
2 'Structure model' 1 1 2011-07-13 
3 'Structure model' 1 2 2023-12-27 
4 'Structure model' 1 3 2024-11-06 
# 
_pdbx_audit_revision_details.ordinal             1 
_pdbx_audit_revision_details.revision_ordinal    1 
_pdbx_audit_revision_details.data_content_type   'Structure model' 
_pdbx_audit_revision_details.provider            repository 
_pdbx_audit_revision_details.type                'Initial release' 
_pdbx_audit_revision_details.description         ? 
_pdbx_audit_revision_details.details             ? 
# 
loop_
_pdbx_audit_revision_group.ordinal 
_pdbx_audit_revision_group.revision_ordinal 
_pdbx_audit_revision_group.data_content_type 
_pdbx_audit_revision_group.group 
1 2 'Structure model' 'Version format compliance' 
2 3 'Structure model' 'Data collection'           
3 3 'Structure model' 'Database references'       
4 3 'Structure model' 'Derived calculations'      
5 4 'Structure model' 'Structure summary'         
# 
loop_
_pdbx_audit_revision_category.ordinal 
_pdbx_audit_revision_category.revision_ordinal 
_pdbx_audit_revision_category.data_content_type 
_pdbx_audit_revision_category.category 
1 3 'Structure model' chem_comp_atom            
2 3 'Structure model' chem_comp_bond            
3 3 'Structure model' database_2                
4 3 'Structure model' struct_conn               
5 3 'Structure model' struct_site               
6 4 'Structure model' pdbx_entry_details        
7 4 'Structure model' pdbx_modification_feature 
# 
loop_
_pdbx_audit_revision_item.ordinal 
_pdbx_audit_revision_item.revision_ordinal 
_pdbx_audit_revision_item.data_content_type 
_pdbx_audit_revision_item.item 
1 3 'Structure model' '_database_2.pdbx_DOI'                
2 3 'Structure model' '_database_2.pdbx_database_accession' 
3 3 'Structure model' '_struct_conn.pdbx_leaving_atom_flag' 
4 3 'Structure model' '_struct_site.pdbx_auth_asym_id'      
5 3 'Structure model' '_struct_site.pdbx_auth_comp_id'      
6 3 'Structure model' '_struct_site.pdbx_auth_seq_id'       
# 
_pdbx_database_status.status_code                     REL 
_pdbx_database_status.entry_id                        2O6W 
_pdbx_database_status.recvd_initial_deposition_date   2006-12-08 
_pdbx_database_status.deposit_site                    RCSB 
_pdbx_database_status.process_site                    RCSB 
_pdbx_database_status.status_code_sf                  REL 
_pdbx_database_status.status_code_mr                  ? 
_pdbx_database_status.SG_entry                        ? 
_pdbx_database_status.pdb_format_compatible           Y 
_pdbx_database_status.status_code_cs                  ? 
_pdbx_database_status.status_code_nmr_data            ? 
_pdbx_database_status.methods_development_category    ? 
# 
loop_
_audit_author.name 
_audit_author.pdbx_ordinal 
'Kennedy, M.A.' 1 
'Buchko, G.W.'  2 
'Ni, S.'        3 
'Robinson, H.'  4 
'Pakrasi, H.B.' 5 
# 
_citation.id                        primary 
_citation.title                     
'Insights into the structural variation between pentapeptide repeat proteins-Crystal structure of Rfr23 from Cyanothece 51142.' 
_citation.journal_abbrev            J.Struct.Biol. 
_citation.journal_volume            162 
_citation.page_first                184 
_citation.page_last                 192 
_citation.year                      2008 
_citation.journal_id_ASTM           JSBIEM 
_citation.country                   US 
_citation.journal_id_ISSN           1047-8477 
_citation.journal_id_CSD            0803 
_citation.book_publisher            ? 
_citation.pdbx_database_id_PubMed   18158251 
_citation.pdbx_database_id_DOI      10.1016/j.jsb.2007.11.008 
# 
loop_
_citation_author.citation_id 
_citation_author.name 
_citation_author.ordinal 
_citation_author.identifier_ORCID 
primary 'Buchko, G.W.'  1 ? 
primary 'Robinson, H.'  2 ? 
primary 'Pakrasi, H.B.' 3 ? 
primary 'Kennedy, M.A.' 4 ? 
# 
loop_
_entity.id 
_entity.type 
_entity.src_method 
_entity.pdbx_description 
_entity.formula_weight 
_entity.pdbx_number_of_molecules 
_entity.pdbx_ec 
_entity.pdbx_mutation 
_entity.pdbx_fragment 
_entity.details 
1 polymer     man 'Repeat Five Residue (Rfr) protein or pentapeptide repeat protein' 16531.170 1  ? ? ? ? 
2 non-polymer syn ARSENIC                                                            74.922    1  ? ? ? ? 
3 water       nat water                                                              18.015    62 ? ? ? ? 
# 
_entity_poly.entity_id                      1 
_entity_poly.type                           'polypeptide(L)' 
_entity_poly.nstd_linkage                   no 
_entity_poly.nstd_monomer                   yes 
_entity_poly.pdbx_seq_one_letter_code       
;A(MSE)TNNLYRLELERECVGCNLEGVNLPRENFGLKYRIPRSSSPLVTTPFG(MSE)DKAKPVDLTRANLSNANLYQSD
LSSIILENAILVETNLSETDLENAILIGANLQGANLENANLQGANLENANLRGAILTGVNLEETHLKGIETDKNTVWD
;
_entity_poly.pdbx_seq_one_letter_code_can   
;AMTNNLYRLELERECVGCNLEGVNLPRENFGLKYRIPRSSSPLVTTPFGMDKAKPVDLTRANLSNANLYQSDLSSIILEN
AILVETNLSETDLENAILIGANLQGANLENANLQGANLENANLRGAILTGVNLEETHLKGIETDKNTVWD
;
_entity_poly.pdbx_strand_id                 A 
_entity_poly.pdbx_target_identifier         ? 
# 
loop_
_pdbx_entity_nonpoly.entity_id 
_pdbx_entity_nonpoly.name 
_pdbx_entity_nonpoly.comp_id 
2 ARSENIC ARS 
3 water   HOH 
# 
loop_
_entity_poly_seq.entity_id 
_entity_poly_seq.num 
_entity_poly_seq.mon_id 
_entity_poly_seq.hetero 
1 1   ALA n 
1 2   MSE n 
1 3   THR n 
1 4   ASN n 
1 5   ASN n 
1 6   LEU n 
1 7   TYR n 
1 8   ARG n 
1 9   LEU n 
1 10  GLU n 
1 11  LEU n 
1 12  GLU n 
1 13  ARG n 
1 14  GLU n 
1 15  CYS n 
1 16  VAL n 
1 17  GLY n 
1 18  CYS n 
1 19  ASN n 
1 20  LEU n 
1 21  GLU n 
1 22  GLY n 
1 23  VAL n 
1 24  ASN n 
1 25  LEU n 
1 26  PRO n 
1 27  ARG n 
1 28  GLU n 
1 29  ASN n 
1 30  PHE n 
1 31  GLY n 
1 32  LEU n 
1 33  LYS n 
1 34  TYR n 
1 35  ARG n 
1 36  ILE n 
1 37  PRO n 
1 38  ARG n 
1 39  SER n 
1 40  SER n 
1 41  SER n 
1 42  PRO n 
1 43  LEU n 
1 44  VAL n 
1 45  THR n 
1 46  THR n 
1 47  PRO n 
1 48  PHE n 
1 49  GLY n 
1 50  MSE n 
1 51  ASP n 
1 52  LYS n 
1 53  ALA n 
1 54  LYS n 
1 55  PRO n 
1 56  VAL n 
1 57  ASP n 
1 58  LEU n 
1 59  THR n 
1 60  ARG n 
1 61  ALA n 
1 62  ASN n 
1 63  LEU n 
1 64  SER n 
1 65  ASN n 
1 66  ALA n 
1 67  ASN n 
1 68  LEU n 
1 69  TYR n 
1 70  GLN n 
1 71  SER n 
1 72  ASP n 
1 73  LEU n 
1 74  SER n 
1 75  SER n 
1 76  ILE n 
1 77  ILE n 
1 78  LEU n 
1 79  GLU n 
1 80  ASN n 
1 81  ALA n 
1 82  ILE n 
1 83  LEU n 
1 84  VAL n 
1 85  GLU n 
1 86  THR n 
1 87  ASN n 
1 88  LEU n 
1 89  SER n 
1 90  GLU n 
1 91  THR n 
1 92  ASP n 
1 93  LEU n 
1 94  GLU n 
1 95  ASN n 
1 96  ALA n 
1 97  ILE n 
1 98  LEU n 
1 99  ILE n 
1 100 GLY n 
1 101 ALA n 
1 102 ASN n 
1 103 LEU n 
1 104 GLN n 
1 105 GLY n 
1 106 ALA n 
1 107 ASN n 
1 108 LEU n 
1 109 GLU n 
1 110 ASN n 
1 111 ALA n 
1 112 ASN n 
1 113 LEU n 
1 114 GLN n 
1 115 GLY n 
1 116 ALA n 
1 117 ASN n 
1 118 LEU n 
1 119 GLU n 
1 120 ASN n 
1 121 ALA n 
1 122 ASN n 
1 123 LEU n 
1 124 ARG n 
1 125 GLY n 
1 126 ALA n 
1 127 ILE n 
1 128 LEU n 
1 129 THR n 
1 130 GLY n 
1 131 VAL n 
1 132 ASN n 
1 133 LEU n 
1 134 GLU n 
1 135 GLU n 
1 136 THR n 
1 137 HIS n 
1 138 LEU n 
1 139 LYS n 
1 140 GLY n 
1 141 ILE n 
1 142 GLU n 
1 143 THR n 
1 144 ASP n 
1 145 LYS n 
1 146 ASN n 
1 147 THR n 
1 148 VAL n 
1 149 TRP n 
1 150 ASP n 
# 
_entity_src_gen.entity_id                          1 
_entity_src_gen.pdbx_src_id                        1 
_entity_src_gen.pdbx_alt_source_flag               sample 
_entity_src_gen.pdbx_seq_type                      ? 
_entity_src_gen.pdbx_beg_seq_num                   ? 
_entity_src_gen.pdbx_end_seq_num                   ? 
_entity_src_gen.gene_src_common_name               ? 
_entity_src_gen.gene_src_genus                     Cyanothece 
_entity_src_gen.pdbx_gene_src_gene                 Rfr23 
_entity_src_gen.gene_src_species                   ? 
_entity_src_gen.gene_src_strain                    51142 
_entity_src_gen.gene_src_tissue                    ? 
_entity_src_gen.gene_src_tissue_fraction           ? 
_entity_src_gen.gene_src_details                   ? 
_entity_src_gen.pdbx_gene_src_fragment             ? 
_entity_src_gen.pdbx_gene_src_scientific_name      Cyanothece 
_entity_src_gen.pdbx_gene_src_ncbi_taxonomy_id     43988 
_entity_src_gen.pdbx_gene_src_variant              ? 
_entity_src_gen.pdbx_gene_src_cell_line            ? 
_entity_src_gen.pdbx_gene_src_atcc                 ? 
_entity_src_gen.pdbx_gene_src_organ                ? 
_entity_src_gen.pdbx_gene_src_organelle            ? 
_entity_src_gen.pdbx_gene_src_cell                 ? 
_entity_src_gen.pdbx_gene_src_cellular_location    ? 
_entity_src_gen.host_org_common_name               ? 
_entity_src_gen.pdbx_host_org_scientific_name      'Escherichia coli BL21(DE3)' 
_entity_src_gen.pdbx_host_org_ncbi_taxonomy_id     469008 
_entity_src_gen.host_org_genus                     Escherichia 
_entity_src_gen.pdbx_host_org_gene                 ? 
_entity_src_gen.pdbx_host_org_organ                ? 
_entity_src_gen.host_org_species                   'Escherichia coli' 
_entity_src_gen.pdbx_host_org_tissue               ? 
_entity_src_gen.pdbx_host_org_tissue_fraction      ? 
_entity_src_gen.pdbx_host_org_strain               'BL21 (DE3)' 
_entity_src_gen.pdbx_host_org_variant              ? 
_entity_src_gen.pdbx_host_org_cell_line            ? 
_entity_src_gen.pdbx_host_org_atcc                 ? 
_entity_src_gen.pdbx_host_org_culture_collection   ? 
_entity_src_gen.pdbx_host_org_cell                 ? 
_entity_src_gen.pdbx_host_org_organelle            ? 
_entity_src_gen.pdbx_host_org_cellular_location    ? 
_entity_src_gen.pdbx_host_org_vector_type          plasmid 
_entity_src_gen.pdbx_host_org_vector               ? 
_entity_src_gen.host_org_details                   ? 
_entity_src_gen.expression_system_id               ? 
_entity_src_gen.plasmid_name                       pET30b 
_entity_src_gen.plasmid_details                    ? 
_entity_src_gen.pdbx_description                   ? 
# 
loop_
_chem_comp.id 
_chem_comp.type 
_chem_comp.mon_nstd_flag 
_chem_comp.name 
_chem_comp.pdbx_synonyms 
_chem_comp.formula 
_chem_comp.formula_weight 
ALA 'L-peptide linking' y ALANINE          ? 'C3 H7 N O2'     89.093  
ARG 'L-peptide linking' y ARGININE         ? 'C6 H15 N4 O2 1' 175.209 
ARS non-polymer         . ARSENIC          ? As               74.922  
ASN 'L-peptide linking' y ASPARAGINE       ? 'C4 H8 N2 O3'    132.118 
ASP 'L-peptide linking' y 'ASPARTIC ACID'  ? 'C4 H7 N O4'     133.103 
CYS 'L-peptide linking' y CYSTEINE         ? 'C3 H7 N O2 S'   121.158 
GLN 'L-peptide linking' y GLUTAMINE        ? 'C5 H10 N2 O3'   146.144 
GLU 'L-peptide linking' y 'GLUTAMIC ACID'  ? 'C5 H9 N O4'     147.129 
GLY 'peptide linking'   y GLYCINE          ? 'C2 H5 N O2'     75.067  
HIS 'L-peptide linking' y HISTIDINE        ? 'C6 H10 N3 O2 1' 156.162 
HOH non-polymer         . WATER            ? 'H2 O'           18.015  
ILE 'L-peptide linking' y ISOLEUCINE       ? 'C6 H13 N O2'    131.173 
LEU 'L-peptide linking' y LEUCINE          ? 'C6 H13 N O2'    131.173 
LYS 'L-peptide linking' y LYSINE           ? 'C6 H15 N2 O2 1' 147.195 
MSE 'L-peptide linking' n SELENOMETHIONINE ? 'C5 H11 N O2 Se' 196.106 
PHE 'L-peptide linking' y PHENYLALANINE    ? 'C9 H11 N O2'    165.189 
PRO 'L-peptide linking' y PROLINE          ? 'C5 H9 N O2'     115.130 
SER 'L-peptide linking' y SERINE           ? 'C3 H7 N O3'     105.093 
THR 'L-peptide linking' y THREONINE        ? 'C4 H9 N O3'     119.119 
TRP 'L-peptide linking' y TRYPTOPHAN       ? 'C11 H12 N2 O2'  204.225 
TYR 'L-peptide linking' y TYROSINE         ? 'C9 H11 N O3'    181.189 
VAL 'L-peptide linking' y VALINE           ? 'C5 H11 N O2'    117.146 
# 
loop_
_pdbx_poly_seq_scheme.asym_id 
_pdbx_poly_seq_scheme.entity_id 
_pdbx_poly_seq_scheme.seq_id 
_pdbx_poly_seq_scheme.mon_id 
_pdbx_poly_seq_scheme.ndb_seq_num 
_pdbx_poly_seq_scheme.pdb_seq_num 
_pdbx_poly_seq_scheme.auth_seq_num 
_pdbx_poly_seq_scheme.pdb_mon_id 
_pdbx_poly_seq_scheme.auth_mon_id 
_pdbx_poly_seq_scheme.pdb_strand_id 
_pdbx_poly_seq_scheme.pdb_ins_code 
_pdbx_poly_seq_scheme.hetero 
A 1 1   ALA 1   25  25  ALA ALA A . n 
A 1 2   MSE 2   26  26  MSE MSE A . n 
A 1 3   THR 3   27  27  THR THR A . n 
A 1 4   ASN 4   28  28  ASN ASN A . n 
A 1 5   ASN 5   29  29  ASN ASN A . n 
A 1 6   LEU 6   30  30  LEU LEU A . n 
A 1 7   TYR 7   31  31  TYR TYR A . n 
A 1 8   ARG 8   32  32  ARG ARG A . n 
A 1 9   LEU 9   33  33  LEU LEU A . n 
A 1 10  GLU 10  34  34  GLU GLU A . n 
A 1 11  LEU 11  35  35  LEU LEU A . n 
A 1 12  GLU 12  36  36  GLU GLU A . n 
A 1 13  ARG 13  37  37  ARG ARG A . n 
A 1 14  GLU 14  38  38  GLU GLU A . n 
A 1 15  CYS 15  39  39  CYS CYS A . n 
A 1 16  VAL 16  40  40  VAL VAL A . n 
A 1 17  GLY 17  41  41  GLY GLY A . n 
A 1 18  CYS 18  42  42  CYS CYS A . n 
A 1 19  ASN 19  43  43  ASN ASN A . n 
A 1 20  LEU 20  44  44  LEU LEU A . n 
A 1 21  GLU 21  45  45  GLU GLU A . n 
A 1 22  GLY 22  46  46  GLY GLY A . n 
A 1 23  VAL 23  47  47  VAL VAL A . n 
A 1 24  ASN 24  48  48  ASN ASN A . n 
A 1 25  LEU 25  49  49  LEU LEU A . n 
A 1 26  PRO 26  50  50  PRO PRO A . n 
A 1 27  ARG 27  51  51  ARG ARG A . n 
A 1 28  GLU 28  52  52  GLU GLU A . n 
A 1 29  ASN 29  53  53  ASN ASN A . n 
A 1 30  PHE 30  54  54  PHE PHE A . n 
A 1 31  GLY 31  55  55  GLY GLY A . n 
A 1 32  LEU 32  56  56  LEU LEU A . n 
A 1 33  LYS 33  57  57  LYS LYS A . n 
A 1 34  TYR 34  58  58  TYR TYR A . n 
A 1 35  ARG 35  59  59  ARG ARG A . n 
A 1 36  ILE 36  60  60  ILE ILE A . n 
A 1 37  PRO 37  61  61  PRO PRO A . n 
A 1 38  ARG 38  62  ?   ?   ?   A . n 
A 1 39  SER 39  63  ?   ?   ?   A . n 
A 1 40  SER 40  64  ?   ?   ?   A . n 
A 1 41  SER 41  65  65  SER SER A . n 
A 1 42  PRO 42  66  66  PRO PRO A . n 
A 1 43  LEU 43  67  67  LEU LEU A . n 
A 1 44  VAL 44  68  68  VAL VAL A . n 
A 1 45  THR 45  69  69  THR THR A . n 
A 1 46  THR 46  70  70  THR THR A . n 
A 1 47  PRO 47  71  71  PRO PRO A . n 
A 1 48  PHE 48  72  72  PHE PHE A . n 
A 1 49  GLY 49  73  73  GLY GLY A . n 
A 1 50  MSE 50  74  74  MSE MSE A . n 
A 1 51  ASP 51  75  75  ASP ASP A . n 
A 1 52  LYS 52  76  76  LYS LYS A . n 
A 1 53  ALA 53  77  77  ALA ALA A . n 
A 1 54  LYS 54  78  78  LYS LYS A . n 
A 1 55  PRO 55  79  79  PRO PRO A . n 
A 1 56  VAL 56  80  80  VAL VAL A . n 
A 1 57  ASP 57  81  81  ASP ASP A . n 
A 1 58  LEU 58  82  82  LEU LEU A . n 
A 1 59  THR 59  83  83  THR THR A . n 
A 1 60  ARG 60  84  84  ARG ARG A . n 
A 1 61  ALA 61  85  85  ALA ALA A . n 
A 1 62  ASN 62  86  86  ASN ASN A . n 
A 1 63  LEU 63  87  87  LEU LEU A . n 
A 1 64  SER 64  88  88  SER SER A . n 
A 1 65  ASN 65  89  89  ASN ASN A . n 
A 1 66  ALA 66  90  90  ALA ALA A . n 
A 1 67  ASN 67  91  91  ASN ASN A . n 
A 1 68  LEU 68  92  92  LEU LEU A . n 
A 1 69  TYR 69  93  93  TYR TYR A . n 
A 1 70  GLN 70  94  94  GLN GLN A . n 
A 1 71  SER 71  95  95  SER SER A . n 
A 1 72  ASP 72  96  96  ASP ASP A . n 
A 1 73  LEU 73  97  97  LEU LEU A . n 
A 1 74  SER 74  98  98  SER SER A . n 
A 1 75  SER 75  99  99  SER SER A . n 
A 1 76  ILE 76  100 100 ILE ILE A . n 
A 1 77  ILE 77  101 101 ILE ILE A . n 
A 1 78  LEU 78  102 102 LEU LEU A . n 
A 1 79  GLU 79  103 103 GLU GLU A . n 
A 1 80  ASN 80  104 104 ASN ASN A . n 
A 1 81  ALA 81  105 105 ALA ALA A . n 
A 1 82  ILE 82  106 106 ILE ILE A . n 
A 1 83  LEU 83  107 107 LEU LEU A . n 
A 1 84  VAL 84  108 108 VAL VAL A . n 
A 1 85  GLU 85  109 109 GLU GLU A . n 
A 1 86  THR 86  110 110 THR THR A . n 
A 1 87  ASN 87  111 111 ASN ASN A . n 
A 1 88  LEU 88  112 112 LEU LEU A . n 
A 1 89  SER 89  113 113 SER SER A . n 
A 1 90  GLU 90  114 114 GLU GLU A . n 
A 1 91  THR 91  115 115 THR THR A . n 
A 1 92  ASP 92  116 116 ASP ASP A . n 
A 1 93  LEU 93  117 117 LEU LEU A . n 
A 1 94  GLU 94  118 118 GLU GLU A . n 
A 1 95  ASN 95  119 119 ASN ASN A . n 
A 1 96  ALA 96  120 120 ALA ALA A . n 
A 1 97  ILE 97  121 121 ILE ILE A . n 
A 1 98  LEU 98  122 122 LEU LEU A . n 
A 1 99  ILE 99  123 123 ILE ILE A . n 
A 1 100 GLY 100 124 124 GLY GLY A . n 
A 1 101 ALA 101 125 125 ALA ALA A . n 
A 1 102 ASN 102 126 126 ASN ASN A . n 
A 1 103 LEU 103 127 127 LEU LEU A . n 
A 1 104 GLN 104 128 128 GLN GLN A . n 
A 1 105 GLY 105 129 129 GLY GLY A . n 
A 1 106 ALA 106 130 130 ALA ALA A . n 
A 1 107 ASN 107 131 131 ASN ASN A . n 
A 1 108 LEU 108 132 132 LEU LEU A . n 
A 1 109 GLU 109 133 133 GLU GLU A . n 
A 1 110 ASN 110 134 134 ASN ASN A . n 
A 1 111 ALA 111 135 135 ALA ALA A . n 
A 1 112 ASN 112 136 136 ASN ASN A . n 
A 1 113 LEU 113 137 137 LEU LEU A . n 
A 1 114 GLN 114 138 138 GLN GLN A . n 
A 1 115 GLY 115 139 139 GLY GLY A . n 
A 1 116 ALA 116 140 140 ALA ALA A . n 
A 1 117 ASN 117 141 141 ASN ASN A . n 
A 1 118 LEU 118 142 142 LEU LEU A . n 
A 1 119 GLU 119 143 143 GLU GLU A . n 
A 1 120 ASN 120 144 144 ASN ASN A . n 
A 1 121 ALA 121 145 145 ALA ALA A . n 
A 1 122 ASN 122 146 146 ASN ASN A . n 
A 1 123 LEU 123 147 147 LEU LEU A . n 
A 1 124 ARG 124 148 148 ARG ARG A . n 
A 1 125 GLY 125 149 149 GLY GLY A . n 
A 1 126 ALA 126 150 150 ALA ALA A . n 
A 1 127 ILE 127 151 151 ILE ILE A . n 
A 1 128 LEU 128 152 152 LEU LEU A . n 
A 1 129 THR 129 153 153 THR THR A . n 
A 1 130 GLY 130 154 154 GLY GLY A . n 
A 1 131 VAL 131 155 155 VAL VAL A . n 
A 1 132 ASN 132 156 156 ASN ASN A . n 
A 1 133 LEU 133 157 157 LEU LEU A . n 
A 1 134 GLU 134 158 158 GLU GLU A . n 
A 1 135 GLU 135 159 159 GLU GLU A . n 
A 1 136 THR 136 160 160 THR THR A . n 
A 1 137 HIS 137 161 161 HIS HIS A . n 
A 1 138 LEU 138 162 162 LEU LEU A . n 
A 1 139 LYS 139 163 163 LYS LYS A . n 
A 1 140 GLY 140 164 164 GLY GLY A . n 
A 1 141 ILE 141 165 165 ILE ILE A . n 
A 1 142 GLU 142 166 166 GLU GLU A . n 
A 1 143 THR 143 167 167 THR THR A . n 
A 1 144 ASP 144 168 168 ASP ASP A . n 
A 1 145 LYS 145 169 169 LYS LYS A . n 
A 1 146 ASN 146 170 170 ASN ASN A . n 
A 1 147 THR 147 171 171 THR THR A . n 
A 1 148 VAL 148 172 172 VAL VAL A . n 
A 1 149 TRP 149 173 173 TRP TRP A . n 
A 1 150 ASP 150 174 174 ASP ASP A . n 
# 
loop_
_pdbx_nonpoly_scheme.asym_id 
_pdbx_nonpoly_scheme.entity_id 
_pdbx_nonpoly_scheme.mon_id 
_pdbx_nonpoly_scheme.ndb_seq_num 
_pdbx_nonpoly_scheme.pdb_seq_num 
_pdbx_nonpoly_scheme.auth_seq_num 
_pdbx_nonpoly_scheme.pdb_mon_id 
_pdbx_nonpoly_scheme.auth_mon_id 
_pdbx_nonpoly_scheme.pdb_strand_id 
_pdbx_nonpoly_scheme.pdb_ins_code 
B 2 ARS 1  1   1   ARS ARS A . 
C 3 HOH 1  175 175 HOH HOH A . 
C 3 HOH 2  176 176 HOH HOH A . 
C 3 HOH 3  177 177 HOH HOH A . 
C 3 HOH 4  178 178 HOH HOH A . 
C 3 HOH 5  179 179 HOH HOH A . 
C 3 HOH 6  180 180 HOH HOH A . 
C 3 HOH 7  181 181 HOH HOH A . 
C 3 HOH 8  182 182 HOH HOH A . 
C 3 HOH 9  183 183 HOH HOH A . 
C 3 HOH 10 184 184 HOH HOH A . 
C 3 HOH 11 185 185 HOH HOH A . 
C 3 HOH 12 186 186 HOH HOH A . 
C 3 HOH 13 187 187 HOH HOH A . 
C 3 HOH 14 188 188 HOH HOH A . 
C 3 HOH 15 189 189 HOH HOH A . 
C 3 HOH 16 190 190 HOH HOH A . 
C 3 HOH 17 191 191 HOH HOH A . 
C 3 HOH 18 192 192 HOH HOH A . 
C 3 HOH 19 193 193 HOH HOH A . 
C 3 HOH 20 194 194 HOH HOH A . 
C 3 HOH 21 195 195 HOH HOH A . 
C 3 HOH 22 196 196 HOH HOH A . 
C 3 HOH 23 197 197 HOH HOH A . 
C 3 HOH 24 198 198 HOH HOH A . 
C 3 HOH 25 199 199 HOH HOH A . 
C 3 HOH 26 200 200 HOH HOH A . 
C 3 HOH 27 201 201 HOH HOH A . 
C 3 HOH 28 202 202 HOH HOH A . 
C 3 HOH 29 203 203 HOH HOH A . 
C 3 HOH 30 204 204 HOH HOH A . 
C 3 HOH 31 205 205 HOH HOH A . 
C 3 HOH 32 206 206 HOH HOH A . 
C 3 HOH 33 207 207 HOH HOH A . 
C 3 HOH 34 208 208 HOH HOH A . 
C 3 HOH 35 209 209 HOH HOH A . 
C 3 HOH 36 210 210 HOH HOH A . 
C 3 HOH 37 211 211 HOH HOH A . 
C 3 HOH 38 212 212 HOH HOH A . 
C 3 HOH 39 213 213 HOH HOH A . 
C 3 HOH 40 214 214 HOH HOH A . 
C 3 HOH 41 215 215 HOH HOH A . 
C 3 HOH 42 216 216 HOH HOH A . 
C 3 HOH 43 217 217 HOH HOH A . 
C 3 HOH 44 218 218 HOH HOH A . 
C 3 HOH 45 219 219 HOH HOH A . 
C 3 HOH 46 220 220 HOH HOH A . 
C 3 HOH 47 221 221 HOH HOH A . 
C 3 HOH 48 222 222 HOH HOH A . 
C 3 HOH 49 223 223 HOH HOH A . 
C 3 HOH 50 224 224 HOH HOH A . 
C 3 HOH 51 225 225 HOH HOH A . 
C 3 HOH 52 226 226 HOH HOH A . 
C 3 HOH 53 227 227 HOH HOH A . 
C 3 HOH 54 228 228 HOH HOH A . 
C 3 HOH 55 229 229 HOH HOH A . 
C 3 HOH 56 230 230 HOH HOH A . 
C 3 HOH 57 231 231 HOH HOH A . 
C 3 HOH 58 232 232 HOH HOH A . 
C 3 HOH 59 233 233 HOH HOH A . 
C 3 HOH 60 234 234 HOH HOH A . 
C 3 HOH 61 235 235 HOH HOH A . 
C 3 HOH 62 236 236 HOH HOH A . 
# 
loop_
_software.name 
_software.classification 
_software.version 
_software.citation_id 
_software.pdbx_ordinal 
ADSC      'data collection' Quantum ? 1 
SOLVE     phasing           .       ? 2 
CNS       refinement        1.1     ? 3 
HKL-2000  'data reduction'  .       ? 4 
SCALEPACK 'data scaling'    .       ? 5 
# 
_cell.entry_id           2O6W 
_cell.length_a           106.391 
_cell.length_b           106.391 
_cell.length_c           52.419 
_cell.angle_alpha        90.00 
_cell.angle_beta         90.00 
_cell.angle_gamma        90.00 
_cell.Z_PDB              8 
_cell.pdbx_unique_axis   ? 
_cell.length_a_esd       ? 
_cell.length_b_esd       ? 
_cell.length_c_esd       ? 
_cell.angle_alpha_esd    ? 
_cell.angle_beta_esd     ? 
_cell.angle_gamma_esd    ? 
# 
_symmetry.entry_id                         2O6W 
_symmetry.space_group_name_H-M             'I 41' 
_symmetry.pdbx_full_space_group_name_H-M   ? 
_symmetry.cell_setting                     ? 
_symmetry.Int_Tables_number                80 
_symmetry.space_group_name_Hall            ? 
# 
_exptl.entry_id          2O6W 
_exptl.method            'X-RAY DIFFRACTION' 
_exptl.crystals_number   1 
# 
_exptl_crystal.id                    1 
_exptl_crystal.density_meas          ? 
_exptl_crystal.density_Matthews      4.49 
_exptl_crystal.density_percent_sol   72.58 
_exptl_crystal.description           ? 
_exptl_crystal.F_000                 ? 
_exptl_crystal.preparation           ? 
# 
_exptl_crystal_grow.crystal_id      1 
_exptl_crystal_grow.method          'VAPOR DIFFUSION, HANGING DROP' 
_exptl_crystal_grow.temp            295 
_exptl_crystal_grow.temp_details    ? 
_exptl_crystal_grow.pH              6.5 
_exptl_crystal_grow.pdbx_details    
;0.192 magnesium acetate, 0.096M sodium cacodylate, 10%(w/v) PEG 8000, 10%(w/v) glycerol, pH 6.5, VAPOR DIFFUSION, HANGING DROP, temperature 295K
;
_exptl_crystal_grow.pdbx_pH_range   . 
# 
_diffrn.id                     1 
_diffrn.ambient_temp           100 
_diffrn.ambient_temp_details   ? 
_diffrn.crystal_id             1 
# 
_diffrn_detector.diffrn_id              1 
_diffrn_detector.detector               CCD 
_diffrn_detector.type                   'ADSC QUANTUM 315' 
_diffrn_detector.pdbx_collection_date   2005-11-05 
_diffrn_detector.details                
'Rosenbaum-Rock double crystal sagittal focusing monochrometer and vertical focusing mirror' 
# 
_diffrn_radiation.diffrn_id                        1 
_diffrn_radiation.wavelength_id                    1 
_diffrn_radiation.pdbx_monochromatic_or_laue_m_l   M 
_diffrn_radiation.monochromator                    'Si(111)' 
_diffrn_radiation.pdbx_diffrn_protocol             'SINGLE WAVELENGTH' 
_diffrn_radiation.pdbx_scattering_type             x-ray 
# 
_diffrn_radiation_wavelength.id           1 
_diffrn_radiation_wavelength.wavelength   0.9792 
_diffrn_radiation_wavelength.wt           1.0 
# 
_diffrn_source.diffrn_id                   1 
_diffrn_source.source                      SYNCHROTRON 
_diffrn_source.type                        'NSLS BEAMLINE X29A' 
_diffrn_source.pdbx_synchrotron_site       NSLS 
_diffrn_source.pdbx_synchrotron_beamline   X29A 
_diffrn_source.pdbx_wavelength             ? 
_diffrn_source.pdbx_wavelength_list        0.9792 
# 
_reflns.entry_id                     2O6W 
_reflns.observed_criterion_sigma_F   2 
_reflns.observed_criterion_sigma_I   2 
_reflns.d_resolution_high            2.4 
_reflns.d_resolution_low             30.0 
_reflns.number_all                   ? 
_reflns.number_obs                   16261 
_reflns.percent_possible_obs         89.3 
_reflns.pdbx_Rmerge_I_obs            ? 
_reflns.pdbx_Rsym_value              0.12 
_reflns.pdbx_netI_over_sigmaI        42.7 
_reflns.B_iso_Wilson_estimate        ? 
_reflns.pdbx_redundancy              10.8 
_reflns.R_free_details               ? 
_reflns.limit_h_max                  ? 
_reflns.limit_h_min                  ? 
_reflns.limit_k_max                  ? 
_reflns.limit_k_min                  ? 
_reflns.limit_l_max                  ? 
_reflns.limit_l_min                  ? 
_reflns.observed_criterion_F_max     ? 
_reflns.observed_criterion_F_min     ? 
_reflns.pdbx_chi_squared             ? 
_reflns.pdbx_scaling_rejects         ? 
_reflns.pdbx_diffrn_id               1 
_reflns.pdbx_ordinal                 1 
# 
_reflns_shell.d_res_high             2.4 
_reflns_shell.d_res_low              2.49 
_reflns_shell.percent_possible_all   61.7 
_reflns_shell.Rmerge_I_obs           ? 
_reflns_shell.pdbx_Rsym_value        0.335 
_reflns_shell.meanI_over_sigI_obs    4.53 
_reflns_shell.pdbx_redundancy        6.9 
_reflns_shell.percent_possible_obs   ? 
_reflns_shell.number_unique_all      1159 
_reflns_shell.number_measured_all    ? 
_reflns_shell.number_measured_obs    ? 
_reflns_shell.number_unique_obs      ? 
_reflns_shell.pdbx_chi_squared       ? 
_reflns_shell.pdbx_diffrn_id         ? 
_reflns_shell.pdbx_ordinal           1 
# 
_refine.entry_id                                 2O6W 
_refine.ls_d_res_high                            2.40 
_refine.ls_d_res_low                             30.0 
_refine.pdbx_ls_sigma_F                          2 
_refine.pdbx_ls_sigma_I                          2 
_refine.ls_number_reflns_all                     ? 
_refine.ls_number_reflns_obs                     16261 
_refine.ls_number_reflns_R_free                  1513 
_refine.ls_percent_reflns_obs                    85.4 
_refine.ls_R_factor_all                          ? 
_refine.ls_R_factor_obs                          ? 
_refine.ls_R_factor_R_work                       0.2507 
_refine.ls_R_factor_R_free                       0.2623 
_refine.ls_redundancy_reflns_obs                 ? 
_refine.pdbx_data_cutoff_high_absF               ? 
_refine.pdbx_data_cutoff_low_absF                ? 
_refine.ls_number_parameters                     ? 
_refine.ls_number_restraints                     ? 
_refine.ls_percent_reflns_R_free                 ? 
_refine.ls_R_factor_R_free_error                 ? 
_refine.ls_R_factor_R_free_error_details         ? 
_refine.pdbx_method_to_determine_struct          SAD 
_refine.pdbx_starting_model                      ? 
_refine.pdbx_ls_cross_valid_method               THROUGHOUT 
_refine.pdbx_R_Free_selection_details            random 
_refine.pdbx_stereochem_target_val_spec_case     ? 
_refine.pdbx_stereochemistry_target_values       'Engh & Huber' 
_refine.solvent_model_details                    ? 
_refine.solvent_model_param_bsol                 ? 
_refine.solvent_model_param_ksol                 ? 
_refine.occupancy_max                            ? 
_refine.occupancy_min                            ? 
_refine.pdbx_isotropic_thermal_model             anisotropic 
_refine.B_iso_mean                               ? 
_refine.aniso_B[1][1]                            15.641 
_refine.aniso_B[1][2]                            ? 
_refine.aniso_B[1][3]                            ? 
_refine.aniso_B[2][2]                            15.641 
_refine.aniso_B[2][3]                            ? 
_refine.aniso_B[3][3]                            -31.282 
_refine.details                                  ? 
_refine.B_iso_min                                ? 
_refine.B_iso_max                                ? 
_refine.correlation_coeff_Fo_to_Fc               ? 
_refine.correlation_coeff_Fo_to_Fc_free          ? 
_refine.pdbx_solvent_vdw_probe_radii             ? 
_refine.pdbx_solvent_ion_probe_radii             ? 
_refine.pdbx_solvent_shrinkage_radii             ? 
_refine.overall_SU_R_Cruickshank_DPI             ? 
_refine.overall_SU_R_free                        ? 
_refine.overall_SU_ML                            ? 
_refine.overall_SU_B                             ? 
_refine.pdbx_overall_ESU_R_Free                  ? 
_refine.pdbx_data_cutoff_high_rms_absF           ? 
_refine.pdbx_overall_ESU_R                       ? 
_refine.ls_wR_factor_R_free                      ? 
_refine.ls_wR_factor_R_work                      ? 
_refine.overall_FOM_free_R_set                   ? 
_refine.overall_FOM_work_R_set                   ? 
_refine.pdbx_refine_id                           'X-RAY DIFFRACTION' 
_refine.pdbx_diffrn_id                           1 
_refine.pdbx_TLS_residual_ADP_flag               ? 
_refine.pdbx_overall_phase_error                 ? 
_refine.pdbx_overall_SU_R_free_Cruickshank_DPI   ? 
_refine.pdbx_overall_SU_R_Blow_DPI               ? 
_refine.pdbx_overall_SU_R_free_Blow_DPI          ? 
# 
_refine_hist.pdbx_refine_id                   'X-RAY DIFFRACTION' 
_refine_hist.cycle_id                         LAST 
_refine_hist.pdbx_number_atoms_protein        1129 
_refine_hist.pdbx_number_atoms_nucleic_acid   0 
_refine_hist.pdbx_number_atoms_ligand         1 
_refine_hist.number_atoms_solvent             62 
_refine_hist.number_atoms_total               1192 
_refine_hist.d_res_high                       2.40 
_refine_hist.d_res_low                        30.0 
# 
loop_
_refine_ls_restr.type 
_refine_ls_restr.dev_ideal 
_refine_ls_restr.dev_ideal_target 
_refine_ls_restr.weight 
_refine_ls_restr.number 
_refine_ls_restr.pdbx_refine_id 
_refine_ls_restr.pdbx_restraint_function 
x_bond_d    .006295 ? ? ? 'X-RAY DIFFRACTION' ? 
x_angle_deg 1.07784 ? ? ? 'X-RAY DIFFRACTION' ? 
# 
_refine_ls_shell.pdbx_total_number_of_bins_used   ? 
_refine_ls_shell.d_res_high                       2.4 
_refine_ls_shell.d_res_low                        2.49 
_refine_ls_shell.number_reflns_R_work             ? 
_refine_ls_shell.R_factor_R_work                  0.2507 
_refine_ls_shell.percent_reflns_obs               85.4 
_refine_ls_shell.R_factor_R_free                  0.2637 
_refine_ls_shell.R_factor_R_free_error            ? 
_refine_ls_shell.percent_reflns_R_free            ? 
_refine_ls_shell.number_reflns_R_free             1513 
_refine_ls_shell.number_reflns_all                ? 
_refine_ls_shell.R_factor_all                     ? 
_refine_ls_shell.number_reflns_obs                28646 
_refine_ls_shell.redundancy_reflns_obs            ? 
_refine_ls_shell.pdbx_refine_id                   'X-RAY DIFFRACTION' 
# 
_struct.entry_id                  2O6W 
_struct.title                     
'Crystal Structure of a Pentapeptide Repeat Protein (Rfr23) from the cyanobacterium Cyanothece 51142' 
_struct.pdbx_model_details        ? 
_struct.pdbx_CASP_flag            ? 
_struct.pdbx_model_type_details   ? 
# 
_struct_keywords.entry_id        2O6W 
_struct_keywords.pdbx_keywords   'UNKNOWN FUNCTION' 
_struct_keywords.text            'Rfr protein, pentapeptide repeat protein, beta helix, UNKNOWN FUNCTION' 
# 
loop_
_struct_asym.id 
_struct_asym.pdbx_blank_PDB_chainid_flag 
_struct_asym.pdbx_modified 
_struct_asym.entity_id 
_struct_asym.details 
A N N 1 ? 
B N N 2 ? 
C N N 3 ? 
# 
_struct_ref.id                         1 
_struct_ref.db_name                    PDB 
_struct_ref.db_code                    2O6W 
_struct_ref.pdbx_db_accession          2O6W 
_struct_ref.entity_id                  1 
_struct_ref.pdbx_seq_one_letter_code   
;A(MSE)TNNLYRLELERECVGCNLEGVNLPRENFGLKYRIPRSSSPLVTTPFG(MSE)DKAKPVDLTRANLSNANLYQSD
LSSIILENAILVETNLSETDLENAILIGANLQGANLENANLQGANLENANLRGAILTGVNLEETHLKGIETDKNTVWD
;
_struct_ref.pdbx_align_begin           1 
_struct_ref.pdbx_db_isoform            ? 
# 
_struct_ref_seq.align_id                      1 
_struct_ref_seq.ref_id                        1 
_struct_ref_seq.pdbx_PDB_id_code              2O6W 
_struct_ref_seq.pdbx_strand_id                A 
_struct_ref_seq.seq_align_beg                 1 
_struct_ref_seq.pdbx_seq_align_beg_ins_code   ? 
_struct_ref_seq.seq_align_end                 150 
_struct_ref_seq.pdbx_seq_align_end_ins_code   ? 
_struct_ref_seq.pdbx_db_accession             2O6W 
_struct_ref_seq.db_align_beg                  25 
_struct_ref_seq.pdbx_db_align_beg_ins_code    ? 
_struct_ref_seq.db_align_end                  174 
_struct_ref_seq.pdbx_db_align_end_ins_code    ? 
_struct_ref_seq.pdbx_auth_seq_align_beg       25 
_struct_ref_seq.pdbx_auth_seq_align_end       174 
# 
_pdbx_struct_assembly.id                   1 
_pdbx_struct_assembly.details              author_and_software_defined_assembly 
_pdbx_struct_assembly.method_details       PISA 
_pdbx_struct_assembly.oligomeric_details   monomeric 
_pdbx_struct_assembly.oligomeric_count     1 
# 
_pdbx_struct_assembly_gen.assembly_id       1 
_pdbx_struct_assembly_gen.oper_expression   1 
_pdbx_struct_assembly_gen.asym_id_list      A,B,C 
# 
_pdbx_struct_oper_list.id                   1 
_pdbx_struct_oper_list.type                 'identity operation' 
_pdbx_struct_oper_list.name                 1_555 
_pdbx_struct_oper_list.symmetry_operation   x,y,z 
_pdbx_struct_oper_list.matrix[1][1]         1.0000000000 
_pdbx_struct_oper_list.matrix[1][2]         0.0000000000 
_pdbx_struct_oper_list.matrix[1][3]         0.0000000000 
_pdbx_struct_oper_list.vector[1]            0.0000000000 
_pdbx_struct_oper_list.matrix[2][1]         0.0000000000 
_pdbx_struct_oper_list.matrix[2][2]         1.0000000000 
_pdbx_struct_oper_list.matrix[2][3]         0.0000000000 
_pdbx_struct_oper_list.vector[2]            0.0000000000 
_pdbx_struct_oper_list.matrix[3][1]         0.0000000000 
_pdbx_struct_oper_list.matrix[3][2]         0.0000000000 
_pdbx_struct_oper_list.matrix[3][3]         1.0000000000 
_pdbx_struct_oper_list.vector[3]            0.0000000000 
# 
_struct_biol.id        1 
_struct_biol.details   ? 
# 
_struct_conf.conf_type_id            HELX_P 
_struct_conf.id                      HELX_P1 
_struct_conf.pdbx_PDB_helix_id       1 
_struct_conf.beg_label_comp_id       ALA 
_struct_conf.beg_label_asym_id       A 
_struct_conf.beg_label_seq_id        1 
_struct_conf.pdbx_beg_PDB_ins_code   ? 
_struct_conf.end_label_comp_id       LEU 
_struct_conf.end_label_asym_id       A 
_struct_conf.end_label_seq_id        11 
_struct_conf.pdbx_end_PDB_ins_code   ? 
_struct_conf.beg_auth_comp_id        ALA 
_struct_conf.beg_auth_asym_id        A 
_struct_conf.beg_auth_seq_id         25 
_struct_conf.end_auth_comp_id        LEU 
_struct_conf.end_auth_asym_id        A 
_struct_conf.end_auth_seq_id         35 
_struct_conf.pdbx_PDB_helix_class    1 
_struct_conf.details                 ? 
_struct_conf.pdbx_PDB_helix_length   11 
# 
_struct_conf_type.id          HELX_P 
_struct_conf_type.criteria    ? 
_struct_conf_type.reference   ? 
# 
loop_
_struct_conn.id 
_struct_conn.conn_type_id 
_struct_conn.pdbx_leaving_atom_flag 
_struct_conn.pdbx_PDB_id 
_struct_conn.ptnr1_label_asym_id 
_struct_conn.ptnr1_label_comp_id 
_struct_conn.ptnr1_label_seq_id 
_struct_conn.ptnr1_label_atom_id 
_struct_conn.pdbx_ptnr1_label_alt_id 
_struct_conn.pdbx_ptnr1_PDB_ins_code 
_struct_conn.pdbx_ptnr1_standard_comp_id 
_struct_conn.ptnr1_symmetry 
_struct_conn.ptnr2_label_asym_id 
_struct_conn.ptnr2_label_comp_id 
_struct_conn.ptnr2_label_seq_id 
_struct_conn.ptnr2_label_atom_id 
_struct_conn.pdbx_ptnr2_label_alt_id 
_struct_conn.pdbx_ptnr2_PDB_ins_code 
_struct_conn.ptnr1_auth_asym_id 
_struct_conn.ptnr1_auth_comp_id 
_struct_conn.ptnr1_auth_seq_id 
_struct_conn.ptnr2_auth_asym_id 
_struct_conn.ptnr2_auth_comp_id 
_struct_conn.ptnr2_auth_seq_id 
_struct_conn.ptnr2_symmetry 
_struct_conn.pdbx_ptnr3_label_atom_id 
_struct_conn.pdbx_ptnr3_label_seq_id 
_struct_conn.pdbx_ptnr3_label_comp_id 
_struct_conn.pdbx_ptnr3_label_asym_id 
_struct_conn.pdbx_ptnr3_label_alt_id 
_struct_conn.pdbx_ptnr3_PDB_ins_code 
_struct_conn.details 
_struct_conn.pdbx_dist_value 
_struct_conn.pdbx_value_order 
_struct_conn.pdbx_role 
disulf1 disulf ?    ? A CYS 15 SG ? ? ? 1_555 A CYS 18 SG ? ? A CYS 39 A CYS 42 1_555 ? ? ? ? ? ? ? 2.047 ? ? 
covale1 covale both ? A ALA 1  C  ? ? ? 1_555 A MSE 2  N  ? ? A ALA 25 A MSE 26 1_555 ? ? ? ? ? ? ? 1.328 ? ? 
covale2 covale both ? A MSE 2  C  ? ? ? 1_555 A THR 3  N  ? ? A MSE 26 A THR 27 1_555 ? ? ? ? ? ? ? 1.325 ? ? 
covale3 covale both ? A GLY 49 C  ? ? ? 1_555 A MSE 50 N  ? ? A GLY 73 A MSE 74 1_555 ? ? ? ? ? ? ? 1.331 ? ? 
covale4 covale both ? A MSE 50 C  ? ? ? 1_555 A ASP 51 N  ? ? A MSE 74 A ASP 75 1_555 ? ? ? ? ? ? ? 1.330 ? ? 
# 
loop_
_struct_conn_type.id 
_struct_conn_type.criteria 
_struct_conn_type.reference 
disulf ? ? 
covale ? ? 
# 
loop_
_pdbx_modification_feature.ordinal 
_pdbx_modification_feature.label_comp_id 
_pdbx_modification_feature.label_asym_id 
_pdbx_modification_feature.label_seq_id 
_pdbx_modification_feature.label_alt_id 
_pdbx_modification_feature.modified_residue_label_comp_id 
_pdbx_modification_feature.modified_residue_label_asym_id 
_pdbx_modification_feature.modified_residue_label_seq_id 
_pdbx_modification_feature.modified_residue_label_alt_id 
_pdbx_modification_feature.auth_comp_id 
_pdbx_modification_feature.auth_asym_id 
_pdbx_modification_feature.auth_seq_id 
_pdbx_modification_feature.PDB_ins_code 
_pdbx_modification_feature.symmetry 
_pdbx_modification_feature.modified_residue_auth_comp_id 
_pdbx_modification_feature.modified_residue_auth_asym_id 
_pdbx_modification_feature.modified_residue_auth_seq_id 
_pdbx_modification_feature.modified_residue_PDB_ins_code 
_pdbx_modification_feature.modified_residue_symmetry 
_pdbx_modification_feature.comp_id_linking_atom 
_pdbx_modification_feature.modified_residue_id_linking_atom 
_pdbx_modification_feature.modified_residue_id 
_pdbx_modification_feature.ref_pcm_id 
_pdbx_modification_feature.ref_comp_id 
_pdbx_modification_feature.type 
_pdbx_modification_feature.category 
1 MSE A 2  ? .   . .  . MSE A 26 ? 1_555 .   . .  . .     .  .  MET 1 MSE Selenomethionine 'Named protein modification' 
2 MSE A 50 ? .   . .  . MSE A 74 ? 1_555 .   . .  . .     .  .  MET 1 MSE Selenomethionine 'Named protein modification' 
3 CYS A 15 ? CYS A 18 ? CYS A 39 ? 1_555 CYS A 42 ? 1_555 SG SG .   . .   None             'Disulfide bridge'           
# 
_struct_site.id                   AC1 
_struct_site.pdbx_evidence_code   Software 
_struct_site.pdbx_auth_asym_id    A 
_struct_site.pdbx_auth_comp_id    ARS 
_struct_site.pdbx_auth_seq_id     1 
_struct_site.pdbx_auth_ins_code   ? 
_struct_site.pdbx_num_residues    3 
_struct_site.details              'BINDING SITE FOR RESIDUE ARS A 1' 
# 
loop_
_struct_site_gen.id 
_struct_site_gen.site_id 
_struct_site_gen.pdbx_num_res 
_struct_site_gen.label_comp_id 
_struct_site_gen.label_asym_id 
_struct_site_gen.label_seq_id 
_struct_site_gen.pdbx_auth_ins_code 
_struct_site_gen.auth_comp_id 
_struct_site_gen.auth_asym_id 
_struct_site_gen.auth_seq_id 
_struct_site_gen.label_atom_id 
_struct_site_gen.label_alt_id 
_struct_site_gen.symmetry 
_struct_site_gen.details 
1 AC1 3 THR A 143 ? THR A 167 . ? 1_555 ? 
2 AC1 3 THR A 143 ? THR A 167 . ? 6_555 ? 
3 AC1 3 HOH C .   ? HOH A 218 . ? 1_555 ? 
# 
_pdbx_entry_details.entry_id                   2O6W 
_pdbx_entry_details.compound_details           ? 
_pdbx_entry_details.source_details             ? 
_pdbx_entry_details.nonpolymer_details         ? 
_pdbx_entry_details.sequence_details           ? 
_pdbx_entry_details.has_ligand_of_interest     ? 
_pdbx_entry_details.has_protein_modification   Y 
# 
loop_
_pdbx_validate_torsion.id 
_pdbx_validate_torsion.PDB_model_num 
_pdbx_validate_torsion.auth_comp_id 
_pdbx_validate_torsion.auth_asym_id 
_pdbx_validate_torsion.auth_seq_id 
_pdbx_validate_torsion.PDB_ins_code 
_pdbx_validate_torsion.label_alt_id 
_pdbx_validate_torsion.phi 
_pdbx_validate_torsion.psi 
1 1 CYS A 39 ? ? -174.74 50.49 
2 1 ARG A 84 ? ? 55.60   15.66 
# 
loop_
_pdbx_struct_mod_residue.id 
_pdbx_struct_mod_residue.label_asym_id 
_pdbx_struct_mod_residue.label_comp_id 
_pdbx_struct_mod_residue.label_seq_id 
_pdbx_struct_mod_residue.auth_asym_id 
_pdbx_struct_mod_residue.auth_comp_id 
_pdbx_struct_mod_residue.auth_seq_id 
_pdbx_struct_mod_residue.PDB_ins_code 
_pdbx_struct_mod_residue.parent_comp_id 
_pdbx_struct_mod_residue.details 
1 A MSE 2  A MSE 26 ? MET SELENOMETHIONINE 
2 A MSE 50 A MSE 74 ? MET SELENOMETHIONINE 
# 
_pdbx_struct_special_symmetry.id              1 
_pdbx_struct_special_symmetry.PDB_model_num   1 
_pdbx_struct_special_symmetry.auth_asym_id    A 
_pdbx_struct_special_symmetry.auth_comp_id    ARS 
_pdbx_struct_special_symmetry.auth_seq_id     1 
_pdbx_struct_special_symmetry.PDB_ins_code    ? 
_pdbx_struct_special_symmetry.label_asym_id   B 
_pdbx_struct_special_symmetry.label_comp_id   ARS 
_pdbx_struct_special_symmetry.label_seq_id    . 
# 
loop_
_pdbx_unobs_or_zero_occ_residues.id 
_pdbx_unobs_or_zero_occ_residues.PDB_model_num 
_pdbx_unobs_or_zero_occ_residues.polymer_flag 
_pdbx_unobs_or_zero_occ_residues.occupancy_flag 
_pdbx_unobs_or_zero_occ_residues.auth_asym_id 
_pdbx_unobs_or_zero_occ_residues.auth_comp_id 
_pdbx_unobs_or_zero_occ_residues.auth_seq_id 
_pdbx_unobs_or_zero_occ_residues.PDB_ins_code 
_pdbx_unobs_or_zero_occ_residues.label_asym_id 
_pdbx_unobs_or_zero_occ_residues.label_comp_id 
_pdbx_unobs_or_zero_occ_residues.label_seq_id 
1 1 Y 1 A ARG 62 ? A ARG 38 
2 1 Y 1 A SER 63 ? A SER 39 
3 1 Y 1 A SER 64 ? A SER 40 
# 
loop_
_chem_comp_atom.comp_id 
_chem_comp_atom.atom_id 
_chem_comp_atom.type_symbol 
_chem_comp_atom.pdbx_aromatic_flag 
_chem_comp_atom.pdbx_stereo_config 
_chem_comp_atom.pdbx_ordinal 
ALA N    N  N N 1   
ALA CA   C  N S 2   
ALA C    C  N N 3   
ALA O    O  N N 4   
ALA CB   C  N N 5   
ALA OXT  O  N N 6   
ALA H    H  N N 7   
ALA H2   H  N N 8   
ALA HA   H  N N 9   
ALA HB1  H  N N 10  
ALA HB2  H  N N 11  
ALA HB3  H  N N 12  
ALA HXT  H  N N 13  
ARG N    N  N N 14  
ARG CA   C  N S 15  
ARG C    C  N N 16  
ARG O    O  N N 17  
ARG CB   C  N N 18  
ARG CG   C  N N 19  
ARG CD   C  N N 20  
ARG NE   N  N N 21  
ARG CZ   C  N N 22  
ARG NH1  N  N N 23  
ARG NH2  N  N N 24  
ARG OXT  O  N N 25  
ARG H    H  N N 26  
ARG H2   H  N N 27  
ARG HA   H  N N 28  
ARG HB2  H  N N 29  
ARG HB3  H  N N 30  
ARG HG2  H  N N 31  
ARG HG3  H  N N 32  
ARG HD2  H  N N 33  
ARG HD3  H  N N 34  
ARG HE   H  N N 35  
ARG HH11 H  N N 36  
ARG HH12 H  N N 37  
ARG HH21 H  N N 38  
ARG HH22 H  N N 39  
ARG HXT  H  N N 40  
ARS AS   AS N N 41  
ASN N    N  N N 42  
ASN CA   C  N S 43  
ASN C    C  N N 44  
ASN O    O  N N 45  
ASN CB   C  N N 46  
ASN CG   C  N N 47  
ASN OD1  O  N N 48  
ASN ND2  N  N N 49  
ASN OXT  O  N N 50  
ASN H    H  N N 51  
ASN H2   H  N N 52  
ASN HA   H  N N 53  
ASN HB2  H  N N 54  
ASN HB3  H  N N 55  
ASN HD21 H  N N 56  
ASN HD22 H  N N 57  
ASN HXT  H  N N 58  
ASP N    N  N N 59  
ASP CA   C  N S 60  
ASP C    C  N N 61  
ASP O    O  N N 62  
ASP CB   C  N N 63  
ASP CG   C  N N 64  
ASP OD1  O  N N 65  
ASP OD2  O  N N 66  
ASP OXT  O  N N 67  
ASP H    H  N N 68  
ASP H2   H  N N 69  
ASP HA   H  N N 70  
ASP HB2  H  N N 71  
ASP HB3  H  N N 72  
ASP HD2  H  N N 73  
ASP HXT  H  N N 74  
CYS N    N  N N 75  
CYS CA   C  N R 76  
CYS C    C  N N 77  
CYS O    O  N N 78  
CYS CB   C  N N 79  
CYS SG   S  N N 80  
CYS OXT  O  N N 81  
CYS H    H  N N 82  
CYS H2   H  N N 83  
CYS HA   H  N N 84  
CYS HB2  H  N N 85  
CYS HB3  H  N N 86  
CYS HG   H  N N 87  
CYS HXT  H  N N 88  
GLN N    N  N N 89  
GLN CA   C  N S 90  
GLN C    C  N N 91  
GLN O    O  N N 92  
GLN CB   C  N N 93  
GLN CG   C  N N 94  
GLN CD   C  N N 95  
GLN OE1  O  N N 96  
GLN NE2  N  N N 97  
GLN OXT  O  N N 98  
GLN H    H  N N 99  
GLN H2   H  N N 100 
GLN HA   H  N N 101 
GLN HB2  H  N N 102 
GLN HB3  H  N N 103 
GLN HG2  H  N N 104 
GLN HG3  H  N N 105 
GLN HE21 H  N N 106 
GLN HE22 H  N N 107 
GLN HXT  H  N N 108 
GLU N    N  N N 109 
GLU CA   C  N S 110 
GLU C    C  N N 111 
GLU O    O  N N 112 
GLU CB   C  N N 113 
GLU CG   C  N N 114 
GLU CD   C  N N 115 
GLU OE1  O  N N 116 
GLU OE2  O  N N 117 
GLU OXT  O  N N 118 
GLU H    H  N N 119 
GLU H2   H  N N 120 
GLU HA   H  N N 121 
GLU HB2  H  N N 122 
GLU HB3  H  N N 123 
GLU HG2  H  N N 124 
GLU HG3  H  N N 125 
GLU HE2  H  N N 126 
GLU HXT  H  N N 127 
GLY N    N  N N 128 
GLY CA   C  N N 129 
GLY C    C  N N 130 
GLY O    O  N N 131 
GLY OXT  O  N N 132 
GLY H    H  N N 133 
GLY H2   H  N N 134 
GLY HA2  H  N N 135 
GLY HA3  H  N N 136 
GLY HXT  H  N N 137 
HIS N    N  N N 138 
HIS CA   C  N S 139 
HIS C    C  N N 140 
HIS O    O  N N 141 
HIS CB   C  N N 142 
HIS CG   C  Y N 143 
HIS ND1  N  Y N 144 
HIS CD2  C  Y N 145 
HIS CE1  C  Y N 146 
HIS NE2  N  Y N 147 
HIS OXT  O  N N 148 
HIS H    H  N N 149 
HIS H2   H  N N 150 
HIS HA   H  N N 151 
HIS HB2  H  N N 152 
HIS HB3  H  N N 153 
HIS HD1  H  N N 154 
HIS HD2  H  N N 155 
HIS HE1  H  N N 156 
HIS HE2  H  N N 157 
HIS HXT  H  N N 158 
HOH O    O  N N 159 
HOH H1   H  N N 160 
HOH H2   H  N N 161 
ILE N    N  N N 162 
ILE CA   C  N S 163 
ILE C    C  N N 164 
ILE O    O  N N 165 
ILE CB   C  N S 166 
ILE CG1  C  N N 167 
ILE CG2  C  N N 168 
ILE CD1  C  N N 169 
ILE OXT  O  N N 170 
ILE H    H  N N 171 
ILE H2   H  N N 172 
ILE HA   H  N N 173 
ILE HB   H  N N 174 
ILE HG12 H  N N 175 
ILE HG13 H  N N 176 
ILE HG21 H  N N 177 
ILE HG22 H  N N 178 
ILE HG23 H  N N 179 
ILE HD11 H  N N 180 
ILE HD12 H  N N 181 
ILE HD13 H  N N 182 
ILE HXT  H  N N 183 
LEU N    N  N N 184 
LEU CA   C  N S 185 
LEU C    C  N N 186 
LEU O    O  N N 187 
LEU CB   C  N N 188 
LEU CG   C  N N 189 
LEU CD1  C  N N 190 
LEU CD2  C  N N 191 
LEU OXT  O  N N 192 
LEU H    H  N N 193 
LEU H2   H  N N 194 
LEU HA   H  N N 195 
LEU HB2  H  N N 196 
LEU HB3  H  N N 197 
LEU HG   H  N N 198 
LEU HD11 H  N N 199 
LEU HD12 H  N N 200 
LEU HD13 H  N N 201 
LEU HD21 H  N N 202 
LEU HD22 H  N N 203 
LEU HD23 H  N N 204 
LEU HXT  H  N N 205 
LYS N    N  N N 206 
LYS CA   C  N S 207 
LYS C    C  N N 208 
LYS O    O  N N 209 
LYS CB   C  N N 210 
LYS CG   C  N N 211 
LYS CD   C  N N 212 
LYS CE   C  N N 213 
LYS NZ   N  N N 214 
LYS OXT  O  N N 215 
LYS H    H  N N 216 
LYS H2   H  N N 217 
LYS HA   H  N N 218 
LYS HB2  H  N N 219 
LYS HB3  H  N N 220 
LYS HG2  H  N N 221 
LYS HG3  H  N N 222 
LYS HD2  H  N N 223 
LYS HD3  H  N N 224 
LYS HE2  H  N N 225 
LYS HE3  H  N N 226 
LYS HZ1  H  N N 227 
LYS HZ2  H  N N 228 
LYS HZ3  H  N N 229 
LYS HXT  H  N N 230 
MSE N    N  N N 231 
MSE CA   C  N S 232 
MSE C    C  N N 233 
MSE O    O  N N 234 
MSE OXT  O  N N 235 
MSE CB   C  N N 236 
MSE CG   C  N N 237 
MSE SE   SE N N 238 
MSE CE   C  N N 239 
MSE H    H  N N 240 
MSE H2   H  N N 241 
MSE HA   H  N N 242 
MSE HXT  H  N N 243 
MSE HB2  H  N N 244 
MSE HB3  H  N N 245 
MSE HG2  H  N N 246 
MSE HG3  H  N N 247 
MSE HE1  H  N N 248 
MSE HE2  H  N N 249 
MSE HE3  H  N N 250 
PHE N    N  N N 251 
PHE CA   C  N S 252 
PHE C    C  N N 253 
PHE O    O  N N 254 
PHE CB   C  N N 255 
PHE CG   C  Y N 256 
PHE CD1  C  Y N 257 
PHE CD2  C  Y N 258 
PHE CE1  C  Y N 259 
PHE CE2  C  Y N 260 
PHE CZ   C  Y N 261 
PHE OXT  O  N N 262 
PHE H    H  N N 263 
PHE H2   H  N N 264 
PHE HA   H  N N 265 
PHE HB2  H  N N 266 
PHE HB3  H  N N 267 
PHE HD1  H  N N 268 
PHE HD2  H  N N 269 
PHE HE1  H  N N 270 
PHE HE2  H  N N 271 
PHE HZ   H  N N 272 
PHE HXT  H  N N 273 
PRO N    N  N N 274 
PRO CA   C  N S 275 
PRO C    C  N N 276 
PRO O    O  N N 277 
PRO CB   C  N N 278 
PRO CG   C  N N 279 
PRO CD   C  N N 280 
PRO OXT  O  N N 281 
PRO H    H  N N 282 
PRO HA   H  N N 283 
PRO HB2  H  N N 284 
PRO HB3  H  N N 285 
PRO HG2  H  N N 286 
PRO HG3  H  N N 287 
PRO HD2  H  N N 288 
PRO HD3  H  N N 289 
PRO HXT  H  N N 290 
SER N    N  N N 291 
SER CA   C  N S 292 
SER C    C  N N 293 
SER O    O  N N 294 
SER CB   C  N N 295 
SER OG   O  N N 296 
SER OXT  O  N N 297 
SER H    H  N N 298 
SER H2   H  N N 299 
SER HA   H  N N 300 
SER HB2  H  N N 301 
SER HB3  H  N N 302 
SER HG   H  N N 303 
SER HXT  H  N N 304 
THR N    N  N N 305 
THR CA   C  N S 306 
THR C    C  N N 307 
THR O    O  N N 308 
THR CB   C  N R 309 
THR OG1  O  N N 310 
THR CG2  C  N N 311 
THR OXT  O  N N 312 
THR H    H  N N 313 
THR H2   H  N N 314 
THR HA   H  N N 315 
THR HB   H  N N 316 
THR HG1  H  N N 317 
THR HG21 H  N N 318 
THR HG22 H  N N 319 
THR HG23 H  N N 320 
THR HXT  H  N N 321 
TRP N    N  N N 322 
TRP CA   C  N S 323 
TRP C    C  N N 324 
TRP O    O  N N 325 
TRP CB   C  N N 326 
TRP CG   C  Y N 327 
TRP CD1  C  Y N 328 
TRP CD2  C  Y N 329 
TRP NE1  N  Y N 330 
TRP CE2  C  Y N 331 
TRP CE3  C  Y N 332 
TRP CZ2  C  Y N 333 
TRP CZ3  C  Y N 334 
TRP CH2  C  Y N 335 
TRP OXT  O  N N 336 
TRP H    H  N N 337 
TRP H2   H  N N 338 
TRP HA   H  N N 339 
TRP HB2  H  N N 340 
TRP HB3  H  N N 341 
TRP HD1  H  N N 342 
TRP HE1  H  N N 343 
TRP HE3  H  N N 344 
TRP HZ2  H  N N 345 
TRP HZ3  H  N N 346 
TRP HH2  H  N N 347 
TRP HXT  H  N N 348 
TYR N    N  N N 349 
TYR CA   C  N S 350 
TYR C    C  N N 351 
TYR O    O  N N 352 
TYR CB   C  N N 353 
TYR CG   C  Y N 354 
TYR CD1  C  Y N 355 
TYR CD2  C  Y N 356 
TYR CE1  C  Y N 357 
TYR CE2  C  Y N 358 
TYR CZ   C  Y N 359 
TYR OH   O  N N 360 
TYR OXT  O  N N 361 
TYR H    H  N N 362 
TYR H2   H  N N 363 
TYR HA   H  N N 364 
TYR HB2  H  N N 365 
TYR HB3  H  N N 366 
TYR HD1  H  N N 367 
TYR HD2  H  N N 368 
TYR HE1  H  N N 369 
TYR HE2  H  N N 370 
TYR HH   H  N N 371 
TYR HXT  H  N N 372 
VAL N    N  N N 373 
VAL CA   C  N S 374 
VAL C    C  N N 375 
VAL O    O  N N 376 
VAL CB   C  N N 377 
VAL CG1  C  N N 378 
VAL CG2  C  N N 379 
VAL OXT  O  N N 380 
VAL H    H  N N 381 
VAL H2   H  N N 382 
VAL HA   H  N N 383 
VAL HB   H  N N 384 
VAL HG11 H  N N 385 
VAL HG12 H  N N 386 
VAL HG13 H  N N 387 
VAL HG21 H  N N 388 
VAL HG22 H  N N 389 
VAL HG23 H  N N 390 
VAL HXT  H  N N 391 
# 
loop_
_chem_comp_bond.comp_id 
_chem_comp_bond.atom_id_1 
_chem_comp_bond.atom_id_2 
_chem_comp_bond.value_order 
_chem_comp_bond.pdbx_aromatic_flag 
_chem_comp_bond.pdbx_stereo_config 
_chem_comp_bond.pdbx_ordinal 
ALA N   CA   sing N N 1   
ALA N   H    sing N N 2   
ALA N   H2   sing N N 3   
ALA CA  C    sing N N 4   
ALA CA  CB   sing N N 5   
ALA CA  HA   sing N N 6   
ALA C   O    doub N N 7   
ALA C   OXT  sing N N 8   
ALA CB  HB1  sing N N 9   
ALA CB  HB2  sing N N 10  
ALA CB  HB3  sing N N 11  
ALA OXT HXT  sing N N 12  
ARG N   CA   sing N N 13  
ARG N   H    sing N N 14  
ARG N   H2   sing N N 15  
ARG CA  C    sing N N 16  
ARG CA  CB   sing N N 17  
ARG CA  HA   sing N N 18  
ARG C   O    doub N N 19  
ARG C   OXT  sing N N 20  
ARG CB  CG   sing N N 21  
ARG CB  HB2  sing N N 22  
ARG CB  HB3  sing N N 23  
ARG CG  CD   sing N N 24  
ARG CG  HG2  sing N N 25  
ARG CG  HG3  sing N N 26  
ARG CD  NE   sing N N 27  
ARG CD  HD2  sing N N 28  
ARG CD  HD3  sing N N 29  
ARG NE  CZ   sing N N 30  
ARG NE  HE   sing N N 31  
ARG CZ  NH1  sing N N 32  
ARG CZ  NH2  doub N N 33  
ARG NH1 HH11 sing N N 34  
ARG NH1 HH12 sing N N 35  
ARG NH2 HH21 sing N N 36  
ARG NH2 HH22 sing N N 37  
ARG OXT HXT  sing N N 38  
ASN N   CA   sing N N 39  
ASN N   H    sing N N 40  
ASN N   H2   sing N N 41  
ASN CA  C    sing N N 42  
ASN CA  CB   sing N N 43  
ASN CA  HA   sing N N 44  
ASN C   O    doub N N 45  
ASN C   OXT  sing N N 46  
ASN CB  CG   sing N N 47  
ASN CB  HB2  sing N N 48  
ASN CB  HB3  sing N N 49  
ASN CG  OD1  doub N N 50  
ASN CG  ND2  sing N N 51  
ASN ND2 HD21 sing N N 52  
ASN ND2 HD22 sing N N 53  
ASN OXT HXT  sing N N 54  
ASP N   CA   sing N N 55  
ASP N   H    sing N N 56  
ASP N   H2   sing N N 57  
ASP CA  C    sing N N 58  
ASP CA  CB   sing N N 59  
ASP CA  HA   sing N N 60  
ASP C   O    doub N N 61  
ASP C   OXT  sing N N 62  
ASP CB  CG   sing N N 63  
ASP CB  HB2  sing N N 64  
ASP CB  HB3  sing N N 65  
ASP CG  OD1  doub N N 66  
ASP CG  OD2  sing N N 67  
ASP OD2 HD2  sing N N 68  
ASP OXT HXT  sing N N 69  
CYS N   CA   sing N N 70  
CYS N   H    sing N N 71  
CYS N   H2   sing N N 72  
CYS CA  C    sing N N 73  
CYS CA  CB   sing N N 74  
CYS CA  HA   sing N N 75  
CYS C   O    doub N N 76  
CYS C   OXT  sing N N 77  
CYS CB  SG   sing N N 78  
CYS CB  HB2  sing N N 79  
CYS CB  HB3  sing N N 80  
CYS SG  HG   sing N N 81  
CYS OXT HXT  sing N N 82  
GLN N   CA   sing N N 83  
GLN N   H    sing N N 84  
GLN N   H2   sing N N 85  
GLN CA  C    sing N N 86  
GLN CA  CB   sing N N 87  
GLN CA  HA   sing N N 88  
GLN C   O    doub N N 89  
GLN C   OXT  sing N N 90  
GLN CB  CG   sing N N 91  
GLN CB  HB2  sing N N 92  
GLN CB  HB3  sing N N 93  
GLN CG  CD   sing N N 94  
GLN CG  HG2  sing N N 95  
GLN CG  HG3  sing N N 96  
GLN CD  OE1  doub N N 97  
GLN CD  NE2  sing N N 98  
GLN NE2 HE21 sing N N 99  
GLN NE2 HE22 sing N N 100 
GLN OXT HXT  sing N N 101 
GLU N   CA   sing N N 102 
GLU N   H    sing N N 103 
GLU N   H2   sing N N 104 
GLU CA  C    sing N N 105 
GLU CA  CB   sing N N 106 
GLU CA  HA   sing N N 107 
GLU C   O    doub N N 108 
GLU C   OXT  sing N N 109 
GLU CB  CG   sing N N 110 
GLU CB  HB2  sing N N 111 
GLU CB  HB3  sing N N 112 
GLU CG  CD   sing N N 113 
GLU CG  HG2  sing N N 114 
GLU CG  HG3  sing N N 115 
GLU CD  OE1  doub N N 116 
GLU CD  OE2  sing N N 117 
GLU OE2 HE2  sing N N 118 
GLU OXT HXT  sing N N 119 
GLY N   CA   sing N N 120 
GLY N   H    sing N N 121 
GLY N   H2   sing N N 122 
GLY CA  C    sing N N 123 
GLY CA  HA2  sing N N 124 
GLY CA  HA3  sing N N 125 
GLY C   O    doub N N 126 
GLY C   OXT  sing N N 127 
GLY OXT HXT  sing N N 128 
HIS N   CA   sing N N 129 
HIS N   H    sing N N 130 
HIS N   H2   sing N N 131 
HIS CA  C    sing N N 132 
HIS CA  CB   sing N N 133 
HIS CA  HA   sing N N 134 
HIS C   O    doub N N 135 
HIS C   OXT  sing N N 136 
HIS CB  CG   sing N N 137 
HIS CB  HB2  sing N N 138 
HIS CB  HB3  sing N N 139 
HIS CG  ND1  sing Y N 140 
HIS CG  CD2  doub Y N 141 
HIS ND1 CE1  doub Y N 142 
HIS ND1 HD1  sing N N 143 
HIS CD2 NE2  sing Y N 144 
HIS CD2 HD2  sing N N 145 
HIS CE1 NE2  sing Y N 146 
HIS CE1 HE1  sing N N 147 
HIS NE2 HE2  sing N N 148 
HIS OXT HXT  sing N N 149 
HOH O   H1   sing N N 150 
HOH O   H2   sing N N 151 
ILE N   CA   sing N N 152 
ILE N   H    sing N N 153 
ILE N   H2   sing N N 154 
ILE CA  C    sing N N 155 
ILE CA  CB   sing N N 156 
ILE CA  HA   sing N N 157 
ILE C   O    doub N N 158 
ILE C   OXT  sing N N 159 
ILE CB  CG1  sing N N 160 
ILE CB  CG2  sing N N 161 
ILE CB  HB   sing N N 162 
ILE CG1 CD1  sing N N 163 
ILE CG1 HG12 sing N N 164 
ILE CG1 HG13 sing N N 165 
ILE CG2 HG21 sing N N 166 
ILE CG2 HG22 sing N N 167 
ILE CG2 HG23 sing N N 168 
ILE CD1 HD11 sing N N 169 
ILE CD1 HD12 sing N N 170 
ILE CD1 HD13 sing N N 171 
ILE OXT HXT  sing N N 172 
LEU N   CA   sing N N 173 
LEU N   H    sing N N 174 
LEU N   H2   sing N N 175 
LEU CA  C    sing N N 176 
LEU CA  CB   sing N N 177 
LEU CA  HA   sing N N 178 
LEU C   O    doub N N 179 
LEU C   OXT  sing N N 180 
LEU CB  CG   sing N N 181 
LEU CB  HB2  sing N N 182 
LEU CB  HB3  sing N N 183 
LEU CG  CD1  sing N N 184 
LEU CG  CD2  sing N N 185 
LEU CG  HG   sing N N 186 
LEU CD1 HD11 sing N N 187 
LEU CD1 HD12 sing N N 188 
LEU CD1 HD13 sing N N 189 
LEU CD2 HD21 sing N N 190 
LEU CD2 HD22 sing N N 191 
LEU CD2 HD23 sing N N 192 
LEU OXT HXT  sing N N 193 
LYS N   CA   sing N N 194 
LYS N   H    sing N N 195 
LYS N   H2   sing N N 196 
LYS CA  C    sing N N 197 
LYS CA  CB   sing N N 198 
LYS CA  HA   sing N N 199 
LYS C   O    doub N N 200 
LYS C   OXT  sing N N 201 
LYS CB  CG   sing N N 202 
LYS CB  HB2  sing N N 203 
LYS CB  HB3  sing N N 204 
LYS CG  CD   sing N N 205 
LYS CG  HG2  sing N N 206 
LYS CG  HG3  sing N N 207 
LYS CD  CE   sing N N 208 
LYS CD  HD2  sing N N 209 
LYS CD  HD3  sing N N 210 
LYS CE  NZ   sing N N 211 
LYS CE  HE2  sing N N 212 
LYS CE  HE3  sing N N 213 
LYS NZ  HZ1  sing N N 214 
LYS NZ  HZ2  sing N N 215 
LYS NZ  HZ3  sing N N 216 
LYS OXT HXT  sing N N 217 
MSE N   CA   sing N N 218 
MSE N   H    sing N N 219 
MSE N   H2   sing N N 220 
MSE CA  C    sing N N 221 
MSE CA  CB   sing N N 222 
MSE CA  HA   sing N N 223 
MSE C   O    doub N N 224 
MSE C   OXT  sing N N 225 
MSE OXT HXT  sing N N 226 
MSE CB  CG   sing N N 227 
MSE CB  HB2  sing N N 228 
MSE CB  HB3  sing N N 229 
MSE CG  SE   sing N N 230 
MSE CG  HG2  sing N N 231 
MSE CG  HG3  sing N N 232 
MSE SE  CE   sing N N 233 
MSE CE  HE1  sing N N 234 
MSE CE  HE2  sing N N 235 
MSE CE  HE3  sing N N 236 
PHE N   CA   sing N N 237 
PHE N   H    sing N N 238 
PHE N   H2   sing N N 239 
PHE CA  C    sing N N 240 
PHE CA  CB   sing N N 241 
PHE CA  HA   sing N N 242 
PHE C   O    doub N N 243 
PHE C   OXT  sing N N 244 
PHE CB  CG   sing N N 245 
PHE CB  HB2  sing N N 246 
PHE CB  HB3  sing N N 247 
PHE CG  CD1  doub Y N 248 
PHE CG  CD2  sing Y N 249 
PHE CD1 CE1  sing Y N 250 
PHE CD1 HD1  sing N N 251 
PHE CD2 CE2  doub Y N 252 
PHE CD2 HD2  sing N N 253 
PHE CE1 CZ   doub Y N 254 
PHE CE1 HE1  sing N N 255 
PHE CE2 CZ   sing Y N 256 
PHE CE2 HE2  sing N N 257 
PHE CZ  HZ   sing N N 258 
PHE OXT HXT  sing N N 259 
PRO N   CA   sing N N 260 
PRO N   CD   sing N N 261 
PRO N   H    sing N N 262 
PRO CA  C    sing N N 263 
PRO CA  CB   sing N N 264 
PRO CA  HA   sing N N 265 
PRO C   O    doub N N 266 
PRO C   OXT  sing N N 267 
PRO CB  CG   sing N N 268 
PRO CB  HB2  sing N N 269 
PRO CB  HB3  sing N N 270 
PRO CG  CD   sing N N 271 
PRO CG  HG2  sing N N 272 
PRO CG  HG3  sing N N 273 
PRO CD  HD2  sing N N 274 
PRO CD  HD3  sing N N 275 
PRO OXT HXT  sing N N 276 
SER N   CA   sing N N 277 
SER N   H    sing N N 278 
SER N   H2   sing N N 279 
SER CA  C    sing N N 280 
SER CA  CB   sing N N 281 
SER CA  HA   sing N N 282 
SER C   O    doub N N 283 
SER C   OXT  sing N N 284 
SER CB  OG   sing N N 285 
SER CB  HB2  sing N N 286 
SER CB  HB3  sing N N 287 
SER OG  HG   sing N N 288 
SER OXT HXT  sing N N 289 
THR N   CA   sing N N 290 
THR N   H    sing N N 291 
THR N   H2   sing N N 292 
THR CA  C    sing N N 293 
THR CA  CB   sing N N 294 
THR CA  HA   sing N N 295 
THR C   O    doub N N 296 
THR C   OXT  sing N N 297 
THR CB  OG1  sing N N 298 
THR CB  CG2  sing N N 299 
THR CB  HB   sing N N 300 
THR OG1 HG1  sing N N 301 
THR CG2 HG21 sing N N 302 
THR CG2 HG22 sing N N 303 
THR CG2 HG23 sing N N 304 
THR OXT HXT  sing N N 305 
TRP N   CA   sing N N 306 
TRP N   H    sing N N 307 
TRP N   H2   sing N N 308 
TRP CA  C    sing N N 309 
TRP CA  CB   sing N N 310 
TRP CA  HA   sing N N 311 
TRP C   O    doub N N 312 
TRP C   OXT  sing N N 313 
TRP CB  CG   sing N N 314 
TRP CB  HB2  sing N N 315 
TRP CB  HB3  sing N N 316 
TRP CG  CD1  doub Y N 317 
TRP CG  CD2  sing Y N 318 
TRP CD1 NE1  sing Y N 319 
TRP CD1 HD1  sing N N 320 
TRP CD2 CE2  doub Y N 321 
TRP CD2 CE3  sing Y N 322 
TRP NE1 CE2  sing Y N 323 
TRP NE1 HE1  sing N N 324 
TRP CE2 CZ2  sing Y N 325 
TRP CE3 CZ3  doub Y N 326 
TRP CE3 HE3  sing N N 327 
TRP CZ2 CH2  doub Y N 328 
TRP CZ2 HZ2  sing N N 329 
TRP CZ3 CH2  sing Y N 330 
TRP CZ3 HZ3  sing N N 331 
TRP CH2 HH2  sing N N 332 
TRP OXT HXT  sing N N 333 
TYR N   CA   sing N N 334 
TYR N   H    sing N N 335 
TYR N   H2   sing N N 336 
TYR CA  C    sing N N 337 
TYR CA  CB   sing N N 338 
TYR CA  HA   sing N N 339 
TYR C   O    doub N N 340 
TYR C   OXT  sing N N 341 
TYR CB  CG   sing N N 342 
TYR CB  HB2  sing N N 343 
TYR CB  HB3  sing N N 344 
TYR CG  CD1  doub Y N 345 
TYR CG  CD2  sing Y N 346 
TYR CD1 CE1  sing Y N 347 
TYR CD1 HD1  sing N N 348 
TYR CD2 CE2  doub Y N 349 
TYR CD2 HD2  sing N N 350 
TYR CE1 CZ   doub Y N 351 
TYR CE1 HE1  sing N N 352 
TYR CE2 CZ   sing Y N 353 
TYR CE2 HE2  sing N N 354 
TYR CZ  OH   sing N N 355 
TYR OH  HH   sing N N 356 
TYR OXT HXT  sing N N 357 
VAL N   CA   sing N N 358 
VAL N   H    sing N N 359 
VAL N   H2   sing N N 360 
VAL CA  C    sing N N 361 
VAL CA  CB   sing N N 362 
VAL CA  HA   sing N N 363 
VAL C   O    doub N N 364 
VAL C   OXT  sing N N 365 
VAL CB  CG1  sing N N 366 
VAL CB  CG2  sing N N 367 
VAL CB  HB   sing N N 368 
VAL CG1 HG11 sing N N 369 
VAL CG1 HG12 sing N N 370 
VAL CG1 HG13 sing N N 371 
VAL CG2 HG21 sing N N 372 
VAL CG2 HG22 sing N N 373 
VAL CG2 HG23 sing N N 374 
VAL OXT HXT  sing N N 375 
# 
_atom_sites.entry_id                    2O6W 
_atom_sites.fract_transf_matrix[1][1]   -0.00603923 
_atom_sites.fract_transf_matrix[1][2]   0.00428992 
_atom_sites.fract_transf_matrix[1][3]   0.00578493 
_atom_sites.fract_transf_matrix[2][1]   -0.00018911 
_atom_sites.fract_transf_matrix[2][2]   0.00745259 
_atom_sites.fract_transf_matrix[2][3]   -0.00572402 
_atom_sites.fract_transf_matrix[3][1]   -0.01461276 
_atom_sites.fract_transf_matrix[3][2]   -0.00770123 
_atom_sites.fract_transf_matrix[3][3]   -0.00954412 
_atom_sites.fract_transf_vector[1]      -0.141300 
_atom_sites.fract_transf_vector[2]      0.084747 
_atom_sites.fract_transf_vector[3]      0.205480 
# 
loop_
_atom_type.symbol 
AS 
C  
N  
O  
S  
SE 
# 
loop_
_atom_site.group_PDB 
_atom_site.id 
_atom_site.type_symbol 
_atom_site.label_atom_id 
_atom_site.label_alt_id 
_atom_site.label_comp_id 
_atom_site.label_asym_id 
_atom_site.label_entity_id 
_atom_site.label_seq_id 
_atom_site.pdbx_PDB_ins_code 
_atom_site.Cartn_x 
_atom_site.Cartn_y 
_atom_site.Cartn_z 
_atom_site.occupancy 
_atom_site.B_iso_or_equiv 
_atom_site.pdbx_formal_charge 
_atom_site.auth_seq_id 
_atom_site.auth_comp_id 
_atom_site.auth_asym_id 
_atom_site.auth_atom_id 
_atom_site.pdbx_PDB_model_num 
ATOM   1    N  N   . ALA A 1 1   ? 18.699  -5.623  -9.939  1.00 35.63  ? 25  ALA A N   1 
ATOM   2    C  CA  . ALA A 1 1   ? 18.485  -4.406  -10.768 1.00 36.76  ? 25  ALA A CA  1 
ATOM   3    C  C   . ALA A 1 1   ? 17.035  -3.922  -10.716 1.00 37.50  ? 25  ALA A C   1 
ATOM   4    O  O   . ALA A 1 1   ? 16.103  -4.723  -10.676 1.00 35.72  ? 25  ALA A O   1 
ATOM   5    C  CB  . ALA A 1 1   ? 18.886  -4.682  -12.207 1.00 37.62  ? 25  ALA A CB  1 
HETATM 6    N  N   . MSE A 1 2   ? 16.856  -2.606  -10.724 1.00 37.99  ? 26  MSE A N   1 
HETATM 7    C  CA  . MSE A 1 2   ? 15.529  -2.018  -10.682 1.00 39.90  ? 26  MSE A CA  1 
HETATM 8    C  C   . MSE A 1 2   ? 14.651  -2.559  -11.806 1.00 40.01  ? 26  MSE A C   1 
HETATM 9    O  O   . MSE A 1 2   ? 13.461  -2.827  -11.620 1.00 38.53  ? 26  MSE A O   1 
HETATM 10   C  CB  . MSE A 1 2   ? 15.621  -0.500  -10.809 1.00 42.96  ? 26  MSE A CB  1 
HETATM 11   C  CG  . MSE A 1 2   ? 14.272  0.190   -10.740 1.00 49.87  ? 26  MSE A CG  1 
HETATM 12   SE SE  . MSE A 1 2   ? 13.237  -0.372  -9.180  1.00 65.03  ? 26  MSE A SE  1 
HETATM 13   C  CE  . MSE A 1 2   ? 14.380  0.333   -7.763  1.00 57.07  ? 26  MSE A CE  1 
ATOM   14   N  N   . THR A 1 3   ? 15.251  -2.706  -12.979 1.00 39.55  ? 27  THR A N   1 
ATOM   15   C  CA  . THR A 1 3   ? 14.550  -3.211  -14.148 1.00 40.33  ? 27  THR A CA  1 
ATOM   16   C  C   . THR A 1 3   ? 13.945  -4.590  -13.845 1.00 40.04  ? 27  THR A C   1 
ATOM   17   O  O   . THR A 1 3   ? 12.805  -4.870  -14.209 1.00 39.95  ? 27  THR A O   1 
ATOM   18   C  CB  . THR A 1 3   ? 15.527  -3.296  -15.345 1.00 41.16  ? 27  THR A CB  1 
ATOM   19   O  OG1 . THR A 1 3   ? 14.808  -3.620  -16.536 1.00 47.23  ? 27  THR A OG1 1 
ATOM   20   C  CG2 . THR A 1 3   ? 16.590  -4.341  -15.088 1.00 38.79  ? 27  THR A CG2 1 
ATOM   21   N  N   . ASN A 1 4   ? 14.707  -5.435  -13.156 1.00 39.44  ? 28  ASN A N   1 
ATOM   22   C  CA  . ASN A 1 4   ? 14.248  -6.768  -12.797 1.00 39.92  ? 28  ASN A CA  1 
ATOM   23   C  C   . ASN A 1 4   ? 13.127  -6.713  -11.758 1.00 39.87  ? 28  ASN A C   1 
ATOM   24   O  O   . ASN A 1 4   ? 12.196  -7.519  -11.799 1.00 38.95  ? 28  ASN A O   1 
ATOM   25   C  CB  . ASN A 1 4   ? 15.416  -7.606  -12.260 1.00 41.36  ? 28  ASN A CB  1 
ATOM   26   C  CG  . ASN A 1 4   ? 15.021  -9.053  -11.989 1.00 44.85  ? 28  ASN A CG  1 
ATOM   27   O  OD1 . ASN A 1 4   ? 14.721  -9.433  -10.849 1.00 44.67  ? 28  ASN A OD1 1 
ATOM   28   N  ND2 . ASN A 1 4   ? 15.010  -9.868  -13.044 1.00 44.44  ? 28  ASN A ND2 1 
ATOM   29   N  N   . ASN A 1 5   ? 13.219  -5.773  -10.820 1.00 40.14  ? 29  ASN A N   1 
ATOM   30   C  CA  . ASN A 1 5   ? 12.188  -5.634  -9.797  1.00 40.16  ? 29  ASN A CA  1 
ATOM   31   C  C   . ASN A 1 5   ? 10.873  -5.233  -10.454 1.00 39.53  ? 29  ASN A C   1 
ATOM   32   O  O   . ASN A 1 5   ? 9.824   -5.790  -10.149 1.00 39.77  ? 29  ASN A O   1 
ATOM   33   C  CB  . ASN A 1 5   ? 12.589  -4.587  -8.752  1.00 40.13  ? 29  ASN A CB  1 
ATOM   34   C  CG  . ASN A 1 5   ? 13.808  -4.999  -7.954  1.00 41.28  ? 29  ASN A CG  1 
ATOM   35   O  OD1 . ASN A 1 5   ? 14.176  -6.172  -7.922  1.00 43.66  ? 29  ASN A OD1 1 
ATOM   36   N  ND2 . ASN A 1 5   ? 14.439  -4.034  -7.296  1.00 43.16  ? 29  ASN A ND2 1 
ATOM   37   N  N   . LEU A 1 6   ? 10.945  -4.275  -11.370 1.00 40.24  ? 30  LEU A N   1 
ATOM   38   C  CA  . LEU A 1 6   ? 9.765   -3.808  -12.075 1.00 41.68  ? 30  LEU A CA  1 
ATOM   39   C  C   . LEU A 1 6   ? 9.127   -4.931  -12.882 1.00 42.35  ? 30  LEU A C   1 
ATOM   40   O  O   . LEU A 1 6   ? 7.908   -4.984  -13.020 1.00 40.72  ? 30  LEU A O   1 
ATOM   41   C  CB  . LEU A 1 6   ? 10.127  -2.650  -13.006 1.00 40.78  ? 30  LEU A CB  1 
ATOM   42   C  CG  . LEU A 1 6   ? 10.650  -1.379  -12.333 1.00 41.27  ? 30  LEU A CG  1 
ATOM   43   C  CD1 . LEU A 1 6   ? 10.989  -0.347  -13.397 1.00 41.97  ? 30  LEU A CD1 1 
ATOM   44   C  CD2 . LEU A 1 6   ? 9.612   -0.830  -11.377 1.00 38.58  ? 30  LEU A CD2 1 
ATOM   45   N  N   . TYR A 1 7   ? 9.955   -5.828  -13.409 1.00 43.26  ? 31  TYR A N   1 
ATOM   46   C  CA  . TYR A 1 7   ? 9.449   -6.938  -14.202 1.00 44.77  ? 31  TYR A CA  1 
ATOM   47   C  C   . TYR A 1 7   ? 8.726   -7.933  -13.315 1.00 44.12  ? 31  TYR A C   1 
ATOM   48   O  O   . TYR A 1 7   ? 7.665   -8.434  -13.670 1.00 43.09  ? 31  TYR A O   1 
ATOM   49   C  CB  . TYR A 1 7   ? 10.585  -7.655  -14.924 1.00 47.88  ? 31  TYR A CB  1 
ATOM   50   C  CG  . TYR A 1 7   ? 10.101  -8.712  -15.888 1.00 52.36  ? 31  TYR A CG  1 
ATOM   51   C  CD1 . TYR A 1 7   ? 9.410   -8.357  -17.046 1.00 54.76  ? 31  TYR A CD1 1 
ATOM   52   C  CD2 . TYR A 1 7   ? 10.349  -10.065 -15.655 1.00 55.60  ? 31  TYR A CD2 1 
ATOM   53   C  CE1 . TYR A 1 7   ? 8.984   -9.319  -17.954 1.00 56.40  ? 31  TYR A CE1 1 
ATOM   54   C  CE2 . TYR A 1 7   ? 9.927   -11.039 -16.559 1.00 57.91  ? 31  TYR A CE2 1 
ATOM   55   C  CZ  . TYR A 1 7   ? 9.248   -10.654 -17.705 1.00 59.14  ? 31  TYR A CZ  1 
ATOM   56   O  OH  . TYR A 1 7   ? 8.851   -11.610 -18.617 1.00 64.51  ? 31  TYR A OH  1 
ATOM   57   N  N   . ARG A 1 8   ? 9.313   -8.227  -12.162 1.00 44.51  ? 32  ARG A N   1 
ATOM   58   C  CA  . ARG A 1 8   ? 8.702   -9.154  -11.229 1.00 45.78  ? 32  ARG A CA  1 
ATOM   59   C  C   . ARG A 1 8   ? 7.364   -8.592  -10.770 1.00 46.73  ? 32  ARG A C   1 
ATOM   60   O  O   . ARG A 1 8   ? 6.421   -9.336  -10.536 1.00 47.51  ? 32  ARG A O   1 
ATOM   61   C  CB  . ARG A 1 8   ? 9.618   -9.375  -10.024 1.00 44.97  ? 32  ARG A CB  1 
ATOM   62   C  CG  . ARG A 1 8   ? 10.887  -10.141 -10.344 1.00 45.96  ? 32  ARG A CG  1 
ATOM   63   C  CD  . ARG A 1 8   ? 11.920  -9.970  -9.242  1.00 46.28  ? 32  ARG A CD  1 
ATOM   64   N  NE  . ARG A 1 8   ? 11.450  -10.442 -7.945  1.00 47.53  ? 32  ARG A NE  1 
ATOM   65   C  CZ  . ARG A 1 8   ? 12.033  -10.137 -6.790  1.00 47.97  ? 32  ARG A CZ  1 
ATOM   66   N  NH1 . ARG A 1 8   ? 13.107  -9.357  -6.780  1.00 47.27  ? 32  ARG A NH1 1 
ATOM   67   N  NH2 . ARG A 1 8   ? 11.543  -10.601 -5.646  1.00 47.93  ? 32  ARG A NH2 1 
ATOM   68   N  N   . LEU A 1 9   ? 7.283   -7.273  -10.649 1.00 48.12  ? 33  LEU A N   1 
ATOM   69   C  CA  . LEU A 1 9   ? 6.049   -6.631  -10.212 1.00 51.26  ? 33  LEU A CA  1 
ATOM   70   C  C   . LEU A 1 9   ? 4.942   -6.692  -11.252 1.00 52.48  ? 33  LEU A C   1 
ATOM   71   O  O   . LEU A 1 9   ? 3.804   -7.038  -10.943 1.00 52.78  ? 33  LEU A O   1 
ATOM   72   C  CB  . LEU A 1 9   ? 6.296   -5.164  -9.869  1.00 50.97  ? 33  LEU A CB  1 
ATOM   73   C  CG  . LEU A 1 9   ? 6.411   -4.752  -8.410  1.00 51.85  ? 33  LEU A CG  1 
ATOM   74   C  CD1 . LEU A 1 9   ? 6.667   -3.263  -8.382  1.00 52.07  ? 33  LEU A CD1 1 
ATOM   75   C  CD2 . LEU A 1 9   ? 5.137   -5.095  -7.633  1.00 51.06  ? 33  LEU A CD2 1 
ATOM   76   N  N   . GLU A 1 10  ? 5.282   -6.338  -12.483 1.00 53.93  ? 34  GLU A N   1 
ATOM   77   C  CA  . GLU A 1 10  ? 4.313   -6.329  -13.564 1.00 56.68  ? 34  GLU A CA  1 
ATOM   78   C  C   . GLU A 1 10  ? 3.880   -7.728  -13.984 1.00 56.24  ? 34  GLU A C   1 
ATOM   79   O  O   . GLU A 1 10  ? 2.694   -7.975  -14.194 1.00 57.64  ? 34  GLU A O   1 
ATOM   80   C  CB  . GLU A 1 10  ? 4.890   -5.586  -14.770 1.00 58.74  ? 34  GLU A CB  1 
ATOM   81   C  CG  . GLU A 1 10  ? 3.915   -5.397  -15.922 1.00 63.87  ? 34  GLU A CG  1 
ATOM   82   C  CD  . GLU A 1 10  ? 2.812   -4.400  -15.611 1.00 67.13  ? 34  GLU A CD  1 
ATOM   83   O  OE1 . GLU A 1 10  ? 1.964   -4.155  -16.500 1.00 69.53  ? 34  GLU A OE1 1 
ATOM   84   O  OE2 . GLU A 1 10  ? 2.793   -3.859  -14.482 1.00 69.44  ? 34  GLU A OE2 1 
ATOM   85   N  N   . LEU A 1 11  ? 4.835   -8.645  -14.090 1.00 55.40  ? 35  LEU A N   1 
ATOM   86   C  CA  . LEU A 1 11  ? 4.531   -10.002 -14.520 1.00 55.37  ? 35  LEU A CA  1 
ATOM   87   C  C   . LEU A 1 11  ? 4.246   -11.010 -13.408 1.00 54.17  ? 35  LEU A C   1 
ATOM   88   O  O   . LEU A 1 11  ? 3.202   -11.659 -13.413 1.00 54.91  ? 35  LEU A O   1 
ATOM   89   C  CB  . LEU A 1 11  ? 5.671   -10.532 -15.387 1.00 58.04  ? 35  LEU A CB  1 
ATOM   90   C  CG  . LEU A 1 11  ? 5.460   -11.943 -15.942 1.00 61.07  ? 35  LEU A CG  1 
ATOM   91   C  CD1 . LEU A 1 11  ? 4.385   -11.910 -17.027 1.00 61.65  ? 35  LEU A CD1 1 
ATOM   92   C  CD2 . LEU A 1 11  ? 6.767   -12.473 -16.503 1.00 62.54  ? 35  LEU A CD2 1 
ATOM   93   N  N   . GLU A 1 12  ? 5.179   -11.145 -12.471 1.00 52.46  ? 36  GLU A N   1 
ATOM   94   C  CA  . GLU A 1 12  ? 5.044   -12.087 -11.364 1.00 50.71  ? 36  GLU A CA  1 
ATOM   95   C  C   . GLU A 1 12  ? 4.131   -11.598 -10.246 1.00 48.56  ? 36  GLU A C   1 
ATOM   96   O  O   . GLU A 1 12  ? 3.810   -12.358 -9.333  1.00 47.20  ? 36  GLU A O   1 
ATOM   97   C  CB  . GLU A 1 12  ? 6.416   -12.395 -10.763 1.00 54.79  ? 36  GLU A CB  1 
ATOM   98   C  CG  . GLU A 1 12  ? 7.431   -12.945 -11.744 1.00 61.36  ? 36  GLU A CG  1 
ATOM   99   C  CD  . GLU A 1 12  ? 6.907   -14.140 -12.500 1.00 64.68  ? 36  GLU A CD  1 
ATOM   100  O  OE1 . GLU A 1 12  ? 6.407   -15.086 -11.844 1.00 66.16  ? 36  GLU A OE1 1 
ATOM   101  O  OE2 . GLU A 1 12  ? 7.003   -14.135 -13.749 1.00 67.41  ? 36  GLU A OE2 1 
ATOM   102  N  N   . ARG A 1 13  ? 3.733   -10.331 -10.302 1.00 46.07  ? 37  ARG A N   1 
ATOM   103  C  CA  . ARG A 1 13  ? 2.860   -9.757  -9.276  1.00 44.36  ? 37  ARG A CA  1 
ATOM   104  C  C   . ARG A 1 13  ? 3.481   -9.883  -7.893  1.00 42.44  ? 37  ARG A C   1 
ATOM   105  O  O   . ARG A 1 13  ? 2.785   -10.196 -6.930  1.00 42.25  ? 37  ARG A O   1 
ATOM   106  C  CB  . ARG A 1 13  ? 1.512   -10.474 -9.255  1.00 44.65  ? 37  ARG A CB  1 
ATOM   107  C  CG  . ARG A 1 13  ? 0.837   -10.581 -10.594 1.00 45.65  ? 37  ARG A CG  1 
ATOM   108  C  CD  . ARG A 1 13  ? -0.100  -9.444  -10.798 1.00 43.30  ? 37  ARG A CD  1 
ATOM   109  N  NE  . ARG A 1 13  ? -1.164  -9.455  -9.803  1.00 43.47  ? 37  ARG A NE  1 
ATOM   110  C  CZ  . ARG A 1 13  ? -2.044  -8.470  -9.664  1.00 42.82  ? 37  ARG A CZ  1 
ATOM   111  N  NH1 . ARG A 1 13  ? -2.986  -8.539  -8.737  1.00 43.49  ? 37  ARG A NH1 1 
ATOM   112  N  NH2 . ARG A 1 13  ? -1.969  -7.407  -10.453 1.00 39.21  ? 37  ARG A NH2 1 
ATOM   113  N  N   . GLU A 1 14  ? 4.786   -9.660  -7.793  1.00 41.92  ? 38  GLU A N   1 
ATOM   114  C  CA  . GLU A 1 14  ? 5.466   -9.748  -6.505  1.00 41.57  ? 38  GLU A CA  1 
ATOM   115  C  C   . GLU A 1 14  ? 6.815   -9.045  -6.533  1.00 40.95  ? 38  GLU A C   1 
ATOM   116  O  O   . GLU A 1 14  ? 7.319   -8.675  -7.591  1.00 40.81  ? 38  GLU A O   1 
ATOM   117  C  CB  . GLU A 1 14  ? 5.669   -11.213 -6.101  1.00 41.38  ? 38  GLU A CB  1 
ATOM   118  C  CG  . GLU A 1 14  ? 6.689   -11.970 -6.959  1.00 43.15  ? 38  GLU A CG  1 
ATOM   119  C  CD  . GLU A 1 14  ? 8.137   -11.749 -6.520  1.00 43.93  ? 38  GLU A CD  1 
ATOM   120  O  OE1 . GLU A 1 14  ? 9.046   -11.868 -7.374  1.00 40.44  ? 38  GLU A OE1 1 
ATOM   121  O  OE2 . GLU A 1 14  ? 8.366   -11.473 -5.322  1.00 44.74  ? 38  GLU A OE2 1 
ATOM   122  N  N   . CYS A 1 15  ? 7.381   -8.860  -5.349  1.00 41.43  ? 39  CYS A N   1 
ATOM   123  C  CA  . CYS A 1 15  ? 8.685   -8.241  -5.187  1.00 40.07  ? 39  CYS A CA  1 
ATOM   124  C  C   . CYS A 1 15  ? 9.062   -8.318  -3.712  1.00 37.84  ? 39  CYS A C   1 
ATOM   125  O  O   . CYS A 1 15  ? 9.434   -7.324  -3.094  1.00 35.27  ? 39  CYS A O   1 
ATOM   126  C  CB  . CYS A 1 15  ? 8.667   -6.786  -5.655  1.00 44.31  ? 39  CYS A CB  1 
ATOM   127  S  SG  . CYS A 1 15  ? 10.223  -6.312  -6.479  1.00 47.47  ? 39  CYS A SG  1 
ATOM   128  N  N   . VAL A 1 16  ? 8.948   -9.521  -3.161  1.00 37.47  ? 40  VAL A N   1 
ATOM   129  C  CA  . VAL A 1 16  ? 9.262   -9.780  -1.764  1.00 38.05  ? 40  VAL A CA  1 
ATOM   130  C  C   . VAL A 1 16  ? 10.698  -9.374  -1.441  1.00 38.77  ? 40  VAL A C   1 
ATOM   131  O  O   . VAL A 1 16  ? 11.629  -9.733  -2.164  1.00 40.89  ? 40  VAL A O   1 
ATOM   132  C  CB  . VAL A 1 16  ? 9.064   -11.288 -1.431  1.00 38.62  ? 40  VAL A CB  1 
ATOM   133  C  CG1 . VAL A 1 16  ? 9.435   -11.573 0.023   1.00 36.42  ? 40  VAL A CG1 1 
ATOM   134  C  CG2 . VAL A 1 16  ? 7.614   -11.687 -1.688  1.00 36.01  ? 40  VAL A CG2 1 
ATOM   135  N  N   . GLY A 1 17  ? 10.863  -8.613  -0.362  1.00 37.87  ? 41  GLY A N   1 
ATOM   136  C  CA  . GLY A 1 17  ? 12.180  -8.174  0.067   1.00 37.07  ? 41  GLY A CA  1 
ATOM   137  C  C   . GLY A 1 17  ? 12.919  -7.215  -0.852  1.00 37.32  ? 41  GLY A C   1 
ATOM   138  O  O   . GLY A 1 17  ? 14.058  -6.861  -0.569  1.00 36.70  ? 41  GLY A O   1 
ATOM   139  N  N   . CYS A 1 18  ? 12.288  -6.793  -1.944  1.00 37.72  ? 42  CYS A N   1 
ATOM   140  C  CA  . CYS A 1 18  ? 12.930  -5.876  -2.881  1.00 40.51  ? 42  CYS A CA  1 
ATOM   141  C  C   . CYS A 1 18  ? 13.260  -4.538  -2.216  1.00 39.70  ? 42  CYS A C   1 
ATOM   142  O  O   . CYS A 1 18  ? 12.629  -4.143  -1.236  1.00 40.03  ? 42  CYS A O   1 
ATOM   143  C  CB  . CYS A 1 18  ? 12.017  -5.606  -4.093  1.00 42.03  ? 42  CYS A CB  1 
ATOM   144  S  SG  . CYS A 1 18  ? 11.681  -7.009  -5.223  1.00 53.30  ? 42  CYS A SG  1 
ATOM   145  N  N   . ASN A 1 19  ? 14.263  -3.856  -2.751  1.00 40.19  ? 43  ASN A N   1 
ATOM   146  C  CA  . ASN A 1 19  ? 14.642  -2.547  -2.258  1.00 41.46  ? 43  ASN A CA  1 
ATOM   147  C  C   . ASN A 1 19  ? 14.119  -1.548  -3.274  1.00 41.02  ? 43  ASN A C   1 
ATOM   148  O  O   . ASN A 1 19  ? 14.680  -1.394  -4.359  1.00 42.41  ? 43  ASN A O   1 
ATOM   149  C  CB  . ASN A 1 19  ? 16.159  -2.445  -2.110  1.00 44.48  ? 43  ASN A CB  1 
ATOM   150  C  CG  . ASN A 1 19  ? 16.666  -3.186  -0.880  1.00 50.03  ? 43  ASN A CG  1 
ATOM   151  O  OD1 . ASN A 1 19  ? 16.260  -2.882  0.249   1.00 50.87  ? 43  ASN A OD1 1 
ATOM   152  N  ND2 . ASN A 1 19  ? 17.543  -4.169  -1.089  1.00 50.66  ? 43  ASN A ND2 1 
ATOM   153  N  N   . LEU A 1 20  ? 13.024  -0.886  -2.916  1.00 39.23  ? 44  LEU A N   1 
ATOM   154  C  CA  . LEU A 1 20  ? 12.379  0.080   -3.789  1.00 37.95  ? 44  LEU A CA  1 
ATOM   155  C  C   . LEU A 1 20  ? 12.319  1.455   -3.147  1.00 37.75  ? 44  LEU A C   1 
ATOM   156  O  O   . LEU A 1 20  ? 11.377  2.213   -3.377  1.00 40.25  ? 44  LEU A O   1 
ATOM   157  C  CB  . LEU A 1 20  ? 10.961  -0.398  -4.106  1.00 37.32  ? 44  LEU A CB  1 
ATOM   158  C  CG  . LEU A 1 20  ? 10.865  -1.810  -4.687  1.00 38.49  ? 44  LEU A CG  1 
ATOM   159  C  CD1 . LEU A 1 20  ? 9.431   -2.313  -4.618  1.00 37.30  ? 44  LEU A CD1 1 
ATOM   160  C  CD2 . LEU A 1 20  ? 11.375  -1.798  -6.118  1.00 36.43  ? 44  LEU A CD2 1 
ATOM   161  N  N   . GLU A 1 21  ? 13.325  1.780   -2.347  1.00 37.68  ? 45  GLU A N   1 
ATOM   162  C  CA  . GLU A 1 21  ? 13.371  3.067   -1.662  1.00 36.92  ? 45  GLU A CA  1 
ATOM   163  C  C   . GLU A 1 21  ? 13.352  4.249   -2.634  1.00 34.48  ? 45  GLU A C   1 
ATOM   164  O  O   . GLU A 1 21  ? 14.113  4.285   -3.592  1.00 33.05  ? 45  GLU A O   1 
ATOM   165  C  CB  . GLU A 1 21  ? 14.636  3.177   -0.803  1.00 41.52  ? 45  GLU A CB  1 
ATOM   166  C  CG  . GLU A 1 21  ? 14.981  1.963   0.064   1.00 50.97  ? 45  GLU A CG  1 
ATOM   167  C  CD  . GLU A 1 21  ? 15.560  0.779   -0.732  1.00 56.39  ? 45  GLU A CD  1 
ATOM   168  O  OE1 . GLU A 1 21  ? 16.074  0.978   -1.863  1.00 56.93  ? 45  GLU A OE1 1 
ATOM   169  O  OE2 . GLU A 1 21  ? 15.516  -0.355  -0.203  1.00 59.55  ? 45  GLU A OE2 1 
ATOM   170  N  N   . GLY A 1 22  ? 12.481  5.215   -2.374  1.00 32.96  ? 46  GLY A N   1 
ATOM   171  C  CA  . GLY A 1 22  ? 12.413  6.392   -3.213  1.00 31.38  ? 46  GLY A CA  1 
ATOM   172  C  C   . GLY A 1 22  ? 11.899  6.258   -4.635  1.00 31.71  ? 46  GLY A C   1 
ATOM   173  O  O   . GLY A 1 22  ? 11.998  7.223   -5.396  1.00 31.18  ? 46  GLY A O   1 
ATOM   174  N  N   . VAL A 1 23  ? 11.354  5.104   -5.018  1.00 30.48  ? 47  VAL A N   1 
ATOM   175  C  CA  . VAL A 1 23  ? 10.848  4.971   -6.382  1.00 31.14  ? 47  VAL A CA  1 
ATOM   176  C  C   . VAL A 1 23  ? 9.620   5.844   -6.593  1.00 32.64  ? 47  VAL A C   1 
ATOM   177  O  O   . VAL A 1 23  ? 8.898   6.172   -5.646  1.00 34.18  ? 47  VAL A O   1 
ATOM   178  C  CB  . VAL A 1 23  ? 10.453  3.515   -6.760  1.00 32.19  ? 47  VAL A CB  1 
ATOM   179  C  CG1 . VAL A 1 23  ? 11.678  2.622   -6.749  1.00 29.85  ? 47  VAL A CG1 1 
ATOM   180  C  CG2 . VAL A 1 23  ? 9.367   2.998   -5.825  1.00 30.90  ? 47  VAL A CG2 1 
ATOM   181  N  N   . ASN A 1 24  ? 9.394   6.221   -7.845  1.00 32.67  ? 48  ASN A N   1 
ATOM   182  C  CA  . ASN A 1 24  ? 8.258   7.053   -8.206  1.00 33.16  ? 48  ASN A CA  1 
ATOM   183  C  C   . ASN A 1 24  ? 7.248   6.214   -8.985  1.00 33.37  ? 48  ASN A C   1 
ATOM   184  O  O   . ASN A 1 24  ? 7.365   6.045   -10.199 1.00 34.02  ? 48  ASN A O   1 
ATOM   185  C  CB  . ASN A 1 24  ? 8.726   8.231   -9.064  1.00 33.46  ? 48  ASN A CB  1 
ATOM   186  C  CG  . ASN A 1 24  ? 7.662   9.299   -9.216  1.00 36.08  ? 48  ASN A CG  1 
ATOM   187  O  OD1 . ASN A 1 24  ? 7.112   9.780   -8.225  1.00 39.51  ? 48  ASN A OD1 1 
ATOM   188  N  ND2 . ASN A 1 24  ? 7.371   9.685   -10.456 1.00 33.76  ? 48  ASN A ND2 1 
ATOM   189  N  N   . LEU A 1 25  ? 6.262   5.677   -8.277  1.00 32.22  ? 49  LEU A N   1 
ATOM   190  C  CA  . LEU A 1 25  ? 5.237   4.862   -8.914  1.00 31.36  ? 49  LEU A CA  1 
ATOM   191  C  C   . LEU A 1 25  ? 3.827   5.371   -8.612  1.00 30.80  ? 49  LEU A C   1 
ATOM   192  O  O   . LEU A 1 25  ? 2.979   4.629   -8.123  1.00 30.89  ? 49  LEU A O   1 
ATOM   193  C  CB  . LEU A 1 25  ? 5.383   3.401   -8.477  1.00 28.79  ? 49  LEU A CB  1 
ATOM   194  C  CG  . LEU A 1 25  ? 6.675   2.726   -8.951  1.00 30.51  ? 49  LEU A CG  1 
ATOM   195  C  CD1 . LEU A 1 25  ? 6.729   1.288   -8.451  1.00 31.34  ? 49  LEU A CD1 1 
ATOM   196  C  CD2 . LEU A 1 25  ? 6.745   2.755   -10.477 1.00 28.30  ? 49  LEU A CD2 1 
ATOM   197  N  N   . PRO A 1 26  ? 3.566   6.661   -8.884  1.00 30.88  ? 50  PRO A N   1 
ATOM   198  C  CA  . PRO A 1 26  ? 2.224   7.177   -8.611  1.00 30.28  ? 50  PRO A CA  1 
ATOM   199  C  C   . PRO A 1 26  ? 1.216   6.721   -9.659  1.00 31.76  ? 50  PRO A C   1 
ATOM   200  O  O   . PRO A 1 26  ? 1.577   6.388   -10.795 1.00 30.07  ? 50  PRO A O   1 
ATOM   201  C  CB  . PRO A 1 26  ? 2.428   8.692   -8.632  1.00 30.27  ? 50  PRO A CB  1 
ATOM   202  C  CG  . PRO A 1 26  ? 3.494   8.865   -9.676  1.00 27.96  ? 50  PRO A CG  1 
ATOM   203  C  CD  . PRO A 1 26  ? 4.467   7.749   -9.322  1.00 29.96  ? 50  PRO A CD  1 
ATOM   204  N  N   . ARG A 1 27  ? -0.051  6.700   -9.258  1.00 31.59  ? 51  ARG A N   1 
ATOM   205  C  CA  . ARG A 1 27  ? -1.136  6.314   -10.141 1.00 32.10  ? 51  ARG A CA  1 
ATOM   206  C  C   . ARG A 1 27  ? -0.964  4.967   -10.825 1.00 32.42  ? 51  ARG A C   1 
ATOM   207  O  O   . ARG A 1 27  ? -1.296  4.822   -11.994 1.00 32.12  ? 51  ARG A O   1 
ATOM   208  C  CB  . ARG A 1 27  ? -1.339  7.409   -11.188 1.00 31.17  ? 51  ARG A CB  1 
ATOM   209  C  CG  . ARG A 1 27  ? -1.898  8.678   -10.590 1.00 31.77  ? 51  ARG A CG  1 
ATOM   210  C  CD  . ARG A 1 27  ? -1.843  9.844   -11.548 1.00 29.59  ? 51  ARG A CD  1 
ATOM   211  N  NE  . ARG A 1 27  ? -2.588  10.972  -11.008 1.00 33.19  ? 51  ARG A NE  1 
ATOM   212  C  CZ  . ARG A 1 27  ? -2.662  12.165  -11.581 1.00 32.81  ? 51  ARG A CZ  1 
ATOM   213  N  NH1 . ARG A 1 27  ? -2.024  12.391  -12.726 1.00 31.15  ? 51  ARG A NH1 1 
ATOM   214  N  NH2 . ARG A 1 27  ? -3.390  13.123  -11.011 1.00 31.73  ? 51  ARG A NH2 1 
ATOM   215  N  N   . GLU A 1 28  ? -0.435  3.981   -10.110 1.00 33.97  ? 52  GLU A N   1 
ATOM   216  C  CA  . GLU A 1 28  ? -0.274  2.654   -10.694 1.00 34.30  ? 52  GLU A CA  1 
ATOM   217  C  C   . GLU A 1 28  ? -1.369  1.732   -10.151 1.00 34.21  ? 52  GLU A C   1 
ATOM   218  O  O   . GLU A 1 28  ? -2.064  2.060   -9.184  1.00 33.50  ? 52  GLU A O   1 
ATOM   219  C  CB  . GLU A 1 28  ? 1.107   2.079   -10.370 1.00 35.19  ? 52  GLU A CB  1 
ATOM   220  C  CG  . GLU A 1 28  ? 2.280   2.829   -11.006 1.00 41.54  ? 52  GLU A CG  1 
ATOM   221  C  CD  . GLU A 1 28  ? 2.365   2.669   -12.526 1.00 46.78  ? 52  GLU A CD  1 
ATOM   222  O  OE1 . GLU A 1 28  ? 3.230   3.331   -13.147 1.00 48.82  ? 52  GLU A OE1 1 
ATOM   223  O  OE2 . GLU A 1 28  ? 1.579   1.883   -13.101 1.00 48.48  ? 52  GLU A OE2 1 
ATOM   224  N  N   . ASN A 1 29  ? -1.540  0.582   -10.783 1.00 33.82  ? 53  ASN A N   1 
ATOM   225  C  CA  . ASN A 1 29  ? -2.553  -0.352  -10.336 1.00 34.19  ? 53  ASN A CA  1 
ATOM   226  C  C   . ASN A 1 29  ? -1.933  -1.675  -9.894  1.00 35.16  ? 53  ASN A C   1 
ATOM   227  O  O   . ASN A 1 29  ? -1.609  -2.526  -10.714 1.00 34.32  ? 53  ASN A O   1 
ATOM   228  C  CB  . ASN A 1 29  ? -3.580  -0.582  -11.443 1.00 33.98  ? 53  ASN A CB  1 
ATOM   229  C  CG  . ASN A 1 29  ? -4.605  -1.641  -11.080 1.00 38.37  ? 53  ASN A CG  1 
ATOM   230  O  OD1 . ASN A 1 29  ? -4.819  -1.942  -9.902  1.00 39.72  ? 53  ASN A OD1 1 
ATOM   231  N  ND2 . ASN A 1 29  ? -5.257  -2.208  -12.096 1.00 38.22  ? 53  ASN A ND2 1 
ATOM   232  N  N   . PHE A 1 30  ? -1.765  -1.826  -8.585  1.00 35.50  ? 54  PHE A N   1 
ATOM   233  C  CA  . PHE A 1 30  ? -1.208  -3.038  -8.003  1.00 36.33  ? 54  PHE A CA  1 
ATOM   234  C  C   . PHE A 1 30  ? -2.285  -3.701  -7.155  1.00 37.01  ? 54  PHE A C   1 
ATOM   235  O  O   . PHE A 1 30  ? -1.971  -4.388  -6.189  1.00 37.98  ? 54  PHE A O   1 
ATOM   236  C  CB  . PHE A 1 30  ? -0.022  -2.709  -7.092  1.00 38.33  ? 54  PHE A CB  1 
ATOM   237  C  CG  . PHE A 1 30  ? 1.136   -2.067  -7.791  1.00 40.33  ? 54  PHE A CG  1 
ATOM   238  C  CD1 . PHE A 1 30  ? 1.616   -0.832  -7.366  1.00 40.99  ? 54  PHE A CD1 1 
ATOM   239  C  CD2 . PHE A 1 30  ? 1.761   -2.698  -8.860  1.00 41.83  ? 54  PHE A CD2 1 
ATOM   240  C  CE1 . PHE A 1 30  ? 2.707   -0.233  -7.994  1.00 42.21  ? 54  PHE A CE1 1 
ATOM   241  C  CE2 . PHE A 1 30  ? 2.853   -2.108  -9.497  1.00 43.81  ? 54  PHE A CE2 1 
ATOM   242  C  CZ  . PHE A 1 30  ? 3.325   -0.871  -9.064  1.00 43.38  ? 54  PHE A CZ  1 
ATOM   243  N  N   . GLY A 1 31  ? -3.550  -3.486  -7.501  1.00 37.70  ? 55  GLY A N   1 
ATOM   244  C  CA  . GLY A 1 31  ? -4.627  -4.067  -6.718  1.00 40.19  ? 55  GLY A CA  1 
ATOM   245  C  C   . GLY A 1 31  ? -5.412  -5.176  -7.395  1.00 41.22  ? 55  GLY A C   1 
ATOM   246  O  O   . GLY A 1 31  ? -5.107  -5.570  -8.522  1.00 40.43  ? 55  GLY A O   1 
ATOM   247  N  N   . LEU A 1 32  ? -6.428  -5.677  -6.695  1.00 42.89  ? 56  LEU A N   1 
ATOM   248  C  CA  . LEU A 1 32  ? -7.287  -6.746  -7.202  1.00 43.60  ? 56  LEU A CA  1 
ATOM   249  C  C   . LEU A 1 32  ? -8.696  -6.277  -7.542  1.00 44.17  ? 56  LEU A C   1 
ATOM   250  O  O   . LEU A 1 32  ? -9.600  -7.092  -7.664  1.00 46.61  ? 56  LEU A O   1 
ATOM   251  C  CB  . LEU A 1 32  ? -7.393  -7.874  -6.174  1.00 42.93  ? 56  LEU A CB  1 
ATOM   252  C  CG  . LEU A 1 32  ? -6.250  -8.878  -6.113  1.00 45.36  ? 56  LEU A CG  1 
ATOM   253  C  CD1 . LEU A 1 32  ? -6.508  -9.868  -4.986  1.00 44.35  ? 56  LEU A CD1 1 
ATOM   254  C  CD2 . LEU A 1 32  ? -6.135  -9.606  -7.451  1.00 45.24  ? 56  LEU A CD2 1 
ATOM   255  N  N   . LYS A 1 33  ? -8.892  -4.975  -7.694  1.00 44.90  ? 57  LYS A N   1 
ATOM   256  C  CA  . LYS A 1 33  ? -10.221 -4.477  -8.002  1.00 44.83  ? 57  LYS A CA  1 
ATOM   257  C  C   . LYS A 1 33  ? -10.497 -4.324  -9.487  1.00 46.37  ? 57  LYS A C   1 
ATOM   258  O  O   . LYS A 1 33  ? -11.561 -4.701  -9.964  1.00 47.56  ? 57  LYS A O   1 
ATOM   259  C  CB  . LYS A 1 33  ? -10.470 -3.141  -7.309  1.00 43.56  ? 57  LYS A CB  1 
ATOM   260  C  CG  . LYS A 1 33  ? -10.724 -3.256  -5.822  1.00 40.32  ? 57  LYS A CG  1 
ATOM   261  C  CD  . LYS A 1 33  ? -11.125 -1.917  -5.239  1.00 39.73  ? 57  LYS A CD  1 
ATOM   262  C  CE  . LYS A 1 33  ? -11.565 -2.056  -3.790  1.00 40.26  ? 57  LYS A CE  1 
ATOM   263  N  NZ  . LYS A 1 33  ? -12.060 -0.762  -3.246  1.00 38.62  ? 57  LYS A NZ  1 
ATOM   264  N  N   . TYR A 1 34  ? -9.543  -3.775  -10.223 1.00 47.55  ? 58  TYR A N   1 
ATOM   265  C  CA  . TYR A 1 34  ? -9.753  -3.572  -11.639 1.00 48.48  ? 58  TYR A CA  1 
ATOM   266  C  C   . TYR A 1 34  ? -8.580  -4.032  -12.473 1.00 50.84  ? 58  TYR A C   1 
ATOM   267  O  O   . TYR A 1 34  ? -7.551  -4.462  -11.952 1.00 51.45  ? 58  TYR A O   1 
ATOM   268  C  CB  . TYR A 1 34  ? -9.995  -2.089  -11.931 1.00 46.22  ? 58  TYR A CB  1 
ATOM   269  C  CG  . TYR A 1 34  ? -10.988 -1.410  -11.024 1.00 45.19  ? 58  TYR A CG  1 
ATOM   270  C  CD1 . TYR A 1 34  ? -10.565 -0.717  -9.882  1.00 44.22  ? 58  TYR A CD1 1 
ATOM   271  C  CD2 . TYR A 1 34  ? -12.352 -1.424  -11.325 1.00 44.49  ? 58  TYR A CD2 1 
ATOM   272  C  CE1 . TYR A 1 34  ? -11.482 -0.045  -9.069  1.00 43.99  ? 58  TYR A CE1 1 
ATOM   273  C  CE2 . TYR A 1 34  ? -13.273 -0.762  -10.520 1.00 44.17  ? 58  TYR A CE2 1 
ATOM   274  C  CZ  . TYR A 1 34  ? -12.837 -0.074  -9.398  1.00 44.83  ? 58  TYR A CZ  1 
ATOM   275  O  OH  . TYR A 1 34  ? -13.764 0.591   -8.619  1.00 46.92  ? 58  TYR A OH  1 
ATOM   276  N  N   . ARG A 1 35  ? -8.752  -3.925  -13.784 1.00 53.95  ? 59  ARG A N   1 
ATOM   277  C  CA  . ARG A 1 35  ? -7.718  -4.276  -14.738 1.00 57.29  ? 59  ARG A CA  1 
ATOM   278  C  C   . ARG A 1 35  ? -7.995  -3.469  -16.005 1.00 58.32  ? 59  ARG A C   1 
ATOM   279  O  O   . ARG A 1 35  ? -9.154  -3.219  -16.349 1.00 57.98  ? 59  ARG A O   1 
ATOM   280  C  CB  . ARG A 1 35  ? -7.738  -5.782  -15.032 1.00 58.44  ? 59  ARG A CB  1 
ATOM   281  C  CG  . ARG A 1 35  ? -8.979  -6.280  -15.740 1.00 62.12  ? 59  ARG A CG  1 
ATOM   282  C  CD  . ARG A 1 35  ? -8.943  -7.792  -15.944 1.00 65.52  ? 59  ARG A CD  1 
ATOM   283  N  NE  . ARG A 1 35  ? -10.107 -8.254  -16.700 1.00 70.21  ? 59  ARG A NE  1 
ATOM   284  C  CZ  . ARG A 1 35  ? -10.282 -8.052  -18.004 1.00 72.01  ? 59  ARG A CZ  1 
ATOM   285  N  NH1 . ARG A 1 35  ? -9.364  -7.401  -18.710 1.00 73.72  ? 59  ARG A NH1 1 
ATOM   286  N  NH2 . ARG A 1 35  ? -11.383 -8.487  -18.604 1.00 71.51  ? 59  ARG A NH2 1 
ATOM   287  N  N   . ILE A 1 36  ? -6.935  -3.036  -16.680 1.00 60.47  ? 60  ILE A N   1 
ATOM   288  C  CA  . ILE A 1 36  ? -7.076  -2.259  -17.913 1.00 62.81  ? 60  ILE A CA  1 
ATOM   289  C  C   . ILE A 1 36  ? -6.553  -3.055  -19.105 1.00 64.06  ? 60  ILE A C   1 
ATOM   290  O  O   . ILE A 1 36  ? -5.338  -3.159  -19.311 1.00 64.76  ? 60  ILE A O   1 
ATOM   291  C  CB  . ILE A 1 36  ? -6.301  -0.905  -17.853 1.00 62.06  ? 60  ILE A CB  1 
ATOM   292  C  CG1 . ILE A 1 36  ? -6.937  0.034   -16.818 1.00 62.77  ? 60  ILE A CG1 1 
ATOM   293  C  CG2 . ILE A 1 36  ? -6.321  -0.232  -19.224 1.00 61.76  ? 60  ILE A CG2 1 
ATOM   294  C  CD1 . ILE A 1 36  ? -6.781  -0.421  -15.372 1.00 61.96  ? 60  ILE A CD1 1 
ATOM   295  N  N   . PRO A 1 37  ? -7.468  -3.632  -19.905 1.00 65.80  ? 61  PRO A N   1 
ATOM   296  C  CA  . PRO A 1 37  ? -7.128  -4.428  -21.091 1.00 67.20  ? 61  PRO A CA  1 
ATOM   297  C  C   . PRO A 1 37  ? -6.726  -3.564  -22.292 1.00 67.78  ? 61  PRO A C   1 
ATOM   298  O  O   . PRO A 1 37  ? -5.543  -3.291  -22.511 1.00 68.29  ? 61  PRO A O   1 
ATOM   299  C  CB  . PRO A 1 37  ? -8.411  -5.213  -21.349 1.00 66.44  ? 61  PRO A CB  1 
ATOM   300  C  CG  . PRO A 1 37  ? -9.461  -4.219  -20.973 1.00 66.32  ? 61  PRO A CG  1 
ATOM   301  C  CD  . PRO A 1 37  ? -8.924  -3.657  -19.667 1.00 66.02  ? 61  PRO A CD  1 
ATOM   302  N  N   . SER A 1 41  ? -6.250  3.810   -24.052 1.00 71.30  ? 65  SER A N   1 
ATOM   303  C  CA  . SER A 1 41  ? -7.647  3.712   -23.624 1.00 72.26  ? 65  SER A CA  1 
ATOM   304  C  C   . SER A 1 41  ? -7.760  3.399   -22.129 1.00 72.74  ? 65  SER A C   1 
ATOM   305  O  O   . SER A 1 41  ? -8.185  2.308   -21.739 1.00 72.85  ? 65  SER A O   1 
ATOM   306  C  CB  . SER A 1 41  ? -8.368  2.630   -24.440 1.00 72.56  ? 65  SER A CB  1 
ATOM   307  O  OG  . SER A 1 41  ? -7.675  1.393   -24.376 1.00 71.89  ? 65  SER A OG  1 
ATOM   308  N  N   . PRO A 1 42  ? -7.387  4.363   -21.271 1.00 72.38  ? 66  PRO A N   1 
ATOM   309  C  CA  . PRO A 1 42  ? -7.438  4.200   -19.813 1.00 72.36  ? 66  PRO A CA  1 
ATOM   310  C  C   . PRO A 1 42  ? -8.845  4.177   -19.221 1.00 73.24  ? 66  PRO A C   1 
ATOM   311  O  O   . PRO A 1 42  ? -9.009  4.172   -18.000 1.00 73.43  ? 66  PRO A O   1 
ATOM   312  C  CB  . PRO A 1 42  ? -6.621  5.387   -19.313 1.00 71.70  ? 66  PRO A CB  1 
ATOM   313  C  CG  . PRO A 1 42  ? -6.950  6.444   -20.317 1.00 71.50  ? 66  PRO A CG  1 
ATOM   314  C  CD  . PRO A 1 42  ? -6.861  5.694   -21.630 1.00 71.14  ? 66  PRO A CD  1 
ATOM   315  N  N   . LEU A 1 43  ? -9.861  4.160   -20.079 1.00 73.49  ? 67  LEU A N   1 
ATOM   316  C  CA  . LEU A 1 43  ? -11.238 4.136   -19.604 1.00 73.30  ? 67  LEU A CA  1 
ATOM   317  C  C   . LEU A 1 43  ? -11.881 2.762   -19.734 1.00 74.45  ? 67  LEU A C   1 
ATOM   318  O  O   . LEU A 1 43  ? -13.036 2.564   -19.350 1.00 75.30  ? 67  LEU A O   1 
ATOM   319  C  CB  . LEU A 1 43  ? -12.069 5.181   -20.348 1.00 72.27  ? 67  LEU A CB  1 
ATOM   320  C  CG  . LEU A 1 43  ? -11.827 6.613   -19.858 1.00 71.58  ? 67  LEU A CG  1 
ATOM   321  C  CD1 . LEU A 1 43  ? -12.560 7.595   -20.748 1.00 70.21  ? 67  LEU A CD1 1 
ATOM   322  C  CD2 . LEU A 1 43  ? -12.303 6.746   -18.414 1.00 71.42  ? 67  LEU A CD2 1 
ATOM   323  N  N   . VAL A 1 44  ? -11.123 1.809   -20.264 1.00 75.59  ? 68  VAL A N   1 
ATOM   324  C  CA  . VAL A 1 44  ? -11.617 0.449   -20.431 1.00 76.92  ? 68  VAL A CA  1 
ATOM   325  C  C   . VAL A 1 44  ? -11.544 -0.280  -19.087 1.00 77.54  ? 68  VAL A C   1 
ATOM   326  O  O   . VAL A 1 44  ? -11.789 -1.487  -19.003 1.00 78.85  ? 68  VAL A O   1 
ATOM   327  C  CB  . VAL A 1 44  ? -10.775 -0.323  -21.475 1.00 77.60  ? 68  VAL A CB  1 
ATOM   328  C  CG1 . VAL A 1 44  ? -11.518 -1.580  -21.922 1.00 78.54  ? 68  VAL A CG1 1 
ATOM   329  C  CG2 . VAL A 1 44  ? -10.480 0.572   -22.669 1.00 78.51  ? 68  VAL A CG2 1 
ATOM   330  N  N   . THR A 1 45  ? -11.206 0.464   -18.039 1.00 76.50  ? 69  THR A N   1 
ATOM   331  C  CA  . THR A 1 45  ? -11.093 -0.093  -16.697 1.00 76.40  ? 69  THR A CA  1 
ATOM   332  C  C   . THR A 1 45  ? -12.339 -0.885  -16.307 1.00 75.59  ? 69  THR A C   1 
ATOM   333  O  O   . THR A 1 45  ? -13.457 -0.369  -16.345 1.00 74.44  ? 69  THR A O   1 
ATOM   334  C  CB  . THR A 1 45  ? -10.861 1.022   -15.655 1.00 77.61  ? 69  THR A CB  1 
ATOM   335  O  OG1 . THR A 1 45  ? -10.732 0.442   -14.351 1.00 77.69  ? 69  THR A OG1 1 
ATOM   336  C  CG2 . THR A 1 45  ? -12.020 2.013   -15.667 1.00 76.81  ? 69  THR A CG2 1 
ATOM   337  N  N   . THR A 1 46  ? -12.134 -2.142  -15.928 1.00 76.32  ? 70  THR A N   1 
ATOM   338  C  CA  . THR A 1 46  ? -13.233 -3.020  -15.543 1.00 76.40  ? 70  THR A CA  1 
ATOM   339  C  C   . THR A 1 46  ? -12.851 -3.995  -14.433 1.00 76.55  ? 70  THR A C   1 
ATOM   340  O  O   . THR A 1 46  ? -11.720 -4.482  -14.381 1.00 75.45  ? 70  THR A O   1 
ATOM   341  C  CB  . THR A 1 46  ? -13.728 -3.841  -16.756 1.00 76.04  ? 70  THR A CB  1 
ATOM   342  O  OG1 . THR A 1 46  ? -14.669 -4.829  -16.317 1.00 76.45  ? 70  THR A OG1 1 
ATOM   343  C  CG2 . THR A 1 46  ? -12.560 -4.526  -17.446 1.00 74.88  ? 70  THR A CG2 1 
ATOM   344  N  N   . PRO A 1 47  ? -13.794 -4.284  -13.520 1.00 77.41  ? 71  PRO A N   1 
ATOM   345  C  CA  . PRO A 1 47  ? -13.554 -5.208  -12.409 1.00 79.33  ? 71  PRO A CA  1 
ATOM   346  C  C   . PRO A 1 47  ? -13.701 -6.661  -12.854 1.00 81.64  ? 71  PRO A C   1 
ATOM   347  O  O   . PRO A 1 47  ? -13.104 -7.567  -12.272 1.00 81.97  ? 71  PRO A O   1 
ATOM   348  C  CB  . PRO A 1 47  ? -14.618 -4.801  -11.398 1.00 77.59  ? 71  PRO A CB  1 
ATOM   349  C  CG  . PRO A 1 47  ? -15.755 -4.414  -12.275 1.00 76.92  ? 71  PRO A CG  1 
ATOM   350  C  CD  . PRO A 1 47  ? -15.085 -3.593  -13.351 1.00 76.66  ? 71  PRO A CD  1 
ATOM   351  N  N   . PHE A 1 48  ? -14.497 -6.867  -13.898 1.00 84.44  ? 72  PHE A N   1 
ATOM   352  C  CA  . PHE A 1 48  ? -14.743 -8.201  -14.434 1.00 87.93  ? 72  PHE A CA  1 
ATOM   353  C  C   . PHE A 1 48  ? -13.464 -8.838  -14.963 1.00 89.15  ? 72  PHE A C   1 
ATOM   354  O  O   . PHE A 1 48  ? -12.664 -8.187  -15.636 1.00 89.08  ? 72  PHE A O   1 
ATOM   355  C  CB  . PHE A 1 48  ? -15.794 -8.128  -15.546 1.00 89.19  ? 72  PHE A CB  1 
ATOM   356  C  CG  . PHE A 1 48  ? -17.051 -7.415  -15.138 1.00 91.31  ? 72  PHE A CG  1 
ATOM   357  C  CD1 . PHE A 1 48  ? -17.790 -7.849  -14.039 1.00 91.72  ? 72  PHE A CD1 1 
ATOM   358  C  CD2 . PHE A 1 48  ? -17.487 -6.292  -15.838 1.00 92.17  ? 72  PHE A CD2 1 
ATOM   359  C  CE1 . PHE A 1 48  ? -18.941 -7.172  -13.637 1.00 92.45  ? 72  PHE A CE1 1 
ATOM   360  C  CE2 . PHE A 1 48  ? -18.637 -5.606  -15.447 1.00 92.76  ? 72  PHE A CE2 1 
ATOM   361  C  CZ  . PHE A 1 48  ? -19.367 -6.048  -14.343 1.00 92.76  ? 72  PHE A CZ  1 
ATOM   362  N  N   . GLY A 1 49  ? -13.281 -10.119 -14.649 1.00 90.34  ? 73  GLY A N   1 
ATOM   363  C  CA  . GLY A 1 49  ? -12.095 -10.832 -15.089 1.00 91.81  ? 73  GLY A CA  1 
ATOM   364  C  C   . GLY A 1 49  ? -11.047 -10.882 -13.992 1.00 92.94  ? 73  GLY A C   1 
ATOM   365  O  O   . GLY A 1 49  ? -9.926  -11.347 -14.209 1.00 92.43  ? 73  GLY A O   1 
HETATM 366  N  N   . MSE A 1 50  ? -11.416 -10.397 -12.809 1.00 93.70  ? 74  MSE A N   1 
HETATM 367  C  CA  . MSE A 1 50  ? -10.513 -10.374 -11.662 1.00 94.32  ? 74  MSE A CA  1 
HETATM 368  C  C   . MSE A 1 50  ? -10.853 -11.480 -10.664 1.00 93.18  ? 74  MSE A C   1 
HETATM 369  O  O   . MSE A 1 50  ? -10.201 -11.618 -9.625  1.00 93.63  ? 74  MSE A O   1 
HETATM 370  C  CB  . MSE A 1 50  ? -10.583 -9.011  -10.961 1.00 96.87  ? 74  MSE A CB  1 
HETATM 371  C  CG  . MSE A 1 50  ? -10.043 -7.844  -11.782 1.00 99.63  ? 74  MSE A CG  1 
HETATM 372  SE SE  . MSE A 1 50  ? -8.172  -8.047  -12.256 1.00 105.55 ? 74  MSE A SE  1 
HETATM 373  C  CE  . MSE A 1 50  ? -7.377  -7.741  -10.520 1.00 102.54 ? 74  MSE A CE  1 
ATOM   374  N  N   . ASP A 1 51  ? -11.877 -12.265 -10.988 1.00 91.02  ? 75  ASP A N   1 
ATOM   375  C  CA  . ASP A 1 51  ? -12.315 -13.360 -10.129 1.00 88.38  ? 75  ASP A CA  1 
ATOM   376  C  C   . ASP A 1 51  ? -11.160 -14.315 -9.815  1.00 86.14  ? 75  ASP A C   1 
ATOM   377  O  O   . ASP A 1 51  ? -11.084 -14.871 -8.715  1.00 85.74  ? 75  ASP A O   1 
ATOM   378  C  CB  . ASP A 1 51  ? -13.465 -14.124 -10.799 1.00 89.22  ? 75  ASP A CB  1 
ATOM   379  C  CG  . ASP A 1 51  ? -13.073 -14.714 -12.147 1.00 90.33  ? 75  ASP A CG  1 
ATOM   380  O  OD1 . ASP A 1 51  ? -12.788 -13.937 -13.088 1.00 90.31  ? 75  ASP A OD1 1 
ATOM   381  O  OD2 . ASP A 1 51  ? -13.048 -15.961 -12.262 1.00 90.43  ? 75  ASP A OD2 1 
ATOM   382  N  N   . LYS A 1 52  ? -10.265 -14.502 -10.782 1.00 82.98  ? 76  LYS A N   1 
ATOM   383  C  CA  . LYS A 1 52  ? -9.109  -15.381 -10.603 1.00 80.05  ? 76  LYS A CA  1 
ATOM   384  C  C   . LYS A 1 52  ? -7.799  -14.608 -10.799 1.00 77.07  ? 76  LYS A C   1 
ATOM   385  O  O   . LYS A 1 52  ? -7.145  -14.726 -11.837 1.00 78.17  ? 76  LYS A O   1 
ATOM   386  C  CB  . LYS A 1 52  ? -9.172  -16.551 -11.594 1.00 80.46  ? 76  LYS A CB  1 
ATOM   387  C  CG  . LYS A 1 52  ? -8.141  -17.661 -11.360 1.00 80.86  ? 76  LYS A CG  1 
ATOM   388  C  CD  . LYS A 1 52  ? -8.519  -18.592 -10.198 1.00 80.77  ? 76  LYS A CD  1 
ATOM   389  C  CE  . LYS A 1 52  ? -7.920  -18.163 -8.852  1.00 80.73  ? 76  LYS A CE  1 
ATOM   390  N  NZ  . LYS A 1 52  ? -8.517  -16.930 -8.246  1.00 79.53  ? 76  LYS A NZ  1 
ATOM   391  N  N   . ALA A 1 53  ? -7.431  -13.815 -9.795  1.00 72.15  ? 77  ALA A N   1 
ATOM   392  C  CA  . ALA A 1 53  ? -6.205  -13.020 -9.833  1.00 66.66  ? 77  ALA A CA  1 
ATOM   393  C  C   . ALA A 1 53  ? -5.569  -13.018 -8.451  1.00 62.89  ? 77  ALA A C   1 
ATOM   394  O  O   . ALA A 1 53  ? -6.273  -12.991 -7.443  1.00 61.69  ? 77  ALA A O   1 
ATOM   395  C  CB  . ALA A 1 53  ? -6.515  -11.593 -10.266 1.00 65.79  ? 77  ALA A CB  1 
ATOM   396  N  N   . LYS A 1 54  ? -4.242  -13.055 -8.400  1.00 59.10  ? 78  LYS A N   1 
ATOM   397  C  CA  . LYS A 1 54  ? -3.540  -13.061 -7.121  1.00 55.54  ? 78  LYS A CA  1 
ATOM   398  C  C   . LYS A 1 54  ? -3.134  -11.662 -6.685  1.00 51.17  ? 78  LYS A C   1 
ATOM   399  O  O   . LYS A 1 54  ? -2.852  -10.792 -7.511  1.00 49.61  ? 78  LYS A O   1 
ATOM   400  C  CB  . LYS A 1 54  ? -2.285  -13.947 -7.188  1.00 57.62  ? 78  LYS A CB  1 
ATOM   401  C  CG  . LYS A 1 54  ? -1.290  -13.544 -8.274  1.00 60.57  ? 78  LYS A CG  1 
ATOM   402  C  CD  . LYS A 1 54  ? 0.113   -14.098 -8.012  1.00 63.54  ? 78  LYS A CD  1 
ATOM   403  C  CE  . LYS A 1 54  ? 0.768   -13.413 -6.805  1.00 66.08  ? 78  LYS A CE  1 
ATOM   404  N  NZ  . LYS A 1 54  ? 2.158   -13.897 -6.512  1.00 66.33  ? 78  LYS A NZ  1 
ATOM   405  N  N   . PRO A 1 55  ? -3.108  -11.426 -5.369  1.00 47.37  ? 79  PRO A N   1 
ATOM   406  C  CA  . PRO A 1 55  ? -2.724  -10.120 -4.830  1.00 45.20  ? 79  PRO A CA  1 
ATOM   407  C  C   . PRO A 1 55  ? -1.208  -9.915  -4.927  1.00 41.41  ? 79  PRO A C   1 
ATOM   408  O  O   . PRO A 1 55  ? -0.439  -10.860 -4.773  1.00 41.44  ? 79  PRO A O   1 
ATOM   409  C  CB  . PRO A 1 55  ? -3.219  -10.189 -3.387  1.00 44.83  ? 79  PRO A CB  1 
ATOM   410  C  CG  . PRO A 1 55  ? -3.060  -11.631 -3.056  1.00 45.47  ? 79  PRO A CG  1 
ATOM   411  C  CD  . PRO A 1 55  ? -3.566  -12.325 -4.295  1.00 45.82  ? 79  PRO A CD  1 
ATOM   412  N  N   . VAL A 1 56  ? -0.790  -8.683  -5.201  1.00 37.76  ? 80  VAL A N   1 
ATOM   413  C  CA  . VAL A 1 56  ? 0.629   -8.380  -5.313  1.00 35.18  ? 80  VAL A CA  1 
ATOM   414  C  C   . VAL A 1 56  ? 1.295   -8.614  -3.958  1.00 33.63  ? 80  VAL A C   1 
ATOM   415  O  O   . VAL A 1 56  ? 0.793   -8.174  -2.925  1.00 31.90  ? 80  VAL A O   1 
ATOM   416  C  CB  . VAL A 1 56  ? 0.837   -6.925  -5.772  1.00 35.53  ? 80  VAL A CB  1 
ATOM   417  C  CG1 . VAL A 1 56  ? 2.315   -6.585  -5.801  1.00 34.75  ? 80  VAL A CG1 1 
ATOM   418  C  CG2 . VAL A 1 56  ? 0.221   -6.735  -7.154  1.00 36.01  ? 80  VAL A CG2 1 
ATOM   419  N  N   . ASP A 1 57  ? 2.420   -9.318  -3.967  1.00 33.46  ? 81  ASP A N   1 
ATOM   420  C  CA  . ASP A 1 57  ? 3.124   -9.629  -2.731  1.00 35.63  ? 81  ASP A CA  1 
ATOM   421  C  C   . ASP A 1 57  ? 4.378   -8.771  -2.540  1.00 35.53  ? 81  ASP A C   1 
ATOM   422  O  O   . ASP A 1 57  ? 5.371   -8.919  -3.262  1.00 35.71  ? 81  ASP A O   1 
ATOM   423  C  CB  . ASP A 1 57  ? 3.502   -11.111 -2.714  1.00 35.61  ? 81  ASP A CB  1 
ATOM   424  C  CG  . ASP A 1 57  ? 3.812   -11.613 -1.327  1.00 41.60  ? 81  ASP A CG  1 
ATOM   425  O  OD1 . ASP A 1 57  ? 4.420   -10.855 -0.539  1.00 42.51  ? 81  ASP A OD1 1 
ATOM   426  O  OD2 . ASP A 1 57  ? 3.464   -12.780 -1.017  1.00 47.55  ? 81  ASP A OD2 1 
ATOM   427  N  N   . LEU A 1 58  ? 4.326   -7.882  -1.554  1.00 33.64  ? 82  LEU A N   1 
ATOM   428  C  CA  . LEU A 1 58  ? 5.443   -6.996  -1.256  1.00 34.18  ? 82  LEU A CA  1 
ATOM   429  C  C   . LEU A 1 58  ? 5.933   -7.173  0.181   1.00 33.05  ? 82  LEU A C   1 
ATOM   430  O  O   . LEU A 1 58  ? 6.336   -6.210  0.841   1.00 32.87  ? 82  LEU A O   1 
ATOM   431  C  CB  . LEU A 1 58  ? 5.034   -5.539  -1.516  1.00 34.01  ? 82  LEU A CB  1 
ATOM   432  C  CG  . LEU A 1 58  ? 4.842   -5.142  -2.992  1.00 36.43  ? 82  LEU A CG  1 
ATOM   433  C  CD1 . LEU A 1 58  ? 4.175   -3.776  -3.094  1.00 35.45  ? 82  LEU A CD1 1 
ATOM   434  C  CD2 . LEU A 1 58  ? 6.196   -5.124  -3.694  1.00 34.48  ? 82  LEU A CD2 1 
ATOM   435  N  N   . THR A 1 59  ? 5.894   -8.418  0.646   1.00 31.65  ? 83  THR A N   1 
ATOM   436  C  CA  . THR A 1 59  ? 6.335   -8.780  1.987   1.00 30.77  ? 83  THR A CA  1 
ATOM   437  C  C   . THR A 1 59  ? 7.779   -8.366  2.180   1.00 31.88  ? 83  THR A C   1 
ATOM   438  O  O   . THR A 1 59  ? 8.619   -8.598  1.307   1.00 32.50  ? 83  THR A O   1 
ATOM   439  C  CB  . THR A 1 59  ? 6.263   -10.312 2.214   1.00 31.73  ? 83  THR A CB  1 
ATOM   440  O  OG1 . THR A 1 59  ? 4.902   -10.748 2.136   1.00 30.06  ? 83  THR A OG1 1 
ATOM   441  C  CG2 . THR A 1 59  ? 6.854   -10.687 3.575   1.00 25.73  ? 83  THR A CG2 1 
ATOM   442  N  N   . ARG A 1 60  ? 8.053   -7.772  3.337   1.00 31.95  ? 84  ARG A N   1 
ATOM   443  C  CA  . ARG A 1 60  ? 9.387   -7.312  3.709   1.00 33.41  ? 84  ARG A CA  1 
ATOM   444  C  C   . ARG A 1 60  ? 10.034  -6.346  2.715   1.00 34.30  ? 84  ARG A C   1 
ATOM   445  O  O   . ARG A 1 60  ? 11.243  -6.120  2.762   1.00 34.86  ? 84  ARG A O   1 
ATOM   446  C  CB  . ARG A 1 60  ? 10.312  -8.511  3.937   1.00 34.40  ? 84  ARG A CB  1 
ATOM   447  C  CG  . ARG A 1 60  ? 9.891   -9.443  5.089   1.00 38.27  ? 84  ARG A CG  1 
ATOM   448  C  CD  . ARG A 1 60  ? 10.952  -10.515 5.361   1.00 39.76  ? 84  ARG A CD  1 
ATOM   449  N  NE  . ARG A 1 60  ? 11.300  -11.242 4.142   1.00 44.53  ? 84  ARG A NE  1 
ATOM   450  C  CZ  . ARG A 1 60  ? 10.578  -12.239 3.636   1.00 47.10  ? 84  ARG A CZ  1 
ATOM   451  N  NH1 . ARG A 1 60  ? 9.470   -12.639 4.250   1.00 48.51  ? 84  ARG A NH1 1 
ATOM   452  N  NH2 . ARG A 1 60  ? 10.956  -12.823 2.507   1.00 47.76  ? 84  ARG A NH2 1 
ATOM   453  N  N   . ALA A 1 61  ? 9.241   -5.776  1.812   1.00 33.36  ? 85  ALA A N   1 
ATOM   454  C  CA  . ALA A 1 61  ? 9.786   -4.837  0.839   1.00 34.16  ? 85  ALA A CA  1 
ATOM   455  C  C   . ALA A 1 61  ? 10.074  -3.492  1.505   1.00 34.58  ? 85  ALA A C   1 
ATOM   456  O  O   . ALA A 1 61  ? 9.455   -3.137  2.508   1.00 35.53  ? 85  ALA A O   1 
ATOM   457  C  CB  . ALA A 1 61  ? 8.813   -4.647  -0.318  1.00 31.77  ? 85  ALA A CB  1 
ATOM   458  N  N   . ASN A 1 62  ? 11.027  -2.750  0.953   1.00 35.22  ? 86  ASN A N   1 
ATOM   459  C  CA  . ASN A 1 62  ? 11.357  -1.440  1.489   1.00 33.94  ? 86  ASN A CA  1 
ATOM   460  C  C   . ASN A 1 62  ? 10.906  -0.412  0.455   1.00 33.56  ? 86  ASN A C   1 
ATOM   461  O  O   . ASN A 1 62  ? 11.451  -0.347  -0.644  1.00 34.52  ? 86  ASN A O   1 
ATOM   462  C  CB  . ASN A 1 62  ? 12.860  -1.296  1.729   1.00 33.87  ? 86  ASN A CB  1 
ATOM   463  C  CG  . ASN A 1 62  ? 13.198  -0.081  2.589   1.00 37.00  ? 86  ASN A CG  1 
ATOM   464  O  OD1 . ASN A 1 62  ? 12.586  0.984   2.461   1.00 36.43  ? 86  ASN A OD1 1 
ATOM   465  N  ND2 . ASN A 1 62  ? 14.186  -0.231  3.456   1.00 39.41  ? 86  ASN A ND2 1 
ATOM   466  N  N   . LEU A 1 63  ? 9.904   0.381   0.821   1.00 32.57  ? 87  LEU A N   1 
ATOM   467  C  CA  . LEU A 1 63  ? 9.355   1.397   -0.052  1.00 32.16  ? 87  LEU A CA  1 
ATOM   468  C  C   . LEU A 1 63  ? 9.513   2.787   0.557   1.00 32.74  ? 87  LEU A C   1 
ATOM   469  O  O   . LEU A 1 63  ? 8.851   3.740   0.143   1.00 32.01  ? 87  LEU A O   1 
ATOM   470  C  CB  . LEU A 1 63  ? 7.877   1.100   -0.316  1.00 32.03  ? 87  LEU A CB  1 
ATOM   471  C  CG  . LEU A 1 63  ? 7.582   -0.008  -1.332  1.00 33.96  ? 87  LEU A CG  1 
ATOM   472  C  CD1 . LEU A 1 63  ? 6.218   -0.635  -1.068  1.00 34.32  ? 87  LEU A CD1 1 
ATOM   473  C  CD2 . LEU A 1 63  ? 7.641   0.578   -2.728  1.00 31.93  ? 87  LEU A CD2 1 
ATOM   474  N  N   . SER A 1 64  ? 10.397  2.894   1.543   1.00 33.11  ? 88  SER A N   1 
ATOM   475  C  CA  . SER A 1 64  ? 10.659  4.157   2.237   1.00 33.36  ? 88  SER A CA  1 
ATOM   476  C  C   . SER A 1 64  ? 10.831  5.363   1.308   1.00 31.28  ? 88  SER A C   1 
ATOM   477  O  O   . SER A 1 64  ? 11.605  5.320   0.360   1.00 29.82  ? 88  SER A O   1 
ATOM   478  C  CB  . SER A 1 64  ? 11.914  4.015   3.105   1.00 34.28  ? 88  SER A CB  1 
ATOM   479  O  OG  . SER A 1 64  ? 11.704  3.072   4.146   1.00 37.91  ? 88  SER A OG  1 
ATOM   480  N  N   . ASN A 1 65  ? 10.095  6.435   1.581   1.00 30.78  ? 89  ASN A N   1 
ATOM   481  C  CA  . ASN A 1 65  ? 10.207  7.648   0.784   1.00 31.16  ? 89  ASN A CA  1 
ATOM   482  C  C   . ASN A 1 65  ? 9.783   7.460   -0.664  1.00 31.34  ? 89  ASN A C   1 
ATOM   483  O  O   . ASN A 1 65  ? 10.064  8.307   -1.516  1.00 30.45  ? 89  ASN A O   1 
ATOM   484  C  CB  . ASN A 1 65  ? 11.653  8.156   0.827   1.00 33.22  ? 89  ASN A CB  1 
ATOM   485  C  CG  . ASN A 1 65  ? 12.094  8.524   2.229   1.00 37.45  ? 89  ASN A CG  1 
ATOM   486  O  OD1 . ASN A 1 65  ? 11.690  9.558   2.766   1.00 43.68  ? 89  ASN A OD1 1 
ATOM   487  N  ND2 . ASN A 1 65  ? 12.905  7.675   2.838   1.00 36.80  ? 89  ASN A ND2 1 
ATOM   488  N  N   . ALA A 1 66  ? 9.121   6.346   -0.958  1.00 30.98  ? 90  ALA A N   1 
ATOM   489  C  CA  . ALA A 1 66  ? 8.662   6.106   -2.323  1.00 29.68  ? 90  ALA A CA  1 
ATOM   490  C  C   . ALA A 1 66  ? 7.366   6.875   -2.529  1.00 27.34  ? 90  ALA A C   1 
ATOM   491  O  O   . ALA A 1 66  ? 6.696   7.228   -1.566  1.00 27.10  ? 90  ALA A O   1 
ATOM   492  C  CB  . ALA A 1 66  ? 8.430   4.628   -2.553  1.00 27.66  ? 90  ALA A CB  1 
ATOM   493  N  N   . ASN A 1 67  ? 7.027   7.148   -3.782  1.00 27.30  ? 91  ASN A N   1 
ATOM   494  C  CA  . ASN A 1 67  ? 5.796   7.861   -4.087  1.00 27.97  ? 91  ASN A CA  1 
ATOM   495  C  C   . ASN A 1 67  ? 4.755   6.945   -4.731  1.00 27.91  ? 91  ASN A C   1 
ATOM   496  O  O   . ASN A 1 67  ? 4.933   6.481   -5.865  1.00 27.86  ? 91  ASN A O   1 
ATOM   497  C  CB  . ASN A 1 67  ? 6.068   9.045   -5.019  1.00 26.67  ? 91  ASN A CB  1 
ATOM   498  C  CG  . ASN A 1 67  ? 4.795   9.779   -5.392  1.00 29.79  ? 91  ASN A CG  1 
ATOM   499  O  OD1 . ASN A 1 67  ? 3.849   9.826   -4.600  1.00 30.30  ? 91  ASN A OD1 1 
ATOM   500  N  ND2 . ASN A 1 67  ? 4.766   10.368  -6.582  1.00 26.66  ? 91  ASN A ND2 1 
ATOM   501  N  N   . LEU A 1 68  ? 3.670   6.690   -4.008  1.00 27.36  ? 92  LEU A N   1 
ATOM   502  C  CA  . LEU A 1 68  ? 2.600   5.829   -4.516  1.00 28.18  ? 92  LEU A CA  1 
ATOM   503  C  C   . LEU A 1 68  ? 1.278   6.585   -4.613  1.00 27.19  ? 92  LEU A C   1 
ATOM   504  O  O   . LEU A 1 68  ? 0.205   5.985   -4.661  1.00 25.79  ? 92  LEU A O   1 
ATOM   505  C  CB  . LEU A 1 68  ? 2.444   4.608   -3.607  1.00 24.45  ? 92  LEU A CB  1 
ATOM   506  C  CG  . LEU A 1 68  ? 3.705   3.735   -3.572  1.00 24.87  ? 92  LEU A CG  1 
ATOM   507  C  CD1 . LEU A 1 68  ? 3.620   2.702   -2.454  1.00 24.69  ? 92  LEU A CD1 1 
ATOM   508  C  CD2 . LEU A 1 68  ? 3.872   3.062   -4.920  1.00 23.33  ? 92  LEU A CD2 1 
ATOM   509  N  N   . TYR A 1 69  ? 1.379   7.910   -4.652  1.00 28.48  ? 93  TYR A N   1 
ATOM   510  C  CA  . TYR A 1 69  ? 0.216   8.789   -4.748  1.00 30.72  ? 93  TYR A CA  1 
ATOM   511  C  C   . TYR A 1 69  ? -0.853  8.274   -5.717  1.00 28.69  ? 93  TYR A C   1 
ATOM   512  O  O   . TYR A 1 69  ? -0.558  7.957   -6.867  1.00 27.16  ? 93  TYR A O   1 
ATOM   513  C  CB  . TYR A 1 69  ? 0.663   10.193  -5.170  1.00 29.81  ? 93  TYR A CB  1 
ATOM   514  C  CG  . TYR A 1 69  ? -0.477  11.164  -5.344  1.00 31.39  ? 93  TYR A CG  1 
ATOM   515  C  CD1 . TYR A 1 69  ? -1.266  11.542  -4.263  1.00 32.99  ? 93  TYR A CD1 1 
ATOM   516  C  CD2 . TYR A 1 69  ? -0.776  11.698  -6.597  1.00 33.60  ? 93  TYR A CD2 1 
ATOM   517  C  CE1 . TYR A 1 69  ? -2.328  12.426  -4.425  1.00 37.19  ? 93  TYR A CE1 1 
ATOM   518  C  CE2 . TYR A 1 69  ? -1.833  12.580  -6.769  1.00 34.73  ? 93  TYR A CE2 1 
ATOM   519  C  CZ  . TYR A 1 69  ? -2.607  12.942  -5.682  1.00 37.26  ? 93  TYR A CZ  1 
ATOM   520  O  OH  . TYR A 1 69  ? -3.658  13.817  -5.851  1.00 40.49  ? 93  TYR A OH  1 
ATOM   521  N  N   . GLN A 1 70  ? -2.088  8.194   -5.225  1.00 27.39  ? 94  GLN A N   1 
ATOM   522  C  CA  . GLN A 1 70  ? -3.243  7.735   -6.000  1.00 27.69  ? 94  GLN A CA  1 
ATOM   523  C  C   . GLN A 1 70  ? -3.122  6.362   -6.636  1.00 27.79  ? 94  GLN A C   1 
ATOM   524  O  O   . GLN A 1 70  ? -3.793  6.080   -7.618  1.00 27.43  ? 94  GLN A O   1 
ATOM   525  C  CB  . GLN A 1 70  ? -3.591  8.748   -7.091  1.00 26.34  ? 94  GLN A CB  1 
ATOM   526  C  CG  . GLN A 1 70  ? -4.133  10.053  -6.570  1.00 30.25  ? 94  GLN A CG  1 
ATOM   527  C  CD  . GLN A 1 70  ? -4.726  10.910  -7.674  1.00 31.86  ? 94  GLN A CD  1 
ATOM   528  O  OE1 . GLN A 1 70  ? -4.099  11.129  -8.711  1.00 36.47  ? 94  GLN A OE1 1 
ATOM   529  N  NE2 . GLN A 1 70  ? -5.936  11.406  -7.453  1.00 33.26  ? 94  GLN A NE2 1 
ATOM   530  N  N   . SER A 1 71  ? -2.266  5.510   -6.088  1.00 28.81  ? 95  SER A N   1 
ATOM   531  C  CA  . SER A 1 71  ? -2.096  4.167   -6.625  1.00 28.71  ? 95  SER A CA  1 
ATOM   532  C  C   . SER A 1 71  ? -3.117  3.198   -6.021  1.00 29.37  ? 95  SER A C   1 
ATOM   533  O  O   . SER A 1 71  ? -3.561  3.374   -4.884  1.00 30.61  ? 95  SER A O   1 
ATOM   534  C  CB  . SER A 1 71  ? -0.684  3.661   -6.335  1.00 27.69  ? 95  SER A CB  1 
ATOM   535  O  OG  . SER A 1 71  ? 0.249   4.175   -7.271  1.00 29.60  ? 95  SER A OG  1 
ATOM   536  N  N   . ASP A 1 72  ? -3.504  2.185   -6.788  1.00 29.00  ? 96  ASP A N   1 
ATOM   537  C  CA  . ASP A 1 72  ? -4.444  1.184   -6.298  1.00 29.22  ? 96  ASP A CA  1 
ATOM   538  C  C   . ASP A 1 72  ? -3.588  0.074   -5.681  1.00 29.05  ? 96  ASP A C   1 
ATOM   539  O  O   . ASP A 1 72  ? -2.745  -0.520  -6.357  1.00 24.97  ? 96  ASP A O   1 
ATOM   540  C  CB  . ASP A 1 72  ? -5.284  0.609   -7.452  1.00 31.51  ? 96  ASP A CB  1 
ATOM   541  C  CG  . ASP A 1 72  ? -6.418  -0.307  -6.968  1.00 36.84  ? 96  ASP A CG  1 
ATOM   542  O  OD1 . ASP A 1 72  ? -6.240  -1.016  -5.943  1.00 35.97  ? 96  ASP A OD1 1 
ATOM   543  O  OD2 . ASP A 1 72  ? -7.485  -0.338  -7.630  1.00 38.29  ? 96  ASP A OD2 1 
ATOM   544  N  N   . LEU A 1 73  ? -3.809  -0.198  -4.399  1.00 28.59  ? 97  LEU A N   1 
ATOM   545  C  CA  . LEU A 1 73  ? -3.064  -1.228  -3.688  1.00 29.60  ? 97  LEU A CA  1 
ATOM   546  C  C   . LEU A 1 73  ? -4.040  -2.179  -2.993  1.00 30.76  ? 97  LEU A C   1 
ATOM   547  O  O   . LEU A 1 73  ? -3.704  -2.812  -1.989  1.00 32.37  ? 97  LEU A O   1 
ATOM   548  C  CB  . LEU A 1 73  ? -2.146  -0.578  -2.641  1.00 27.84  ? 97  LEU A CB  1 
ATOM   549  C  CG  . LEU A 1 73  ? -1.230  0.545   -3.156  1.00 28.41  ? 97  LEU A CG  1 
ATOM   550  C  CD1 . LEU A 1 73  ? -0.452  1.180   -2.004  1.00 26.52  ? 97  LEU A CD1 1 
ATOM   551  C  CD2 . LEU A 1 73  ? -0.284  -0.015  -4.196  1.00 23.37  ? 97  LEU A CD2 1 
ATOM   552  N  N   . SER A 1 74  ? -5.250  -2.283  -3.527  1.00 30.51  ? 98  SER A N   1 
ATOM   553  C  CA  . SER A 1 74  ? -6.257  -3.140  -2.915  1.00 32.78  ? 98  SER A CA  1 
ATOM   554  C  C   . SER A 1 74  ? -5.806  -4.593  -2.746  1.00 32.48  ? 98  SER A C   1 
ATOM   555  O  O   . SER A 1 74  ? -5.288  -5.207  -3.673  1.00 31.30  ? 98  SER A O   1 
ATOM   556  C  CB  . SER A 1 74  ? -7.580  -3.069  -3.705  1.00 33.61  ? 98  SER A CB  1 
ATOM   557  O  OG  . SER A 1 74  ? -7.398  -3.321  -5.086  1.00 37.16  ? 98  SER A OG  1 
ATOM   558  N  N   . SER A 1 75  ? -5.992  -5.116  -1.535  1.00 33.10  ? 99  SER A N   1 
ATOM   559  C  CA  . SER A 1 75  ? -5.634  -6.494  -1.197  1.00 33.66  ? 99  SER A CA  1 
ATOM   560  C  C   . SER A 1 75  ? -4.140  -6.784  -1.298  1.00 32.50  ? 99  SER A C   1 
ATOM   561  O  O   . SER A 1 75  ? -3.724  -7.945  -1.313  1.00 32.29  ? 99  SER A O   1 
ATOM   562  C  CB  . SER A 1 75  ? -6.400  -7.470  -2.092  1.00 33.53  ? 99  SER A CB  1 
ATOM   563  O  OG  . SER A 1 75  ? -7.801  -7.314  -1.917  1.00 37.84  ? 99  SER A OG  1 
ATOM   564  N  N   . ILE A 1 76  ? -3.331  -5.737  -1.352  1.00 31.14  ? 100 ILE A N   1 
ATOM   565  C  CA  . ILE A 1 76  ? -1.892  -5.914  -1.454  1.00 32.43  ? 100 ILE A CA  1 
ATOM   566  C  C   . ILE A 1 76  ? -1.310  -6.492  -0.168  1.00 32.47  ? 100 ILE A C   1 
ATOM   567  O  O   . ILE A 1 76  ? -1.864  -6.300  0.920   1.00 33.25  ? 100 ILE A O   1 
ATOM   568  C  CB  . ILE A 1 76  ? -1.197  -4.575  -1.752  1.00 30.92  ? 100 ILE A CB  1 
ATOM   569  C  CG1 . ILE A 1 76  ? 0.159   -4.828  -2.409  1.00 29.83  ? 100 ILE A CG1 1 
ATOM   570  C  CG2 . ILE A 1 76  ? -1.012  -3.797  -0.462  1.00 29.49  ? 100 ILE A CG2 1 
ATOM   571  C  CD1 . ILE A 1 76  ? 0.718   -3.613  -3.099  1.00 31.67  ? 100 ILE A CD1 1 
ATOM   572  N  N   . ILE A 1 77  ? -0.186  -7.189  -0.299  1.00 32.49  ? 101 ILE A N   1 
ATOM   573  C  CA  . ILE A 1 77  ? 0.481   -7.794  0.852   1.00 32.33  ? 101 ILE A CA  1 
ATOM   574  C  C   . ILE A 1 77  ? 1.760   -7.026  1.202   1.00 32.66  ? 101 ILE A C   1 
ATOM   575  O  O   . ILE A 1 77  ? 2.778   -7.131  0.515   1.00 30.22  ? 101 ILE A O   1 
ATOM   576  C  CB  . ILE A 1 77  ? 0.809   -9.280  0.569   1.00 32.36  ? 101 ILE A CB  1 
ATOM   577  C  CG1 . ILE A 1 77  ? -0.484  -10.027 0.217   1.00 31.07  ? 101 ILE A CG1 1 
ATOM   578  C  CG2 . ILE A 1 77  ? 1.435   -9.931  1.793   1.00 31.89  ? 101 ILE A CG2 1 
ATOM   579  C  CD1 . ILE A 1 77  ? -0.275  -11.475 -0.141  1.00 31.08  ? 101 ILE A CD1 1 
ATOM   580  N  N   . LEU A 1 78  ? 1.681   -6.241  2.272   1.00 31.72  ? 102 LEU A N   1 
ATOM   581  C  CA  . LEU A 1 78  ? 2.804   -5.440  2.737   1.00 32.24  ? 102 LEU A CA  1 
ATOM   582  C  C   . LEU A 1 78  ? 3.198   -5.855  4.149   1.00 33.89  ? 102 LEU A C   1 
ATOM   583  O  O   . LEU A 1 78  ? 3.595   -5.025  4.972   1.00 34.74  ? 102 LEU A O   1 
ATOM   584  C  CB  . LEU A 1 78  ? 2.439   -3.951  2.714   1.00 29.05  ? 102 LEU A CB  1 
ATOM   585  C  CG  . LEU A 1 78  ? 2.396   -3.289  1.334   1.00 30.27  ? 102 LEU A CG  1 
ATOM   586  C  CD1 . LEU A 1 78  ? 1.808   -1.892  1.445   1.00 29.44  ? 102 LEU A CD1 1 
ATOM   587  C  CD2 . LEU A 1 78  ? 3.803   -3.223  0.758   1.00 27.08  ? 102 LEU A CD2 1 
ATOM   588  N  N   . GLU A 1 79  ? 3.083   -7.144  4.435   1.00 35.49  ? 103 GLU A N   1 
ATOM   589  C  CA  . GLU A 1 79  ? 3.429   -7.646  5.756   1.00 37.08  ? 103 GLU A CA  1 
ATOM   590  C  C   . GLU A 1 79  ? 4.910   -7.401  6.035   1.00 35.10  ? 103 GLU A C   1 
ATOM   591  O  O   . GLU A 1 79  ? 5.761   -7.672  5.194   1.00 33.92  ? 103 GLU A O   1 
ATOM   592  C  CB  . GLU A 1 79  ? 3.101   -9.137  5.846   1.00 40.73  ? 103 GLU A CB  1 
ATOM   593  C  CG  . GLU A 1 79  ? 3.308   -9.737  7.224   1.00 48.26  ? 103 GLU A CG  1 
ATOM   594  C  CD  . GLU A 1 79  ? 2.669   -11.111 7.366   1.00 54.58  ? 103 GLU A CD  1 
ATOM   595  O  OE1 . GLU A 1 79  ? 2.794   -11.714 8.459   1.00 57.55  ? 103 GLU A OE1 1 
ATOM   596  O  OE2 . GLU A 1 79  ? 2.037   -11.590 6.392   1.00 57.21  ? 103 GLU A OE2 1 
ATOM   597  N  N   . ASN A 1 80  ? 5.201   -6.861  7.212   1.00 35.64  ? 104 ASN A N   1 
ATOM   598  C  CA  . ASN A 1 80  ? 6.566   -6.572  7.622   1.00 36.64  ? 104 ASN A CA  1 
ATOM   599  C  C   . ASN A 1 80  ? 7.313   -5.707  6.609   1.00 36.34  ? 104 ASN A C   1 
ATOM   600  O  O   . ASN A 1 80  ? 8.535   -5.788  6.480   1.00 35.82  ? 104 ASN A O   1 
ATOM   601  C  CB  . ASN A 1 80  ? 7.315   -7.881  7.863   1.00 38.68  ? 104 ASN A CB  1 
ATOM   602  C  CG  . ASN A 1 80  ? 6.742   -8.661  9.033   1.00 42.10  ? 104 ASN A CG  1 
ATOM   603  O  OD1 . ASN A 1 80  ? 6.877   -9.884  9.111   1.00 45.12  ? 104 ASN A OD1 1 
ATOM   604  N  ND2 . ASN A 1 80  ? 6.101   -7.952  9.956   1.00 42.00  ? 104 ASN A ND2 1 
ATOM   605  N  N   . ALA A 1 81  ? 6.568   -4.871  5.897   1.00 34.87  ? 105 ALA A N   1 
ATOM   606  C  CA  . ALA A 1 81  ? 7.158   -3.988  4.904   1.00 33.66  ? 105 ALA A CA  1 
ATOM   607  C  C   . ALA A 1 81  ? 7.631   -2.693  5.558   1.00 34.22  ? 105 ALA A C   1 
ATOM   608  O  O   . ALA A 1 81  ? 7.107   -2.276  6.591   1.00 35.04  ? 105 ALA A O   1 
ATOM   609  C  CB  . ALA A 1 81  ? 6.140   -3.682  3.827   1.00 32.79  ? 105 ALA A CB  1 
ATOM   610  N  N   . ILE A 1 82  ? 8.629   -2.061  4.958   1.00 33.55  ? 106 ILE A N   1 
ATOM   611  C  CA  . ILE A 1 82  ? 9.160   -0.804  5.474   1.00 32.85  ? 106 ILE A CA  1 
ATOM   612  C  C   . ILE A 1 82  ? 8.621   0.310   4.582   1.00 32.88  ? 106 ILE A C   1 
ATOM   613  O  O   . ILE A 1 82  ? 8.913   0.355   3.385   1.00 30.77  ? 106 ILE A O   1 
ATOM   614  C  CB  . ILE A 1 82  ? 10.713  -0.809  5.443   1.00 34.13  ? 106 ILE A CB  1 
ATOM   615  C  CG1 . ILE A 1 82  ? 11.231  -1.987  6.279   1.00 33.87  ? 106 ILE A CG1 1 
ATOM   616  C  CG2 . ILE A 1 82  ? 11.263  0.516   5.964   1.00 29.49  ? 106 ILE A CG2 1 
ATOM   617  C  CD1 . ILE A 1 82  ? 12.710  -2.227  6.165   1.00 37.60  ? 106 ILE A CD1 1 
ATOM   618  N  N   . LEU A 1 83  ? 7.833   1.205   5.172   1.00 33.02  ? 107 LEU A N   1 
ATOM   619  C  CA  . LEU A 1 83  ? 7.226   2.306   4.436   1.00 33.86  ? 107 LEU A CA  1 
ATOM   620  C  C   . LEU A 1 83  ? 7.433   3.637   5.155   1.00 34.18  ? 107 LEU A C   1 
ATOM   621  O  O   . LEU A 1 83  ? 6.495   4.414   5.326   1.00 34.66  ? 107 LEU A O   1 
ATOM   622  C  CB  . LEU A 1 83  ? 5.726   2.034   4.265   1.00 34.22  ? 107 LEU A CB  1 
ATOM   623  C  CG  . LEU A 1 83  ? 5.375   0.658   3.696   1.00 36.21  ? 107 LEU A CG  1 
ATOM   624  C  CD1 . LEU A 1 83  ? 3.895   0.388   3.815   1.00 37.52  ? 107 LEU A CD1 1 
ATOM   625  C  CD2 . LEU A 1 83  ? 5.812   0.589   2.249   1.00 38.93  ? 107 LEU A CD2 1 
ATOM   626  N  N   . VAL A 1 84  ? 8.668   3.898   5.568   1.00 33.92  ? 108 VAL A N   1 
ATOM   627  C  CA  . VAL A 1 84  ? 8.995   5.126   6.278   1.00 33.61  ? 108 VAL A CA  1 
ATOM   628  C  C   . VAL A 1 84  ? 8.913   6.363   5.386   1.00 33.93  ? 108 VAL A C   1 
ATOM   629  O  O   . VAL A 1 84  ? 9.607   6.453   4.378   1.00 35.32  ? 108 VAL A O   1 
ATOM   630  C  CB  . VAL A 1 84  ? 10.415  5.033   6.894   1.00 33.19  ? 108 VAL A CB  1 
ATOM   631  C  CG1 . VAL A 1 84  ? 10.831  6.373   7.481   1.00 31.81  ? 108 VAL A CG1 1 
ATOM   632  C  CG2 . VAL A 1 84  ? 10.432  3.956   7.969   1.00 30.38  ? 108 VAL A CG2 1 
ATOM   633  N  N   . GLU A 1 85  ? 8.064   7.311   5.769   1.00 35.33  ? 109 GLU A N   1 
ATOM   634  C  CA  . GLU A 1 85  ? 7.890   8.547   5.017   1.00 38.11  ? 109 GLU A CA  1 
ATOM   635  C  C   . GLU A 1 85  ? 7.425   8.304   3.586   1.00 37.79  ? 109 GLU A C   1 
ATOM   636  O  O   . GLU A 1 85  ? 7.710   9.097   2.691   1.00 40.52  ? 109 GLU A O   1 
ATOM   637  C  CB  . GLU A 1 85  ? 9.196   9.342   4.997   1.00 39.87  ? 109 GLU A CB  1 
ATOM   638  C  CG  . GLU A 1 85  ? 9.544   9.993   6.321   1.00 48.59  ? 109 GLU A CG  1 
ATOM   639  C  CD  . GLU A 1 85  ? 10.998  10.440  6.392   1.00 54.36  ? 109 GLU A CD  1 
ATOM   640  O  OE1 . GLU A 1 85  ? 11.434  11.229  5.522   1.00 56.90  ? 109 GLU A OE1 1 
ATOM   641  O  OE2 . GLU A 1 85  ? 11.710  9.997   7.323   1.00 59.21  ? 109 GLU A OE2 1 
ATOM   642  N  N   . THR A 1 86  ? 6.705   7.211   3.374   1.00 35.13  ? 110 THR A N   1 
ATOM   643  C  CA  . THR A 1 86  ? 6.204   6.873   2.050   1.00 33.16  ? 110 THR A CA  1 
ATOM   644  C  C   . THR A 1 86  ? 4.960   7.696   1.741   1.00 32.68  ? 110 THR A C   1 
ATOM   645  O  O   . THR A 1 86  ? 4.163   7.982   2.639   1.00 32.53  ? 110 THR A O   1 
ATOM   646  C  CB  . THR A 1 86  ? 5.832   5.372   1.975   1.00 33.84  ? 110 THR A CB  1 
ATOM   647  O  OG1 . THR A 1 86  ? 7.000   4.577   2.215   1.00 33.66  ? 110 THR A OG1 1 
ATOM   648  C  CG2 . THR A 1 86  ? 5.245   5.021   0.613   1.00 31.58  ? 110 THR A CG2 1 
ATOM   649  N  N   . ASN A 1 87  ? 4.787   8.089   0.483   1.00 30.95  ? 111 ASN A N   1 
ATOM   650  C  CA  . ASN A 1 87  ? 3.597   8.850   0.119   1.00 30.69  ? 111 ASN A CA  1 
ATOM   651  C  C   . ASN A 1 87  ? 2.485   7.896   -0.315  1.00 31.03  ? 111 ASN A C   1 
ATOM   652  O  O   . ASN A 1 87  ? 2.468   7.435   -1.456  1.00 31.98  ? 111 ASN A O   1 
ATOM   653  C  CB  . ASN A 1 87  ? 3.886   9.839   -1.016  1.00 29.29  ? 111 ASN A CB  1 
ATOM   654  C  CG  . ASN A 1 87  ? 2.667   10.695  -1.369  1.00 31.59  ? 111 ASN A CG  1 
ATOM   655  O  OD1 . ASN A 1 87  ? 1.666   10.697  -0.650  1.00 33.57  ? 111 ASN A OD1 1 
ATOM   656  N  ND2 . ASN A 1 87  ? 2.755   11.432  -2.467  1.00 33.42  ? 111 ASN A ND2 1 
ATOM   657  N  N   . LEU A 1 88  ? 1.563   7.602   0.598   1.00 28.73  ? 112 LEU A N   1 
ATOM   658  C  CA  . LEU A 1 88  ? 0.444   6.712   0.295   1.00 28.83  ? 112 LEU A CA  1 
ATOM   659  C  C   . LEU A 1 88  ? -0.872  7.476   0.250   1.00 28.61  ? 112 LEU A C   1 
ATOM   660  O  O   . LEU A 1 88  ? -1.935  6.885   0.427   1.00 28.23  ? 112 LEU A O   1 
ATOM   661  C  CB  . LEU A 1 88  ? 0.331   5.603   1.348   1.00 26.62  ? 112 LEU A CB  1 
ATOM   662  C  CG  . LEU A 1 88  ? 1.544   4.683   1.463   1.00 27.39  ? 112 LEU A CG  1 
ATOM   663  C  CD1 . LEU A 1 88  ? 1.475   3.881   2.743   1.00 26.53  ? 112 LEU A CD1 1 
ATOM   664  C  CD2 . LEU A 1 88  ? 1.613   3.780   0.239   1.00 26.72  ? 112 LEU A CD2 1 
ATOM   665  N  N   . SER A 1 89  ? -0.815  8.786   0.022   1.00 28.75  ? 113 SER A N   1 
ATOM   666  C  CA  . SER A 1 89  ? -2.045  9.569   -0.010  1.00 30.61  ? 113 SER A CA  1 
ATOM   667  C  C   . SER A 1 89  ? -2.952  9.219   -1.191  1.00 29.60  ? 113 SER A C   1 
ATOM   668  O  O   . SER A 1 89  ? -2.490  8.958   -2.304  1.00 29.27  ? 113 SER A O   1 
ATOM   669  C  CB  . SER A 1 89  ? -1.742  11.074  0.000   1.00 30.38  ? 113 SER A CB  1 
ATOM   670  O  OG  . SER A 1 89  ? -0.892  11.435  -1.068  1.00 37.93  ? 113 SER A OG  1 
ATOM   671  N  N   . GLU A 1 90  ? -4.250  9.203   -0.914  1.00 31.00  ? 114 GLU A N   1 
ATOM   672  C  CA  . GLU A 1 90  ? -5.278  8.874   -1.893  1.00 31.99  ? 114 GLU A CA  1 
ATOM   673  C  C   . GLU A 1 90  ? -5.079  7.513   -2.551  1.00 30.35  ? 114 GLU A C   1 
ATOM   674  O  O   . GLU A 1 90  ? -5.486  7.298   -3.690  1.00 29.88  ? 114 GLU A O   1 
ATOM   675  C  CB  . GLU A 1 90  ? -5.375  9.975   -2.947  1.00 35.39  ? 114 GLU A CB  1 
ATOM   676  C  CG  . GLU A 1 90  ? -5.690  11.318  -2.330  1.00 42.14  ? 114 GLU A CG  1 
ATOM   677  C  CD  . GLU A 1 90  ? -6.274  12.311  -3.313  1.00 50.20  ? 114 GLU A CD  1 
ATOM   678  O  OE1 . GLU A 1 90  ? -6.435  13.490  -2.919  1.00 53.04  ? 114 GLU A OE1 1 
ATOM   679  O  OE2 . GLU A 1 90  ? -6.582  11.918  -4.465  1.00 51.44  ? 114 GLU A OE2 1 
ATOM   680  N  N   . THR A 1 91  ? -4.450  6.592   -1.832  1.00 28.60  ? 115 THR A N   1 
ATOM   681  C  CA  . THR A 1 91  ? -4.254  5.252   -2.361  1.00 29.86  ? 115 THR A CA  1 
ATOM   682  C  C   . THR A 1 91  ? -5.420  4.370   -1.934  1.00 30.89  ? 115 THR A C   1 
ATOM   683  O  O   . THR A 1 91  ? -6.120  4.664   -0.961  1.00 30.95  ? 115 THR A O   1 
ATOM   684  C  CB  . THR A 1 91  ? -2.952  4.595   -1.843  1.00 27.78  ? 115 THR A CB  1 
ATOM   685  O  OG1 . THR A 1 91  ? -2.946  4.584   -0.404  1.00 26.97  ? 115 THR A OG1 1 
ATOM   686  C  CG2 . THR A 1 91  ? -1.739  5.340   -2.374  1.00 25.62  ? 115 THR A CG2 1 
ATOM   687  N  N   . ASP A 1 92  ? -5.634  3.288   -2.667  1.00 32.30  ? 116 ASP A N   1 
ATOM   688  C  CA  . ASP A 1 92  ? -6.700  2.361   -2.321  1.00 33.82  ? 116 ASP A CA  1 
ATOM   689  C  C   . ASP A 1 92  ? -6.003  1.187   -1.630  1.00 32.60  ? 116 ASP A C   1 
ATOM   690  O  O   . ASP A 1 92  ? -5.318  0.402   -2.276  1.00 33.38  ? 116 ASP A O   1 
ATOM   691  C  CB  . ASP A 1 92  ? -7.436  1.892   -3.584  1.00 36.85  ? 116 ASP A CB  1 
ATOM   692  C  CG  . ASP A 1 92  ? -8.663  1.039   -3.272  1.00 43.47  ? 116 ASP A CG  1 
ATOM   693  O  OD1 . ASP A 1 92  ? -8.703  0.427   -2.183  1.00 45.92  ? 116 ASP A OD1 1 
ATOM   694  O  OD2 . ASP A 1 92  ? -9.583  0.962   -4.123  1.00 45.91  ? 116 ASP A OD2 1 
ATOM   695  N  N   . LEU A 1 93  ? -6.151  1.089   -0.312  1.00 32.10  ? 117 LEU A N   1 
ATOM   696  C  CA  . LEU A 1 93  ? -5.542  0.002   0.450   1.00 31.55  ? 117 LEU A CA  1 
ATOM   697  C  C   . LEU A 1 93  ? -6.607  -0.924  1.045   1.00 32.61  ? 117 LEU A C   1 
ATOM   698  O  O   . LEU A 1 93  ? -6.407  -1.526  2.100   1.00 30.66  ? 117 LEU A O   1 
ATOM   699  C  CB  . LEU A 1 93  ? -4.642  0.571   1.557   1.00 29.16  ? 117 LEU A CB  1 
ATOM   700  C  CG  . LEU A 1 93  ? -3.218  0.908   1.088   1.00 29.68  ? 117 LEU A CG  1 
ATOM   701  C  CD1 . LEU A 1 93  ? -2.553  1.925   2.002   1.00 25.93  ? 117 LEU A CD1 1 
ATOM   702  C  CD2 . LEU A 1 93  ? -2.403  -0.381  1.026   1.00 26.54  ? 117 LEU A CD2 1 
ATOM   703  N  N   . GLU A 1 94  ? -7.742  -1.040  0.362   1.00 33.32  ? 118 GLU A N   1 
ATOM   704  C  CA  . GLU A 1 94  ? -8.812  -1.895  0.846   1.00 34.81  ? 118 GLU A CA  1 
ATOM   705  C  C   . GLU A 1 94  ? -8.374  -3.354  0.969   1.00 33.35  ? 118 GLU A C   1 
ATOM   706  O  O   . GLU A 1 94  ? -7.769  -3.910  0.057   1.00 32.81  ? 118 GLU A O   1 
ATOM   707  C  CB  . GLU A 1 94  ? -10.034 -1.797  -0.064  1.00 36.66  ? 118 GLU A CB  1 
ATOM   708  C  CG  . GLU A 1 94  ? -11.176 -2.684  0.393   1.00 42.65  ? 118 GLU A CG  1 
ATOM   709  C  CD  . GLU A 1 94  ? -12.536 -2.195  -0.069  1.00 46.95  ? 118 GLU A CD  1 
ATOM   710  O  OE1 . GLU A 1 94  ? -13.533 -2.892  0.216   1.00 50.29  ? 118 GLU A OE1 1 
ATOM   711  O  OE2 . GLU A 1 94  ? -12.613 -1.118  -0.704  1.00 47.07  ? 118 GLU A OE2 1 
ATOM   712  N  N   . ASN A 1 95  ? -8.685  -3.952  2.119   1.00 33.72  ? 119 ASN A N   1 
ATOM   713  C  CA  . ASN A 1 95  ? -8.350  -5.342  2.420   1.00 34.39  ? 119 ASN A CA  1 
ATOM   714  C  C   . ASN A 1 95  ? -6.863  -5.613  2.301   1.00 34.12  ? 119 ASN A C   1 
ATOM   715  O  O   . ASN A 1 95  ? -6.439  -6.746  2.081   1.00 34.97  ? 119 ASN A O   1 
ATOM   716  C  CB  . ASN A 1 95  ? -9.115  -6.297  1.498   1.00 35.27  ? 119 ASN A CB  1 
ATOM   717  C  CG  . ASN A 1 95  ? -10.607 -6.066  1.539   1.00 39.49  ? 119 ASN A CG  1 
ATOM   718  O  OD1 . ASN A 1 95  ? -11.209 -5.996  2.619   1.00 42.51  ? 119 ASN A OD1 1 
ATOM   719  N  ND2 . ASN A 1 95  ? -11.218 -5.944  0.367   1.00 40.86  ? 119 ASN A ND2 1 
ATOM   720  N  N   . ALA A 1 96  ? -6.064  -4.568  2.447   1.00 32.56  ? 120 ALA A N   1 
ATOM   721  C  CA  . ALA A 1 96  ? -4.629  -4.732  2.346   1.00 31.12  ? 120 ALA A CA  1 
ATOM   722  C  C   . ALA A 1 96  ? -4.089  -5.369  3.616   1.00 31.12  ? 120 ALA A C   1 
ATOM   723  O  O   . ALA A 1 96  ? -4.703  -5.292  4.679   1.00 30.48  ? 120 ALA A O   1 
ATOM   724  C  CB  . ALA A 1 96  ? -3.972  -3.394  2.120   1.00 30.60  ? 120 ALA A CB  1 
ATOM   725  N  N   . ILE A 1 97  ? -2.938  -6.007  3.501   1.00 31.09  ? 121 ILE A N   1 
ATOM   726  C  CA  . ILE A 1 97  ? -2.337  -6.629  4.659   1.00 32.60  ? 121 ILE A CA  1 
ATOM   727  C  C   . ILE A 1 97  ? -1.106  -5.834  5.048   1.00 32.64  ? 121 ILE A C   1 
ATOM   728  O  O   . ILE A 1 97  ? -0.089  -5.880  4.362   1.00 32.29  ? 121 ILE A O   1 
ATOM   729  C  CB  . ILE A 1 97  ? -1.951  -8.087  4.362   1.00 33.04  ? 121 ILE A CB  1 
ATOM   730  C  CG1 . ILE A 1 97  ? -3.228  -8.915  4.155   1.00 32.53  ? 121 ILE A CG1 1 
ATOM   731  C  CG2 . ILE A 1 97  ? -1.123  -8.656  5.501   1.00 30.35  ? 121 ILE A CG2 1 
ATOM   732  C  CD1 . ILE A 1 97  ? -2.964  -10.339 3.712   1.00 37.49  ? 121 ILE A CD1 1 
ATOM   733  N  N   . LEU A 1 98  ? -1.203  -5.089  6.144   1.00 31.38  ? 122 LEU A N   1 
ATOM   734  C  CA  . LEU A 1 98  ? -0.077  -4.286  6.604   1.00 32.10  ? 122 LEU A CA  1 
ATOM   735  C  C   . LEU A 1 98  ? 0.415   -4.718  7.983   1.00 32.85  ? 122 LEU A C   1 
ATOM   736  O  O   . LEU A 1 98  ? 0.905   -3.901  8.760   1.00 33.25  ? 122 LEU A O   1 
ATOM   737  C  CB  . LEU A 1 98  ? -0.468  -2.805  6.620   1.00 32.13  ? 122 LEU A CB  1 
ATOM   738  C  CG  . LEU A 1 98  ? -0.626  -2.144  5.240   1.00 33.99  ? 122 LEU A CG  1 
ATOM   739  C  CD1 . LEU A 1 98  ? -1.616  -1.003  5.327   1.00 32.21  ? 122 LEU A CD1 1 
ATOM   740  C  CD2 . LEU A 1 98  ? 0.734   -1.651  4.732   1.00 31.89  ? 122 LEU A CD2 1 
ATOM   741  N  N   . ILE A 1 99  ? 0.291   -6.009  8.278   1.00 33.55  ? 123 ILE A N   1 
ATOM   742  C  CA  . ILE A 1 99  ? 0.724   -6.546  9.565   1.00 33.16  ? 123 ILE A CA  1 
ATOM   743  C  C   . ILE A 1 99  ? 2.198   -6.267  9.830   1.00 32.85  ? 123 ILE A C   1 
ATOM   744  O  O   . ILE A 1 99  ? 3.056   -6.581  9.010   1.00 32.59  ? 123 ILE A O   1 
ATOM   745  C  CB  . ILE A 1 99  ? 0.493   -8.063  9.637   1.00 33.81  ? 123 ILE A CB  1 
ATOM   746  C  CG1 . ILE A 1 99  ? -1.000  -8.357  9.505   1.00 32.66  ? 123 ILE A CG1 1 
ATOM   747  C  CG2 . ILE A 1 99  ? 1.014   -8.614  10.960  1.00 33.58  ? 123 ILE A CG2 1 
ATOM   748  C  CD1 . ILE A 1 99  ? -1.316  -9.835  9.418   1.00 30.21  ? 123 ILE A CD1 1 
ATOM   749  N  N   . GLY A 1 100 ? 2.478   -5.666  10.978  1.00 33.14  ? 124 GLY A N   1 
ATOM   750  C  CA  . GLY A 1 100 ? 3.847   -5.368  11.343  1.00 33.94  ? 124 GLY A CA  1 
ATOM   751  C  C   . GLY A 1 100 ? 4.561   -4.368  10.455  1.00 33.83  ? 124 GLY A C   1 
ATOM   752  O  O   . GLY A 1 100 ? 5.775   -4.195  10.577  1.00 35.52  ? 124 GLY A O   1 
ATOM   753  N  N   . ALA A 1 101 ? 3.827   -3.704  9.570   1.00 32.70  ? 125 ALA A N   1 
ATOM   754  C  CA  . ALA A 1 101 ? 4.438   -2.725  8.676   1.00 32.29  ? 125 ALA A CA  1 
ATOM   755  C  C   . ALA A 1 101 ? 4.974   -1.520  9.437   1.00 31.14  ? 125 ALA A C   1 
ATOM   756  O  O   . ALA A 1 101 ? 4.439   -1.133  10.468  1.00 30.34  ? 125 ALA A O   1 
ATOM   757  C  CB  . ALA A 1 101 ? 3.432   -2.261  7.627   1.00 32.70  ? 125 ALA A CB  1 
ATOM   758  N  N   . ASN A 1 102 ? 6.043   -0.931  8.925   1.00 31.30  ? 126 ASN A N   1 
ATOM   759  C  CA  . ASN A 1 102 ? 6.617   0.241   9.557   1.00 31.83  ? 126 ASN A CA  1 
ATOM   760  C  C   . ASN A 1 102 ? 6.217   1.455   8.715   1.00 31.98  ? 126 ASN A C   1 
ATOM   761  O  O   . ASN A 1 102 ? 6.823   1.722   7.675   1.00 31.95  ? 126 ASN A O   1 
ATOM   762  C  CB  . ASN A 1 102 ? 8.139   0.109   9.622   1.00 32.05  ? 126 ASN A CB  1 
ATOM   763  C  CG  . ASN A 1 102 ? 8.796   1.301   10.286  1.00 34.37  ? 126 ASN A CG  1 
ATOM   764  O  OD1 . ASN A 1 102 ? 8.118   2.158   10.848  1.00 35.46  ? 126 ASN A OD1 1 
ATOM   765  N  ND2 . ASN A 1 102 ? 10.125  1.360   10.229  1.00 35.33  ? 126 ASN A ND2 1 
ATOM   766  N  N   . LEU A 1 103 ? 5.193   2.178   9.165   1.00 30.75  ? 127 LEU A N   1 
ATOM   767  C  CA  . LEU A 1 103 ? 4.693   3.350   8.445   1.00 31.82  ? 127 LEU A CA  1 
ATOM   768  C  C   . LEU A 1 103 ? 5.070   4.676   9.113   1.00 33.16  ? 127 LEU A C   1 
ATOM   769  O  O   . LEU A 1 103 ? 4.362   5.672   8.974   1.00 33.04  ? 127 LEU A O   1 
ATOM   770  C  CB  . LEU A 1 103 ? 3.172   3.257   8.312   1.00 31.65  ? 127 LEU A CB  1 
ATOM   771  C  CG  . LEU A 1 103 ? 2.638   2.103   7.460   1.00 32.72  ? 127 LEU A CG  1 
ATOM   772  C  CD1 . LEU A 1 103 ? 1.314   1.611   8.017   1.00 31.97  ? 127 LEU A CD1 1 
ATOM   773  C  CD2 . LEU A 1 103 ? 2.480   2.566   6.027   1.00 35.54  ? 127 LEU A CD2 1 
ATOM   774  N  N   . GLN A 1 104 ? 6.198   4.688   9.814   1.00 34.40  ? 128 GLN A N   1 
ATOM   775  C  CA  . GLN A 1 104 ? 6.648   5.886   10.505  1.00 35.97  ? 128 GLN A CA  1 
ATOM   776  C  C   . GLN A 1 104 ? 6.782   7.104   9.601   1.00 34.28  ? 128 GLN A C   1 
ATOM   777  O  O   . GLN A 1 104 ? 7.526   7.096   8.621   1.00 34.11  ? 128 GLN A O   1 
ATOM   778  C  CB  . GLN A 1 104 ? 7.972   5.615   11.204  1.00 40.15  ? 128 GLN A CB  1 
ATOM   779  C  CG  . GLN A 1 104 ? 8.434   6.742   12.099  1.00 48.84  ? 128 GLN A CG  1 
ATOM   780  C  CD  . GLN A 1 104 ? 9.617   6.327   12.951  1.00 56.11  ? 128 GLN A CD  1 
ATOM   781  O  OE1 . GLN A 1 104 ? 9.489   5.482   13.851  1.00 58.70  ? 128 GLN A OE1 1 
ATOM   782  N  NE2 . GLN A 1 104 ? 10.785  6.903   12.662  1.00 57.90  ? 128 GLN A NE2 1 
ATOM   783  N  N   . GLY A 1 105 ? 6.042   8.153   9.950   1.00 33.83  ? 129 GLY A N   1 
ATOM   784  C  CA  . GLY A 1 105 ? 6.068   9.383   9.186   1.00 33.74  ? 129 GLY A CA  1 
ATOM   785  C  C   . GLY A 1 105 ? 5.416   9.253   7.822   1.00 34.39  ? 129 GLY A C   1 
ATOM   786  O  O   . GLY A 1 105 ? 5.527   10.153  6.993   1.00 35.18  ? 129 GLY A O   1 
ATOM   787  N  N   . ALA A 1 106 ? 4.726   8.144   7.583   1.00 33.93  ? 130 ALA A N   1 
ATOM   788  C  CA  . ALA A 1 106 ? 4.081   7.925   6.295   1.00 32.67  ? 130 ALA A CA  1 
ATOM   789  C  C   . ALA A 1 106 ? 2.890   8.842   6.080   1.00 31.31  ? 130 ALA A C   1 
ATOM   790  O  O   . ALA A 1 106 ? 2.194   9.212   7.018   1.00 31.66  ? 130 ALA A O   1 
ATOM   791  C  CB  . ALA A 1 106 ? 3.641   6.477   6.169   1.00 31.77  ? 130 ALA A CB  1 
ATOM   792  N  N   . ASN A 1 107 ? 2.656   9.212   4.831   1.00 30.38  ? 131 ASN A N   1 
ATOM   793  C  CA  . ASN A 1 107 ? 1.527   10.063  4.523   1.00 29.62  ? 131 ASN A CA  1 
ATOM   794  C  C   . ASN A 1 107 ? 0.405   9.206   3.931   1.00 30.72  ? 131 ASN A C   1 
ATOM   795  O  O   . ASN A 1 107 ? 0.546   8.682   2.828   1.00 28.79  ? 131 ASN A O   1 
ATOM   796  C  CB  . ASN A 1 107 ? 1.959   11.155  3.545   1.00 30.24  ? 131 ASN A CB  1 
ATOM   797  C  CG  . ASN A 1 107 ? 0.796   11.989  3.053   1.00 32.81  ? 131 ASN A CG  1 
ATOM   798  O  OD1 . ASN A 1 107 ? -0.177  12.199  3.774   1.00 33.86  ? 131 ASN A OD1 1 
ATOM   799  N  ND2 . ASN A 1 107 ? 0.900   12.485  1.824   1.00 34.68  ? 131 ASN A ND2 1 
ATOM   800  N  N   . LEU A 1 108 ? -0.695  9.046   4.673   1.00 30.25  ? 132 LEU A N   1 
ATOM   801  C  CA  . LEU A 1 108 ? -1.831  8.255   4.182   1.00 32.46  ? 132 LEU A CA  1 
ATOM   802  C  C   . LEU A 1 108 ? -3.086  9.102   4.001   1.00 31.72  ? 132 LEU A C   1 
ATOM   803  O  O   . LEU A 1 108 ? -4.194  8.577   3.993   1.00 32.34  ? 132 LEU A O   1 
ATOM   804  C  CB  . LEU A 1 108 ? -2.164  7.087   5.126   1.00 32.40  ? 132 LEU A CB  1 
ATOM   805  C  CG  . LEU A 1 108 ? -1.095  6.018   5.357   1.00 36.16  ? 132 LEU A CG  1 
ATOM   806  C  CD1 . LEU A 1 108 ? -0.157  6.514   6.446   1.00 37.25  ? 132 LEU A CD1 1 
ATOM   807  C  CD2 . LEU A 1 108 ? -1.717  4.701   5.781   1.00 35.11  ? 132 LEU A CD2 1 
ATOM   808  N  N   . GLU A 1 109 ? -2.911  10.405  3.830   1.00 32.75  ? 133 GLU A N   1 
ATOM   809  C  CA  . GLU A 1 109 ? -4.047  11.301  3.678   1.00 33.39  ? 133 GLU A CA  1 
ATOM   810  C  C   . GLU A 1 109 ? -5.076  10.876  2.628   1.00 31.61  ? 133 GLU A C   1 
ATOM   811  O  O   . GLU A 1 109 ? -4.742  10.574  1.481   1.00 31.95  ? 133 GLU A O   1 
ATOM   812  C  CB  . GLU A 1 109 ? -3.553  12.720  3.395   1.00 34.89  ? 133 GLU A CB  1 
ATOM   813  C  CG  . GLU A 1 109 ? -4.666  13.753  3.311   1.00 45.65  ? 133 GLU A CG  1 
ATOM   814  C  CD  . GLU A 1 109 ? -4.176  15.176  3.547   1.00 51.52  ? 133 GLU A CD  1 
ATOM   815  O  OE1 . GLU A 1 109 ? -3.163  15.575  2.926   1.00 55.53  ? 133 GLU A OE1 1 
ATOM   816  O  OE2 . GLU A 1 109 ? -4.817  15.899  4.344   1.00 54.98  ? 133 GLU A OE2 1 
ATOM   817  N  N   . ASN A 1 110 ? -6.336  10.855  3.048   1.00 30.34  ? 134 ASN A N   1 
ATOM   818  C  CA  . ASN A 1 110 ? -7.453  10.482  2.190   1.00 30.99  ? 134 ASN A CA  1 
ATOM   819  C  C   . ASN A 1 110 ? -7.329  9.096   1.581   1.00 31.65  ? 134 ASN A C   1 
ATOM   820  O  O   . ASN A 1 110 ? -7.955  8.789   0.564   1.00 33.28  ? 134 ASN A O   1 
ATOM   821  C  CB  . ASN A 1 110 ? -7.625  11.513  1.091   1.00 30.93  ? 134 ASN A CB  1 
ATOM   822  C  CG  . ASN A 1 110 ? -7.953  12.873  1.641   1.00 34.47  ? 134 ASN A CG  1 
ATOM   823  O  OD1 . ASN A 1 110 ? -8.748  12.993  2.570   1.00 37.20  ? 134 ASN A OD1 1 
ATOM   824  N  ND2 . ASN A 1 110 ? -7.348  13.907  1.075   1.00 37.45  ? 134 ASN A ND2 1 
ATOM   825  N  N   . ALA A 1 111 ? -6.513  8.262   2.203   1.00 30.01  ? 135 ALA A N   1 
ATOM   826  C  CA  . ALA A 1 111 ? -6.323  6.906   1.732   1.00 30.00  ? 135 ALA A CA  1 
ATOM   827  C  C   . ALA A 1 111 ? -7.529  6.081   2.173   1.00 30.72  ? 135 ALA A C   1 
ATOM   828  O  O   . ALA A 1 111 ? -8.189  6.413   3.152   1.00 32.20  ? 135 ALA A O   1 
ATOM   829  C  CB  . ALA A 1 111 ? -5.047  6.329   2.329   1.00 28.16  ? 135 ALA A CB  1 
ATOM   830  N  N   . ASN A 1 112 ? -7.832  5.016   1.447   1.00 31.10  ? 136 ASN A N   1 
ATOM   831  C  CA  . ASN A 1 112 ? -8.944  4.154   1.839   1.00 31.26  ? 136 ASN A CA  1 
ATOM   832  C  C   . ASN A 1 112 ? -8.340  2.890   2.485   1.00 30.35  ? 136 ASN A C   1 
ATOM   833  O  O   . ASN A 1 112 ? -7.608  2.150   1.836   1.00 27.19  ? 136 ASN A O   1 
ATOM   834  C  CB  . ASN A 1 112 ? -9.798  3.809   0.609   1.00 31.00  ? 136 ASN A CB  1 
ATOM   835  C  CG  . ASN A 1 112 ? -10.847 2.742   0.900   1.00 35.03  ? 136 ASN A CG  1 
ATOM   836  O  OD1 . ASN A 1 112 ? -11.281 2.577   2.042   1.00 37.82  ? 136 ASN A OD1 1 
ATOM   837  N  ND2 . ASN A 1 112 ? -11.267 2.025   -0.136  1.00 34.18  ? 136 ASN A ND2 1 
ATOM   838  N  N   . LEU A 1 113 ? -8.633  2.665   3.765   1.00 32.33  ? 137 LEU A N   1 
ATOM   839  C  CA  . LEU A 1 113 ? -8.101  1.504   4.488   1.00 34.85  ? 137 LEU A CA  1 
ATOM   840  C  C   . LEU A 1 113 ? -9.183  0.545   4.954   1.00 36.33  ? 137 LEU A C   1 
ATOM   841  O  O   . LEU A 1 113 ? -9.013  -0.165  5.950   1.00 36.09  ? 137 LEU A O   1 
ATOM   842  C  CB  . LEU A 1 113 ? -7.286  1.950   5.709   1.00 34.99  ? 137 LEU A CB  1 
ATOM   843  C  CG  . LEU A 1 113 ? -5.803  2.307   5.550   1.00 37.54  ? 137 LEU A CG  1 
ATOM   844  C  CD1 . LEU A 1 113 ? -5.632  3.330   4.451   1.00 37.29  ? 137 LEU A CD1 1 
ATOM   845  C  CD2 . LEU A 1 113 ? -5.257  2.843   6.877   1.00 37.59  ? 137 LEU A CD2 1 
ATOM   846  N  N   . GLN A 1 114 ? -10.297 0.525   4.231   1.00 38.64  ? 138 GLN A N   1 
ATOM   847  C  CA  . GLN A 1 114 ? -11.410 -0.345  4.586   1.00 39.07  ? 138 GLN A CA  1 
ATOM   848  C  C   . GLN A 1 114 ? -11.015 -1.811  4.554   1.00 37.10  ? 138 GLN A C   1 
ATOM   849  O  O   . GLN A 1 114 ? -10.454 -2.301  3.571   1.00 36.00  ? 138 GLN A O   1 
ATOM   850  C  CB  . GLN A 1 114 ? -12.588 -0.116  3.642   1.00 41.70  ? 138 GLN A CB  1 
ATOM   851  C  CG  . GLN A 1 114 ? -13.871 -0.784  4.109   1.00 48.68  ? 138 GLN A CG  1 
ATOM   852  C  CD  . GLN A 1 114 ? -15.034 -0.497  3.185   1.00 52.47  ? 138 GLN A CD  1 
ATOM   853  O  OE1 . GLN A 1 114 ? -15.041 -0.922  2.033   1.00 57.41  ? 138 GLN A OE1 1 
ATOM   854  N  NE2 . GLN A 1 114 ? -16.019 0.239   3.682   1.00 55.13  ? 138 GLN A NE2 1 
ATOM   855  N  N   . GLY A 1 115 ? -11.316 -2.500  5.648   1.00 34.95  ? 139 GLY A N   1 
ATOM   856  C  CA  . GLY A 1 115 ? -11.003 -3.907  5.748   1.00 34.39  ? 139 GLY A CA  1 
ATOM   857  C  C   . GLY A 1 115 ? -9.519  -4.198  5.778   1.00 34.22  ? 139 GLY A C   1 
ATOM   858  O  O   . GLY A 1 115 ? -9.129  -5.355  5.740   1.00 34.81  ? 139 GLY A O   1 
ATOM   859  N  N   . ALA A 1 116 ? -8.684  -3.166  5.843   1.00 34.74  ? 140 ALA A N   1 
ATOM   860  C  CA  . ALA A 1 116 ? -7.241  -3.384  5.872   1.00 35.66  ? 140 ALA A CA  1 
ATOM   861  C  C   . ALA A 1 116 ? -6.790  -3.858  7.244   1.00 36.42  ? 140 ALA A C   1 
ATOM   862  O  O   . ALA A 1 116 ? -7.393  -3.511  8.266   1.00 36.35  ? 140 ALA A O   1 
ATOM   863  C  CB  . ALA A 1 116 ? -6.497  -2.109  5.493   1.00 33.30  ? 140 ALA A CB  1 
ATOM   864  N  N   . ASN A 1 117 ? -5.721  -4.646  7.261   1.00 36.92  ? 141 ASN A N   1 
ATOM   865  C  CA  . ASN A 1 117 ? -5.179  -5.173  8.508   1.00 37.65  ? 141 ASN A CA  1 
ATOM   866  C  C   . ASN A 1 117 ? -3.844  -4.507  8.839   1.00 36.54  ? 141 ASN A C   1 
ATOM   867  O  O   . ASN A 1 117 ? -2.855  -4.711  8.142   1.00 35.44  ? 141 ASN A O   1 
ATOM   868  C  CB  . ASN A 1 117 ? -4.970  -6.686  8.396   1.00 38.78  ? 141 ASN A CB  1 
ATOM   869  C  CG  . ASN A 1 117 ? -4.680  -7.334  9.742   1.00 40.07  ? 141 ASN A CG  1 
ATOM   870  O  OD1 . ASN A 1 117 ? -4.331  -6.650  10.708  1.00 40.69  ? 141 ASN A OD1 1 
ATOM   871  N  ND2 . ASN A 1 117 ? -4.812  -8.655  9.809   1.00 38.84  ? 141 ASN A ND2 1 
ATOM   872  N  N   . LEU A 1 118 ? -3.823  -3.721  9.908   1.00 36.31  ? 142 LEU A N   1 
ATOM   873  C  CA  . LEU A 1 118 ? -2.606  -3.041  10.323  1.00 37.30  ? 142 LEU A CA  1 
ATOM   874  C  C   . LEU A 1 118 ? -2.095  -3.483  11.688  1.00 37.22  ? 142 LEU A C   1 
ATOM   875  O  O   . LEU A 1 118 ? -1.455  -2.702  12.383  1.00 36.80  ? 142 LEU A O   1 
ATOM   876  C  CB  . LEU A 1 118 ? -2.818  -1.520  10.343  1.00 36.18  ? 142 LEU A CB  1 
ATOM   877  C  CG  . LEU A 1 118 ? -2.846  -0.801  8.989   1.00 36.04  ? 142 LEU A CG  1 
ATOM   878  C  CD1 . LEU A 1 118 ? -4.039  -1.280  8.177   1.00 35.20  ? 142 LEU A CD1 1 
ATOM   879  C  CD2 . LEU A 1 118 ? -2.916  0.704   9.211   1.00 31.79  ? 142 LEU A CD2 1 
ATOM   880  N  N   . GLU A 1 119 ? -2.355  -4.730  12.069  1.00 38.51  ? 143 GLU A N   1 
ATOM   881  C  CA  . GLU A 1 119 ? -1.917  -5.225  13.375  1.00 39.47  ? 143 GLU A CA  1 
ATOM   882  C  C   . GLU A 1 119 ? -0.427  -5.016  13.640  1.00 38.37  ? 143 GLU A C   1 
ATOM   883  O  O   . GLU A 1 119 ? 0.419   -5.358  12.813  1.00 38.36  ? 143 GLU A O   1 
ATOM   884  C  CB  . GLU A 1 119 ? -2.252  -6.711  13.535  1.00 41.96  ? 143 GLU A CB  1 
ATOM   885  C  CG  . GLU A 1 119 ? -2.125  -7.212  14.976  1.00 47.46  ? 143 GLU A CG  1 
ATOM   886  C  CD  . GLU A 1 119 ? -2.626  -8.642  15.157  1.00 53.44  ? 143 GLU A CD  1 
ATOM   887  O  OE1 . GLU A 1 119 ? -3.716  -8.962  14.624  1.00 57.75  ? 143 GLU A OE1 1 
ATOM   888  O  OE2 . GLU A 1 119 ? -1.946  -9.440  15.845  1.00 53.05  ? 143 GLU A OE2 1 
ATOM   889  N  N   . ASN A 1 120 ? -0.121  -4.443  14.800  1.00 37.23  ? 144 ASN A N   1 
ATOM   890  C  CA  . ASN A 1 120 ? 1.252   -4.194  15.209  1.00 36.44  ? 144 ASN A CA  1 
ATOM   891  C  C   . ASN A 1 120 ? 2.005   -3.238  14.300  1.00 36.43  ? 144 ASN A C   1 
ATOM   892  O  O   . ASN A 1 120 ? 3.228   -3.124  14.375  1.00 37.37  ? 144 ASN A O   1 
ATOM   893  C  CB  . ASN A 1 120 ? 2.011   -5.515  15.295  1.00 37.64  ? 144 ASN A CB  1 
ATOM   894  C  CG  . ASN A 1 120 ? 1.359   -6.481  16.249  1.00 38.55  ? 144 ASN A CG  1 
ATOM   895  O  OD1 . ASN A 1 120 ? 0.853   -6.072  17.292  1.00 40.94  ? 144 ASN A OD1 1 
ATOM   896  N  ND2 . ASN A 1 120 ? 1.367   -7.762  15.908  1.00 37.41  ? 144 ASN A ND2 1 
ATOM   897  N  N   . ALA A 1 121 ? 1.278   -2.547  13.439  1.00 35.36  ? 145 ALA A N   1 
ATOM   898  C  CA  . ALA A 1 121 ? 1.919   -1.615  12.536  1.00 35.36  ? 145 ALA A CA  1 
ATOM   899  C  C   . ALA A 1 121 ? 2.388   -0.382  13.305  1.00 35.96  ? 145 ALA A C   1 
ATOM   900  O  O   . ALA A 1 121 ? 1.786   -0.001  14.311  1.00 34.77  ? 145 ALA A O   1 
ATOM   901  C  CB  . ALA A 1 121 ? 0.954   -1.214  11.438  1.00 34.73  ? 145 ALA A CB  1 
ATOM   902  N  N   . ASN A 1 122 ? 3.471   0.229   12.832  1.00 34.41  ? 146 ASN A N   1 
ATOM   903  C  CA  . ASN A 1 122 ? 4.011   1.433   13.456  1.00 33.21  ? 146 ASN A CA  1 
ATOM   904  C  C   . ASN A 1 122 ? 3.519   2.686   12.728  1.00 34.96  ? 146 ASN A C   1 
ATOM   905  O  O   . ASN A 1 122 ? 3.912   2.946   11.590  1.00 35.15  ? 146 ASN A O   1 
ATOM   906  C  CB  . ASN A 1 122 ? 5.542   1.406   13.441  1.00 32.35  ? 146 ASN A CB  1 
ATOM   907  C  CG  . ASN A 1 122 ? 6.152   2.683   14.005  1.00 34.56  ? 146 ASN A CG  1 
ATOM   908  O  OD1 . ASN A 1 122 ? 5.485   3.428   14.730  1.00 34.04  ? 146 ASN A OD1 1 
ATOM   909  N  ND2 . ASN A 1 122 ? 7.421   2.934   13.690  1.00 32.69  ? 146 ASN A ND2 1 
ATOM   910  N  N   . LEU A 1 123 ? 2.664   3.460   13.393  1.00 35.07  ? 147 LEU A N   1 
ATOM   911  C  CA  . LEU A 1 123 ? 2.116   4.679   12.817  1.00 34.30  ? 147 LEU A CA  1 
ATOM   912  C  C   . LEU A 1 123 ? 2.647   5.954   13.464  1.00 35.14  ? 147 LEU A C   1 
ATOM   913  O  O   . LEU A 1 123 ? 1.986   6.993   13.421  1.00 34.46  ? 147 LEU A O   1 
ATOM   914  C  CB  . LEU A 1 123 ? 0.591   4.670   12.913  1.00 34.98  ? 147 LEU A CB  1 
ATOM   915  C  CG  . LEU A 1 123 ? -0.168  3.825   11.890  1.00 36.30  ? 147 LEU A CG  1 
ATOM   916  C  CD1 . LEU A 1 123 ? 0.346   2.400   11.891  1.00 37.15  ? 147 LEU A CD1 1 
ATOM   917  C  CD2 . LEU A 1 123 ? -1.649  3.860   12.234  1.00 38.39  ? 147 LEU A CD2 1 
ATOM   918  N  N   . ARG A 1 124 ? 3.836   5.880   14.055  1.00 35.49  ? 148 ARG A N   1 
ATOM   919  C  CA  . ARG A 1 124 ? 4.441   7.042   14.698  1.00 37.92  ? 148 ARG A CA  1 
ATOM   920  C  C   . ARG A 1 124 ? 4.707   8.156   13.700  1.00 38.53  ? 148 ARG A C   1 
ATOM   921  O  O   . ARG A 1 124 ? 5.413   7.954   12.715  1.00 41.71  ? 148 ARG A O   1 
ATOM   922  C  CB  . ARG A 1 124 ? 5.766   6.672   15.364  1.00 39.51  ? 148 ARG A CB  1 
ATOM   923  C  CG  . ARG A 1 124 ? 5.639   5.826   16.603  1.00 43.40  ? 148 ARG A CG  1 
ATOM   924  C  CD  . ARG A 1 124 ? 6.996   5.619   17.255  1.00 48.32  ? 148 ARG A CD  1 
ATOM   925  N  NE  . ARG A 1 124 ? 6.885   4.799   18.455  1.00 53.05  ? 148 ARG A NE  1 
ATOM   926  C  CZ  . ARG A 1 124 ? 6.805   3.473   18.455  1.00 55.79  ? 148 ARG A CZ  1 
ATOM   927  N  NH1 . ARG A 1 124 ? 6.833   2.800   17.314  1.00 55.73  ? 148 ARG A NH1 1 
ATOM   928  N  NH2 . ARG A 1 124 ? 6.676   2.816   19.602  1.00 58.23  ? 148 ARG A NH2 1 
ATOM   929  N  N   . GLY A 1 125 ? 4.144   9.330   13.961  1.00 38.05  ? 149 GLY A N   1 
ATOM   930  C  CA  . GLY A 1 125 ? 4.354   10.461  13.080  1.00 37.80  ? 149 GLY A CA  1 
ATOM   931  C  C   . GLY A 1 125 ? 3.615   10.369  11.763  1.00 39.21  ? 149 GLY A C   1 
ATOM   932  O  O   . GLY A 1 125 ? 3.665   11.298  10.954  1.00 41.71  ? 149 GLY A O   1 
ATOM   933  N  N   . ALA A 1 126 ? 2.925   9.258   11.536  1.00 38.79  ? 150 ALA A N   1 
ATOM   934  C  CA  . ALA A 1 126 ? 2.183   9.073   10.289  1.00 37.24  ? 150 ALA A CA  1 
ATOM   935  C  C   . ALA A 1 126 ? 0.970   9.986   10.246  1.00 36.92  ? 150 ALA A C   1 
ATOM   936  O  O   . ALA A 1 126 ? 0.402   10.308  11.285  1.00 36.51  ? 150 ALA A O   1 
ATOM   937  C  CB  . ALA A 1 126 ? 1.741   7.632   10.163  1.00 36.87  ? 150 ALA A CB  1 
ATOM   938  N  N   . ILE A 1 127 ? 0.571   10.420  9.055   1.00 35.12  ? 151 ILE A N   1 
ATOM   939  C  CA  . ILE A 1 127 ? -0.601  11.280  8.975   1.00 35.81  ? 151 ILE A CA  1 
ATOM   940  C  C   . ILE A 1 127 ? -1.780  10.504  8.366   1.00 35.91  ? 151 ILE A C   1 
ATOM   941  O  O   . ILE A 1 127 ? -1.705  10.029  7.235   1.00 34.77  ? 151 ILE A O   1 
ATOM   942  C  CB  . ILE A 1 127 ? -0.278  12.631  8.197   1.00 37.20  ? 151 ILE A CB  1 
ATOM   943  C  CG1 . ILE A 1 127 ? -1.020  12.703  6.871   1.00 36.65  ? 151 ILE A CG1 1 
ATOM   944  C  CG2 . ILE A 1 127 ? 1.228   12.796  8.005   1.00 37.27  ? 151 ILE A CG2 1 
ATOM   945  C  CD1 . ILE A 1 127 ? -2.369  13.345  6.999   1.00 37.90  ? 151 ILE A CD1 1 
ATOM   946  N  N   . LEU A 1 128 ? -2.861  10.347  9.136   1.00 36.02  ? 152 LEU A N   1 
ATOM   947  C  CA  . LEU A 1 128 ? -4.025  9.603   8.647   1.00 36.31  ? 152 LEU A CA  1 
ATOM   948  C  C   . LEU A 1 128 ? -5.309  10.416  8.459   1.00 35.65  ? 152 LEU A C   1 
ATOM   949  O  O   . LEU A 1 128 ? -6.412  9.885   8.544   1.00 35.62  ? 152 LEU A O   1 
ATOM   950  C  CB  . LEU A 1 128 ? -4.305  8.393   9.551   1.00 37.97  ? 152 LEU A CB  1 
ATOM   951  C  CG  . LEU A 1 128 ? -3.146  7.395   9.662   1.00 38.96  ? 152 LEU A CG  1 
ATOM   952  C  CD1 . LEU A 1 128 ? -2.284  7.784   10.848  1.00 40.51  ? 152 LEU A CD1 1 
ATOM   953  C  CD2 . LEU A 1 128 ? -3.664  5.979   9.850   1.00 40.54  ? 152 LEU A CD2 1 
ATOM   954  N  N   . THR A 1 129 ? -5.146  11.698  8.167   1.00 35.99  ? 153 THR A N   1 
ATOM   955  C  CA  . THR A 1 129 ? -6.262  12.605  7.942   1.00 36.48  ? 153 THR A CA  1 
ATOM   956  C  C   . THR A 1 129 ? -7.178  12.158  6.800   1.00 36.34  ? 153 THR A C   1 
ATOM   957  O  O   . THR A 1 129 ? -6.706  11.808  5.719   1.00 37.07  ? 153 THR A O   1 
ATOM   958  C  CB  . THR A 1 129 ? -5.745  14.005  7.599   1.00 36.04  ? 153 THR A CB  1 
ATOM   959  O  OG1 . THR A 1 129 ? -4.807  14.417  8.594   1.00 38.48  ? 153 THR A OG1 1 
ATOM   960  C  CG2 . THR A 1 129 ? -6.885  14.996  7.536   1.00 38.15  ? 153 THR A CG2 1 
ATOM   961  N  N   . GLY A 1 130 ? -8.487  12.193  7.043   1.00 36.28  ? 154 GLY A N   1 
ATOM   962  C  CA  . GLY A 1 130 ? -9.455  11.806  6.030   1.00 36.45  ? 154 GLY A CA  1 
ATOM   963  C  C   . GLY A 1 130 ? -9.448  10.339  5.635   1.00 36.64  ? 154 GLY A C   1 
ATOM   964  O  O   . GLY A 1 130 ? -10.045 9.964   4.629   1.00 36.05  ? 154 GLY A O   1 
ATOM   965  N  N   . VAL A 1 131 ? -8.781  9.503   6.419   1.00 37.15  ? 155 VAL A N   1 
ATOM   966  C  CA  . VAL A 1 131 ? -8.713  8.082   6.113   1.00 39.04  ? 155 VAL A CA  1 
ATOM   967  C  C   . VAL A 1 131 ? -9.996  7.317   6.438   1.00 42.04  ? 155 VAL A C   1 
ATOM   968  O  O   . VAL A 1 131 ? -10.640 7.566   7.460   1.00 42.20  ? 155 VAL A O   1 
ATOM   969  C  CB  . VAL A 1 131 ? -7.551  7.410   6.870   1.00 38.19  ? 155 VAL A CB  1 
ATOM   970  C  CG1 . VAL A 1 131 ? -7.657  5.906   6.746   1.00 36.71  ? 155 VAL A CG1 1 
ATOM   971  C  CG2 . VAL A 1 131 ? -6.219  7.884   6.308   1.00 38.10  ? 155 VAL A CG2 1 
ATOM   972  N  N   . ASN A 1 132 ? -10.368 6.389   5.560   1.00 44.76  ? 156 ASN A N   1 
ATOM   973  C  CA  . ASN A 1 132 ? -11.556 5.562   5.779   1.00 47.37  ? 156 ASN A CA  1 
ATOM   974  C  C   . ASN A 1 132 ? -11.123 4.353   6.617   1.00 48.45  ? 156 ASN A C   1 
ATOM   975  O  O   . ASN A 1 132 ? -10.464 3.447   6.114   1.00 47.21  ? 156 ASN A O   1 
ATOM   976  C  CB  . ASN A 1 132 ? -12.150 5.107   4.436   1.00 47.64  ? 156 ASN A CB  1 
ATOM   977  C  CG  . ASN A 1 132 ? -13.318 4.136   4.605   1.00 49.87  ? 156 ASN A CG  1 
ATOM   978  O  OD1 . ASN A 1 132 ? -13.943 4.074   5.667   1.00 52.85  ? 156 ASN A OD1 1 
ATOM   979  N  ND2 . ASN A 1 132 ? -13.624 3.387   3.554   1.00 49.86  ? 156 ASN A ND2 1 
ATOM   980  N  N   . LEU A 1 133 ? -11.493 4.360   7.898   1.00 50.52  ? 157 LEU A N   1 
ATOM   981  C  CA  . LEU A 1 133 ? -11.132 3.289   8.825   1.00 53.70  ? 157 LEU A CA  1 
ATOM   982  C  C   . LEU A 1 133 ? -12.282 2.327   9.093   1.00 56.92  ? 157 LEU A C   1 
ATOM   983  O  O   . LEU A 1 133 ? -12.401 1.776   10.194  1.00 58.00  ? 157 LEU A O   1 
ATOM   984  C  CB  . LEU A 1 133 ? -10.654 3.888   10.152  1.00 51.73  ? 157 LEU A CB  1 
ATOM   985  C  CG  . LEU A 1 133 ? -9.411  4.777   10.085  1.00 50.94  ? 157 LEU A CG  1 
ATOM   986  C  CD1 . LEU A 1 133 ? -9.188  5.472   11.422  1.00 49.48  ? 157 LEU A CD1 1 
ATOM   987  C  CD2 . LEU A 1 133 ? -8.211  3.931   9.704   1.00 48.85  ? 157 LEU A CD2 1 
ATOM   988  N  N   . GLU A 1 134 ? -13.128 2.122   8.088   1.00 59.85  ? 158 GLU A N   1 
ATOM   989  C  CA  . GLU A 1 134 ? -14.278 1.231   8.228   1.00 61.85  ? 158 GLU A CA  1 
ATOM   990  C  C   . GLU A 1 134 ? -13.843 -0.226  8.225   1.00 59.81  ? 158 GLU A C   1 
ATOM   991  O  O   . GLU A 1 134 ? -13.391 -0.744  7.207   1.00 59.80  ? 158 GLU A O   1 
ATOM   992  C  CB  . GLU A 1 134 ? -15.282 1.464   7.095   1.00 65.50  ? 158 GLU A CB  1 
ATOM   993  C  CG  . GLU A 1 134 ? -16.617 0.779   7.339   1.00 72.26  ? 158 GLU A CG  1 
ATOM   994  C  CD  . GLU A 1 134 ? -17.575 0.892   6.163   1.00 76.37  ? 158 GLU A CD  1 
ATOM   995  O  OE1 . GLU A 1 134 ? -17.755 2.015   5.635   1.00 77.51  ? 158 GLU A OE1 1 
ATOM   996  O  OE2 . GLU A 1 134 ? -18.156 -0.147  5.776   1.00 77.66  ? 158 GLU A OE2 1 
ATOM   997  N  N   . GLU A 1 135 ? -13.990 -0.878  9.370   1.00 58.46  ? 159 GLU A N   1 
ATOM   998  C  CA  . GLU A 1 135 ? -13.611 -2.281  9.517   1.00 58.66  ? 159 GLU A CA  1 
ATOM   999  C  C   . GLU A 1 135 ? -12.106 -2.465  9.369   1.00 55.39  ? 159 GLU A C   1 
ATOM   1000 O  O   . GLU A 1 135 ? -11.636 -3.489  8.875   1.00 54.48  ? 159 GLU A O   1 
ATOM   1001 C  CB  . GLU A 1 135 ? -14.342 -3.142  8.486   1.00 62.22  ? 159 GLU A CB  1 
ATOM   1002 C  CG  . GLU A 1 135 ? -15.851 -3.147  8.647   1.00 68.36  ? 159 GLU A CG  1 
ATOM   1003 C  CD  . GLU A 1 135 ? -16.551 -3.809  7.482   1.00 72.48  ? 159 GLU A CD  1 
ATOM   1004 O  OE1 . GLU A 1 135 ? -16.441 -3.278  6.350   1.00 74.07  ? 159 GLU A OE1 1 
ATOM   1005 O  OE2 . GLU A 1 135 ? -17.207 -4.855  7.695   1.00 74.21  ? 159 GLU A OE2 1 
ATOM   1006 N  N   . THR A 1 136 ? -11.358 -1.458  9.806   1.00 51.45  ? 160 THR A N   1 
ATOM   1007 C  CA  . THR A 1 136 ? -9.908  -1.491  9.741   1.00 47.79  ? 160 THR A CA  1 
ATOM   1008 C  C   . THR A 1 136 ? -9.375  -2.033  11.062  1.00 44.81  ? 160 THR A C   1 
ATOM   1009 O  O   . THR A 1 136 ? -9.694  -1.504  12.126  1.00 44.15  ? 160 THR A O   1 
ATOM   1010 C  CB  . THR A 1 136 ? -9.329  -0.080  9.515   1.00 47.87  ? 160 THR A CB  1 
ATOM   1011 O  OG1 . THR A 1 136 ? -9.875  0.472   8.313   1.00 48.00  ? 160 THR A OG1 1 
ATOM   1012 C  CG2 . THR A 1 136 ? -7.810  -0.137  9.404   1.00 46.50  ? 160 THR A CG2 1 
ATOM   1013 N  N   . HIS A 1 137 ? -8.560  -3.080  10.983  1.00 41.19  ? 161 HIS A N   1 
ATOM   1014 C  CA  . HIS A 1 137 ? -7.989  -3.704  12.171  1.00 38.72  ? 161 HIS A CA  1 
ATOM   1015 C  C   . HIS A 1 137 ? -6.780  -2.910  12.659  1.00 36.33  ? 161 HIS A C   1 
ATOM   1016 O  O   . HIS A 1 137 ? -5.718  -2.944  12.036  1.00 35.43  ? 161 HIS A O   1 
ATOM   1017 C  CB  . HIS A 1 137 ? -7.573  -5.139  11.841  1.00 41.11  ? 161 HIS A CB  1 
ATOM   1018 C  CG  . HIS A 1 137 ? -7.383  -6.005  13.046  1.00 45.20  ? 161 HIS A CG  1 
ATOM   1019 N  ND1 . HIS A 1 137 ? -6.542  -7.098  13.053  1.00 46.99  ? 161 HIS A ND1 1 
ATOM   1020 C  CD2 . HIS A 1 137 ? -7.939  -5.950  14.278  1.00 45.36  ? 161 HIS A CD2 1 
ATOM   1021 C  CE1 . HIS A 1 137 ? -6.586  -7.676  14.239  1.00 48.22  ? 161 HIS A CE1 1 
ATOM   1022 N  NE2 . HIS A 1 137 ? -7.427  -7.000  15.001  1.00 48.06  ? 161 HIS A NE2 1 
ATOM   1023 N  N   . LEU A 1 138 ? -6.935  -2.200  13.773  1.00 34.64  ? 162 LEU A N   1 
ATOM   1024 C  CA  . LEU A 1 138 ? -5.843  -1.389  14.310  1.00 34.57  ? 162 LEU A CA  1 
ATOM   1025 C  C   . LEU A 1 138 ? -5.243  -1.933  15.598  1.00 34.23  ? 162 LEU A C   1 
ATOM   1026 O  O   . LEU A 1 138 ? -4.573  -1.212  16.334  1.00 32.45  ? 162 LEU A O   1 
ATOM   1027 C  CB  . LEU A 1 138 ? -6.314  0.043   14.544  1.00 34.34  ? 162 LEU A CB  1 
ATOM   1028 C  CG  . LEU A 1 138 ? -6.723  0.836   13.302  1.00 33.93  ? 162 LEU A CG  1 
ATOM   1029 C  CD1 . LEU A 1 138 ? -7.227  2.195   13.747  1.00 31.96  ? 162 LEU A CD1 1 
ATOM   1030 C  CD2 . LEU A 1 138 ? -5.536  0.985   12.347  1.00 34.71  ? 162 LEU A CD2 1 
ATOM   1031 N  N   . LYS A 1 139 ? -5.476  -3.214  15.854  1.00 35.10  ? 163 LYS A N   1 
ATOM   1032 C  CA  . LYS A 1 139 ? -4.958  -3.857  17.050  1.00 36.08  ? 163 LYS A CA  1 
ATOM   1033 C  C   . LYS A 1 139 ? -3.431  -3.768  17.157  1.00 36.35  ? 163 LYS A C   1 
ATOM   1034 O  O   . LYS A 1 139 ? -2.715  -4.098  16.212  1.00 37.65  ? 163 LYS A O   1 
ATOM   1035 C  CB  . LYS A 1 139 ? -5.395  -5.324  17.067  1.00 36.40  ? 163 LYS A CB  1 
ATOM   1036 C  CG  . LYS A 1 139 ? -4.735  -6.152  18.154  1.00 38.66  ? 163 LYS A CG  1 
ATOM   1037 C  CD  . LYS A 1 139 ? -4.967  -7.640  17.957  1.00 39.41  ? 163 LYS A CD  1 
ATOM   1038 C  CE  . LYS A 1 139 ? -4.131  -8.436  18.944  1.00 41.48  ? 163 LYS A CE  1 
ATOM   1039 N  NZ  . LYS A 1 139 ? -4.127  -9.891  18.658  1.00 43.50  ? 163 LYS A NZ  1 
ATOM   1040 N  N   . GLY A 1 140 ? -2.945  -3.305  18.307  1.00 37.72  ? 164 GLY A N   1 
ATOM   1041 C  CA  . GLY A 1 140 ? -1.510  -3.211  18.546  1.00 36.32  ? 164 GLY A CA  1 
ATOM   1042 C  C   . GLY A 1 140 ? -0.691  -2.152  17.831  1.00 37.07  ? 164 GLY A C   1 
ATOM   1043 O  O   . GLY A 1 140 ? 0.532   -2.167  17.930  1.00 37.30  ? 164 GLY A O   1 
ATOM   1044 N  N   . ILE A 1 141 ? -1.335  -1.234  17.116  1.00 38.94  ? 165 ILE A N   1 
ATOM   1045 C  CA  . ILE A 1 141 ? -0.593  -0.188  16.410  1.00 39.12  ? 165 ILE A CA  1 
ATOM   1046 C  C   . ILE A 1 141 ? 0.151   0.706   17.401  1.00 40.12  ? 165 ILE A C   1 
ATOM   1047 O  O   . ILE A 1 141 ? -0.232  0.812   18.562  1.00 40.14  ? 165 ILE A O   1 
ATOM   1048 C  CB  . ILE A 1 141 ? -1.521  0.709   15.556  1.00 38.81  ? 165 ILE A CB  1 
ATOM   1049 C  CG1 . ILE A 1 141 ? -2.590  1.357   16.437  1.00 39.78  ? 165 ILE A CG1 1 
ATOM   1050 C  CG2 . ILE A 1 141 ? -2.169  -0.104  14.462  1.00 38.81  ? 165 ILE A CG2 1 
ATOM   1051 C  CD1 . ILE A 1 141 ? -3.481  2.333   15.697  1.00 40.27  ? 165 ILE A CD1 1 
ATOM   1052 N  N   . GLU A 1 142 ? 1.216   1.344   16.937  1.00 42.21  ? 166 GLU A N   1 
ATOM   1053 C  CA  . GLU A 1 142 ? 2.006   2.232   17.775  1.00 45.43  ? 166 GLU A CA  1 
ATOM   1054 C  C   . GLU A 1 142 ? 1.829   3.659   17.258  1.00 46.61  ? 166 GLU A C   1 
ATOM   1055 O  O   . GLU A 1 142 ? 1.825   3.893   16.048  1.00 47.50  ? 166 GLU A O   1 
ATOM   1056 C  CB  . GLU A 1 142 ? 3.481   1.833   17.711  1.00 48.74  ? 166 GLU A CB  1 
ATOM   1057 C  CG  . GLU A 1 142 ? 3.743   0.366   18.029  1.00 57.08  ? 166 GLU A CG  1 
ATOM   1058 C  CD  . GLU A 1 142 ? 5.176   -0.067  17.709  1.00 62.14  ? 166 GLU A CD  1 
ATOM   1059 O  OE1 . GLU A 1 142 ? 6.121   0.498   18.301  1.00 63.49  ? 166 GLU A OE1 1 
ATOM   1060 O  OE2 . GLU A 1 142 ? 5.355   -0.978  16.866  1.00 64.74  ? 166 GLU A OE2 1 
ATOM   1061 N  N   . THR A 1 143 ? 1.668   4.611   18.169  1.00 46.88  ? 167 THR A N   1 
ATOM   1062 C  CA  . THR A 1 143 ? 1.493   6.004   17.780  1.00 47.79  ? 167 THR A CA  1 
ATOM   1063 C  C   . THR A 1 143 ? 2.265   6.925   18.716  1.00 47.98  ? 167 THR A C   1 
ATOM   1064 O  O   . THR A 1 143 ? 2.929   6.468   19.640  1.00 49.17  ? 167 THR A O   1 
ATOM   1065 C  CB  . THR A 1 143 ? 0.002   6.411   17.800  1.00 47.93  ? 167 THR A CB  1 
ATOM   1066 O  OG1 . THR A 1 143 ? -0.546  6.160   19.098  1.00 49.75  ? 167 THR A OG1 1 
ATOM   1067 C  CG2 . THR A 1 143 ? -0.780  5.625   16.761  1.00 45.61  ? 167 THR A CG2 1 
ATOM   1068 N  N   . ASP A 1 144 ? 2.185   8.225   18.465  1.00 47.58  ? 168 ASP A N   1 
ATOM   1069 C  CA  . ASP A 1 144 ? 2.866   9.197   19.304  1.00 47.35  ? 168 ASP A CA  1 
ATOM   1070 C  C   . ASP A 1 144 ? 2.216   10.556  19.120  1.00 47.42  ? 168 ASP A C   1 
ATOM   1071 O  O   . ASP A 1 144 ? 1.228   10.684  18.392  1.00 47.21  ? 168 ASP A O   1 
ATOM   1072 C  CB  . ASP A 1 144 ? 4.354   9.261   18.956  1.00 48.28  ? 168 ASP A CB  1 
ATOM   1073 C  CG  . ASP A 1 144 ? 4.607   9.679   17.518  1.00 51.00  ? 168 ASP A CG  1 
ATOM   1074 O  OD1 . ASP A 1 144 ? 3.633   9.994   16.796  1.00 51.57  ? 168 ASP A OD1 1 
ATOM   1075 O  OD2 . ASP A 1 144 ? 5.789   9.697   17.107  1.00 50.63  ? 168 ASP A OD2 1 
ATOM   1076 N  N   . LYS A 1 145 ? 2.760   11.575  19.771  1.00 48.38  ? 169 LYS A N   1 
ATOM   1077 C  CA  . LYS A 1 145 ? 2.187   12.914  19.659  1.00 49.08  ? 169 LYS A CA  1 
ATOM   1078 C  C   . LYS A 1 145 ? 2.236   13.442  18.225  1.00 47.86  ? 169 LYS A C   1 
ATOM   1079 O  O   . LYS A 1 145 ? 1.478   14.340  17.864  1.00 47.96  ? 169 LYS A O   1 
ATOM   1080 C  CB  . LYS A 1 145 ? 2.924   13.879  20.594  1.00 51.76  ? 169 LYS A CB  1 
ATOM   1081 C  CG  . LYS A 1 145 ? 4.395   14.066  20.269  1.00 55.98  ? 169 LYS A CG  1 
ATOM   1082 C  CD  . LYS A 1 145 ? 5.028   15.146  21.133  1.00 59.55  ? 169 LYS A CD  1 
ATOM   1083 C  CE  . LYS A 1 145 ? 6.494   15.350  20.771  1.00 61.38  ? 169 LYS A CE  1 
ATOM   1084 N  NZ  . LYS A 1 145 ? 7.152   16.391  21.611  1.00 63.12  ? 169 LYS A NZ  1 
ATOM   1085 N  N   . ASN A 1 146 ? 3.127   12.875  17.414  1.00 46.77  ? 170 ASN A N   1 
ATOM   1086 C  CA  . ASN A 1 146 ? 3.288   13.288  16.021  1.00 44.43  ? 170 ASN A CA  1 
ATOM   1087 C  C   . ASN A 1 146 ? 2.269   12.654  15.071  1.00 41.93  ? 170 ASN A C   1 
ATOM   1088 O  O   . ASN A 1 146 ? 2.075   13.135  13.956  1.00 41.30  ? 170 ASN A O   1 
ATOM   1089 C  CB  . ASN A 1 146 ? 4.704   12.960  15.550  1.00 46.33  ? 170 ASN A CB  1 
ATOM   1090 C  CG  . ASN A 1 146 ? 5.760   13.775  16.276  1.00 49.40  ? 170 ASN A CG  1 
ATOM   1091 O  OD1 . ASN A 1 146 ? 6.766   13.234  16.747  1.00 50.81  ? 170 ASN A OD1 1 
ATOM   1092 N  ND2 . ASN A 1 146 ? 5.541   15.085  16.362  1.00 48.11  ? 170 ASN A ND2 1 
ATOM   1093 N  N   . THR A 1 147 ? 1.633   11.570  15.514  1.00 38.93  ? 171 THR A N   1 
ATOM   1094 C  CA  . THR A 1 147 ? 0.627   10.877  14.718  1.00 36.00  ? 171 THR A CA  1 
ATOM   1095 C  C   . THR A 1 147 ? -0.570  11.804  14.581  1.00 37.24  ? 171 THR A C   1 
ATOM   1096 O  O   . THR A 1 147 ? -1.115  12.279  15.579  1.00 40.59  ? 171 THR A O   1 
ATOM   1097 C  CB  . THR A 1 147 ? 0.168   9.569   15.407  1.00 35.06  ? 171 THR A CB  1 
ATOM   1098 O  OG1 . THR A 1 147 ? 1.276   8.666   15.516  1.00 31.89  ? 171 THR A OG1 1 
ATOM   1099 C  CG2 . THR A 1 147 ? -0.956  8.907   14.624  1.00 31.85  ? 171 THR A CG2 1 
ATOM   1100 N  N   . VAL A 1 148 ? -0.981  12.053  13.345  1.00 36.54  ? 172 VAL A N   1 
ATOM   1101 C  CA  . VAL A 1 148 ? -2.101  12.940  13.067  1.00 36.01  ? 172 VAL A CA  1 
ATOM   1102 C  C   . VAL A 1 148 ? -3.308  12.148  12.597  1.00 36.51  ? 172 VAL A C   1 
ATOM   1103 O  O   . VAL A 1 148 ? -3.203  11.372  11.655  1.00 38.34  ? 172 VAL A O   1 
ATOM   1104 C  CB  . VAL A 1 148 ? -1.706  13.950  11.982  1.00 36.41  ? 172 VAL A CB  1 
ATOM   1105 C  CG1 . VAL A 1 148 ? -2.845  14.925  11.726  1.00 32.62  ? 172 VAL A CG1 1 
ATOM   1106 C  CG2 . VAL A 1 148 ? -0.440  14.673  12.404  1.00 34.75  ? 172 VAL A CG2 1 
ATOM   1107 N  N   . TRP A 1 149 ? -4.453  12.350  13.245  1.00 38.26  ? 173 TRP A N   1 
ATOM   1108 C  CA  . TRP A 1 149 ? -5.674  11.636  12.878  1.00 39.74  ? 173 TRP A CA  1 
ATOM   1109 C  C   . TRP A 1 149 ? -6.713  12.539  12.227  1.00 43.52  ? 173 TRP A C   1 
ATOM   1110 O  O   . TRP A 1 149 ? -7.597  12.063  11.513  1.00 44.46  ? 173 TRP A O   1 
ATOM   1111 C  CB  . TRP A 1 149 ? -6.298  10.971  14.105  1.00 36.16  ? 173 TRP A CB  1 
ATOM   1112 C  CG  . TRP A 1 149 ? -5.450  9.903   14.725  1.00 37.32  ? 173 TRP A CG  1 
ATOM   1113 C  CD1 . TRP A 1 149 ? -4.531  10.055  15.724  1.00 36.03  ? 173 TRP A CD1 1 
ATOM   1114 C  CD2 . TRP A 1 149 ? -5.436  8.511   14.374  1.00 35.76  ? 173 TRP A CD2 1 
ATOM   1115 N  NE1 . TRP A 1 149 ? -3.951  8.840   16.022  1.00 37.36  ? 173 TRP A NE1 1 
ATOM   1116 C  CE2 . TRP A 1 149 ? -4.488  7.879   15.209  1.00 35.96  ? 173 TRP A CE2 1 
ATOM   1117 C  CE3 . TRP A 1 149 ? -6.138  7.740   13.439  1.00 35.06  ? 173 TRP A CE3 1 
ATOM   1118 C  CZ2 . TRP A 1 149 ? -4.217  6.509   15.130  1.00 36.03  ? 173 TRP A CZ2 1 
ATOM   1119 C  CZ3 . TRP A 1 149 ? -5.870  6.376   13.360  1.00 35.50  ? 173 TRP A CZ3 1 
ATOM   1120 C  CH2 . TRP A 1 149 ? -4.918  5.774   14.205  1.00 35.42  ? 173 TRP A CH2 1 
ATOM   1121 N  N   . ASP A 1 150 ? -6.608  13.841  12.481  1.00 47.24  ? 174 ASP A N   1 
ATOM   1122 C  CA  . ASP A 1 150 ? -7.543  14.813  11.929  1.00 51.05  ? 174 ASP A CA  1 
ATOM   1123 C  C   . ASP A 1 150 ? -6.843  15.998  11.275  1.00 52.94  ? 174 ASP A C   1 
ATOM   1124 O  O   . ASP A 1 150 ? -5.620  16.155  11.487  1.00 54.78  ? 174 ASP A O   1 
ATOM   1125 C  CB  . ASP A 1 150 ? -8.462  15.330  13.036  1.00 52.48  ? 174 ASP A CB  1 
ATOM   1126 C  CG  . ASP A 1 150 ? -9.434  14.283  13.513  1.00 56.07  ? 174 ASP A CG  1 
ATOM   1127 O  OD1 . ASP A 1 150 ? -10.304 13.873  12.707  1.00 57.99  ? 174 ASP A OD1 1 
ATOM   1128 O  OD2 . ASP A 1 150 ? -9.332  13.869  14.692  1.00 56.51  ? 174 ASP A OD2 1 
ATOM   1129 O  OXT . ASP A 1 150 ? -7.539  16.767  10.576  1.00 53.77  ? 174 ASP A OXT 1 
HETATM 1130 AS AS  . ARS B 2 .   ? 2.135   5.838   22.333  0.50 48.43  ? 1   ARS A AS  1 
HETATM 1131 O  O   . HOH C 3 .   ? -7.252  -2.839  -8.815  1.00 29.57  ? 175 HOH A O   1 
HETATM 1132 O  O   . HOH C 3 .   ? -4.748  3.790   -9.471  1.00 33.89  ? 176 HOH A O   1 
HETATM 1133 O  O   . HOH C 3 .   ? -8.106  9.562   10.904  1.00 35.98  ? 177 HOH A O   1 
HETATM 1134 O  O   . HOH C 3 .   ? -2.649  -6.757  -5.126  1.00 42.64  ? 178 HOH A O   1 
HETATM 1135 O  O   . HOH C 3 .   ? -9.657  -5.757  -2.793  1.00 43.23  ? 179 HOH A O   1 
HETATM 1136 O  O   . HOH C 3 .   ? 7.331   10.664  15.193  1.00 45.49  ? 180 HOH A O   1 
HETATM 1137 O  O   . HOH C 3 .   ? 3.731   -12.383 3.977   1.00 53.36  ? 181 HOH A O   1 
HETATM 1138 O  O   . HOH C 3 .   ? -9.514  12.706  9.684   1.00 37.48  ? 182 HOH A O   1 
HETATM 1139 O  O   . HOH C 3 .   ? 4.237   5.709   -12.034 1.00 40.22  ? 183 HOH A O   1 
HETATM 1140 O  O   . HOH C 3 .   ? 7.632   -11.874 6.598   1.00 56.16  ? 184 HOH A O   1 
HETATM 1141 O  O   . HOH C 3 .   ? -3.547  16.548  7.303   1.00 46.21  ? 185 HOH A O   1 
HETATM 1142 O  O   . HOH C 3 .   ? 17.728  -5.060  -7.167  1.00 49.21  ? 186 HOH A O   1 
HETATM 1143 O  O   . HOH C 3 .   ? -4.826  14.404  -1.092  1.00 48.94  ? 187 HOH A O   1 
HETATM 1144 O  O   . HOH C 3 .   ? -8.155  15.004  4.309   1.00 50.82  ? 188 HOH A O   1 
HETATM 1145 O  O   . HOH C 3 .   ? -4.700  -10.075 0.561   1.00 40.31  ? 189 HOH A O   1 
HETATM 1146 O  O   . HOH C 3 .   ? -13.618 -4.728  2.602   1.00 51.64  ? 190 HOH A O   1 
HETATM 1147 O  O   . HOH C 3 .   ? -10.427 8.772   9.847   1.00 36.93  ? 191 HOH A O   1 
HETATM 1148 O  O   . HOH C 3 .   ? -6.835  -9.489  1.955   1.00 41.21  ? 192 HOH A O   1 
HETATM 1149 O  O   . HOH C 3 .   ? 14.355  6.381   1.496   1.00 53.84  ? 193 HOH A O   1 
HETATM 1150 O  O   . HOH C 3 .   ? 3.953   13.194  1.053   1.00 55.25  ? 194 HOH A O   1 
HETATM 1151 O  O   . HOH C 3 .   ? 15.219  6.843   -1.152  1.00 41.34  ? 195 HOH A O   1 
HETATM 1152 O  O   . HOH C 3 .   ? -14.005 5.555   8.425   1.00 44.98  ? 196 HOH A O   1 
HETATM 1153 O  O   . HOH C 3 .   ? 15.869  -5.157  -4.676  1.00 33.96  ? 197 HOH A O   1 
HETATM 1154 O  O   . HOH C 3 .   ? 12.141  3.550   11.532  1.00 48.43  ? 198 HOH A O   1 
HETATM 1155 O  O   . HOH C 3 .   ? 0.774   -5.626  -11.413 1.00 62.84  ? 199 HOH A O   1 
HETATM 1156 O  O   . HOH C 3 .   ? -11.518 11.257  2.475   1.00 50.53  ? 200 HOH A O   1 
HETATM 1157 O  O   . HOH C 3 .   ? -0.543  10.810  -14.618 1.00 46.27  ? 201 HOH A O   1 
HETATM 1158 O  O   . HOH C 3 .   ? 5.635   12.341  -3.461  1.00 46.18  ? 202 HOH A O   1 
HETATM 1159 O  O   . HOH C 3 .   ? 2.795   12.462  -7.962  1.00 43.79  ? 203 HOH A O   1 
HETATM 1160 O  O   . HOH C 3 .   ? 5.504   -14.370 0.609   1.00 49.00  ? 204 HOH A O   1 
HETATM 1161 O  O   . HOH C 3 .   ? 1.050   12.137  -10.270 1.00 45.30  ? 205 HOH A O   1 
HETATM 1162 O  O   . HOH C 3 .   ? 2.776   13.861  -5.349  1.00 55.00  ? 206 HOH A O   1 
HETATM 1163 O  O   . HOH C 3 .   ? -10.945 3.746   -3.356  1.00 46.57  ? 207 HOH A O   1 
HETATM 1164 O  O   . HOH C 3 .   ? 17.697  4.758   -3.614  1.00 52.09  ? 208 HOH A O   1 
HETATM 1165 O  O   . HOH C 3 .   ? 1.503   -14.214 -11.759 1.00 51.01  ? 209 HOH A O   1 
HETATM 1166 O  O   . HOH C 3 .   ? -8.711  -9.672  -0.685  1.00 39.80  ? 210 HOH A O   1 
HETATM 1167 O  O   . HOH C 3 .   ? -4.160  -10.240 12.270  1.00 43.53  ? 211 HOH A O   1 
HETATM 1168 O  O   . HOH C 3 .   ? 6.446   7.556   -13.143 1.00 54.76  ? 212 HOH A O   1 
HETATM 1169 O  O   . HOH C 3 .   ? -3.312  -5.312  -10.567 1.00 34.71  ? 213 HOH A O   1 
HETATM 1170 O  O   . HOH C 3 .   ? -7.089  -11.697 -1.551  1.00 51.66  ? 214 HOH A O   1 
HETATM 1171 O  O   . HOH C 3 .   ? 9.811   9.778   -5.722  1.00 54.02  ? 215 HOH A O   1 
HETATM 1172 O  O   . HOH C 3 .   ? 14.212  3.241   6.437   1.00 53.93  ? 216 HOH A O   1 
HETATM 1173 O  O   . HOH C 3 .   ? 0.647   14.057  -2.025  1.00 52.76  ? 217 HOH A O   1 
HETATM 1174 O  O   . HOH C 3 .   ? -0.432  7.471   21.777  1.00 44.22  ? 218 HOH A O   1 
HETATM 1175 O  O   . HOH C 3 .   ? -9.777  2.054   -6.494  1.00 51.32  ? 219 HOH A O   1 
HETATM 1176 O  O   . HOH C 3 .   ? -9.242  8.279   -2.628  1.00 63.89  ? 220 HOH A O   1 
HETATM 1177 O  O   . HOH C 3 .   ? -14.747 1.106   0.399   1.00 59.63  ? 221 HOH A O   1 
HETATM 1178 O  O   . HOH C 3 .   ? -12.017 -6.385  -3.419  1.00 57.03  ? 222 HOH A O   1 
HETATM 1179 O  O   . HOH C 3 .   ? -4.169  3.377   -12.563 1.00 42.99  ? 223 HOH A O   1 
HETATM 1180 O  O   . HOH C 3 .   ? -4.944  -5.528  -12.905 1.00 48.41  ? 224 HOH A O   1 
HETATM 1181 O  O   . HOH C 3 .   ? -4.645  -4.512  -15.853 1.00 56.53  ? 225 HOH A O   1 
HETATM 1182 O  O   . HOH C 3 .   ? 15.592  2.827   4.128   1.00 53.01  ? 226 HOH A O   1 
HETATM 1183 O  O   . HOH C 3 .   ? -1.691  14.586  -0.694  1.00 57.08  ? 227 HOH A O   1 
HETATM 1184 O  O   . HOH C 3 .   ? 4.540   -11.260 10.743  1.00 56.29  ? 228 HOH A O   1 
HETATM 1185 O  O   . HOH C 3 .   ? 5.368   -13.169 6.475   1.00 55.59  ? 229 HOH A O   1 
HETATM 1186 O  O   . HOH C 3 .   ? 7.002   -2.082  12.750  1.00 50.92  ? 230 HOH A O   1 
HETATM 1187 O  O   . HOH C 3 .   ? 9.392   -0.679  13.574  1.00 49.10  ? 231 HOH A O   1 
HETATM 1188 O  O   . HOH C 3 .   ? 7.906   11.947  12.615  1.00 63.41  ? 232 HOH A O   1 
HETATM 1189 O  O   . HOH C 3 .   ? 5.959   13.449  7.672   1.00 52.41  ? 233 HOH A O   1 
HETATM 1190 O  O   . HOH C 3 .   ? -8.829  -9.637  11.820  1.00 53.85  ? 234 HOH A O   1 
HETATM 1191 O  O   . HOH C 3 .   ? 0.042   -9.922  17.886  1.00 57.59  ? 235 HOH A O   1 
HETATM 1192 O  O   . HOH C 3 .   ? -11.578 1.547   12.772  1.00 56.62  ? 236 HOH A O   1 
# 
